data_9UO6
#
_entry.id   9UO6
#
_cell.length_a   1.00
_cell.length_b   1.00
_cell.length_c   1.00
_cell.angle_alpha   90.00
_cell.angle_beta   90.00
_cell.angle_gamma   90.00
#
_symmetry.space_group_name_H-M   'P 1'
#
_entity_poly.entity_id   1
_entity_poly.type   'polypeptide(L)'
_entity_poly.pdbx_seq_one_letter_code
;NLQVYPLTPTFHDLYFSRNAKITCLVSSMKTIENFDISWEREKAGNLEFVTEDPVLHDNGTYSVASILSVCAEDWESGDK
FSCTVRSQDLPSPVKKTIFKQNEGTPKAPDVYLLPPSAQELIQQEMVTLICFVTGFNPKEIFIQWMQGGVSISEDKFINT
VPMKSDGEQTYFIYSKLAIPAAKWNQGDVFTCVVGHEALPLYITQQSIDKSSG
;
_entity_poly.pdbx_strand_id   C,B,A,D,E,F,G,H,I,J,K,L
#
# COMPACT_ATOMS: atom_id res chain seq x y z
N ASN A 1 13.38 -30.40 -71.55
CA ASN A 1 13.47 -31.81 -71.19
C ASN A 1 13.95 -31.99 -69.76
N LEU A 2 13.04 -31.86 -68.81
CA LEU A 2 13.33 -32.04 -67.39
C LEU A 2 12.36 -33.10 -66.87
N GLN A 3 12.79 -34.36 -66.94
CA GLN A 3 11.91 -35.46 -66.58
C GLN A 3 11.84 -35.68 -65.07
N VAL A 4 12.96 -36.02 -64.45
CA VAL A 4 12.97 -36.48 -63.07
C VAL A 4 12.98 -35.28 -62.13
N TYR A 5 11.95 -35.18 -61.30
CA TYR A 5 11.86 -34.18 -60.24
C TYR A 5 11.50 -34.91 -58.95
N PRO A 6 12.49 -35.55 -58.32
CA PRO A 6 12.19 -36.40 -57.16
C PRO A 6 11.97 -35.58 -55.89
N LEU A 7 11.40 -36.25 -54.90
CA LEU A 7 11.13 -35.65 -53.61
C LEU A 7 11.60 -36.57 -52.49
N THR A 8 11.96 -35.98 -51.36
CA THR A 8 12.38 -36.63 -50.13
C THR A 8 11.28 -36.53 -49.08
N PRO A 9 11.14 -37.53 -48.20
CA PRO A 9 10.07 -37.47 -47.19
C PRO A 9 10.42 -36.46 -46.12
N THR A 10 9.45 -35.59 -45.79
CA THR A 10 9.65 -34.61 -44.75
C THR A 10 9.68 -35.29 -43.38
N PHE A 11 10.08 -34.52 -42.37
CA PHE A 11 10.22 -35.09 -41.03
C PHE A 11 8.87 -35.44 -40.42
N HIS A 12 7.83 -34.69 -40.78
CA HIS A 12 6.50 -34.94 -40.21
C HIS A 12 5.96 -36.29 -40.65
N ASP A 13 6.07 -36.61 -41.94
CA ASP A 13 5.62 -37.90 -42.43
C ASP A 13 6.60 -39.02 -42.10
N LEU A 14 7.86 -38.67 -41.78
CA LEU A 14 8.83 -39.70 -41.44
C LEU A 14 8.60 -40.26 -40.04
N TYR A 15 8.22 -39.41 -39.09
CA TYR A 15 8.08 -39.81 -37.70
C TYR A 15 6.65 -39.73 -37.19
N PHE A 16 6.01 -38.58 -37.32
CA PHE A 16 4.75 -38.32 -36.64
C PHE A 16 3.54 -38.47 -37.54
N SER A 17 3.72 -38.94 -38.77
CA SER A 17 2.64 -39.46 -39.58
C SER A 17 2.94 -40.84 -40.13
N ARG A 18 4.18 -41.32 -40.02
CA ARG A 18 4.66 -42.65 -40.35
C ARG A 18 4.57 -42.98 -41.84
N ASN A 19 4.13 -42.04 -42.68
CA ASN A 19 3.94 -42.30 -44.10
C ASN A 19 5.16 -41.81 -44.89
N ALA A 20 6.26 -42.53 -44.72
CA ALA A 20 7.50 -42.22 -45.42
C ALA A 20 7.36 -42.67 -46.87
N LYS A 21 7.25 -41.70 -47.79
CA LYS A 21 6.98 -41.97 -49.19
C LYS A 21 8.03 -41.30 -50.05
N ILE A 22 8.68 -42.08 -50.91
CA ILE A 22 9.62 -41.55 -51.88
C ILE A 22 8.91 -41.44 -53.23
N THR A 23 8.79 -40.21 -53.73
CA THR A 23 8.08 -39.96 -54.98
C THR A 23 9.09 -39.50 -56.04
N CYS A 24 9.17 -40.26 -57.13
CA CYS A 24 9.96 -39.90 -58.30
C CYS A 24 8.99 -39.44 -59.38
N LEU A 25 8.66 -38.14 -59.37
CA LEU A 25 7.66 -37.59 -60.27
C LEU A 25 8.30 -37.22 -61.60
N VAL A 26 7.63 -37.61 -62.69
CA VAL A 26 8.09 -37.31 -64.04
C VAL A 26 7.22 -36.18 -64.56
N SER A 27 7.73 -34.96 -64.51
CA SER A 27 6.93 -33.80 -64.91
C SER A 27 6.77 -33.73 -66.43
N SER A 28 7.84 -33.94 -67.17
CA SER A 28 7.85 -33.77 -68.62
C SER A 28 7.73 -35.13 -69.30
N MET A 29 6.64 -35.34 -70.03
CA MET A 29 6.44 -36.55 -70.81
C MET A 29 5.76 -36.21 -72.12
N LYS A 30 6.05 -37.01 -73.14
CA LYS A 30 5.41 -36.88 -74.44
C LYS A 30 4.76 -38.17 -74.91
N THR A 31 5.36 -39.32 -74.60
CA THR A 31 4.82 -40.62 -74.98
C THR A 31 4.75 -41.51 -73.76
N ILE A 32 3.59 -42.12 -73.53
CA ILE A 32 3.41 -43.05 -72.41
C ILE A 32 3.65 -44.50 -72.81
N GLU A 33 3.68 -44.81 -74.11
CA GLU A 33 3.87 -46.18 -74.55
C GLU A 33 5.31 -46.63 -74.31
N ASN A 34 5.44 -47.91 -73.95
CA ASN A 34 6.72 -48.55 -73.63
C ASN A 34 7.47 -47.78 -72.53
N PHE A 35 6.73 -47.38 -71.50
CA PHE A 35 7.28 -46.60 -70.40
C PHE A 35 6.97 -47.29 -69.09
N ASP A 36 8.01 -47.48 -68.27
CA ASP A 36 7.85 -48.06 -66.94
C ASP A 36 9.03 -47.62 -66.09
N ILE A 37 8.78 -47.52 -64.79
CA ILE A 37 9.79 -47.09 -63.82
C ILE A 37 10.17 -48.28 -62.95
N SER A 38 11.46 -48.59 -62.92
CA SER A 38 11.99 -49.73 -62.17
C SER A 38 12.53 -49.21 -60.85
N TRP A 39 11.80 -49.45 -59.76
CA TRP A 39 12.26 -49.07 -58.44
C TRP A 39 13.23 -50.11 -57.91
N GLU A 40 14.29 -49.63 -57.24
CA GLU A 40 15.31 -50.52 -56.71
C GLU A 40 15.95 -49.88 -55.50
N ARG A 41 16.57 -50.73 -54.67
CA ARG A 41 17.22 -50.32 -53.44
C ARG A 41 18.63 -50.88 -53.40
N GLU A 42 19.52 -50.21 -52.67
CA GLU A 42 20.87 -50.72 -52.50
C GLU A 42 20.92 -51.93 -51.57
N LYS A 43 19.88 -52.13 -50.75
CA LYS A 43 19.77 -53.26 -49.86
C LYS A 43 18.51 -54.05 -50.19
N ALA A 44 18.56 -55.36 -49.93
CA ALA A 44 17.39 -56.20 -50.15
C ALA A 44 16.30 -55.86 -49.14
N GLY A 45 15.09 -55.66 -49.64
CA GLY A 45 14.00 -55.27 -48.77
C GLY A 45 12.69 -55.23 -49.52
N ASN A 46 11.66 -54.73 -48.84
CA ASN A 46 10.34 -54.61 -49.42
C ASN A 46 10.34 -53.58 -50.55
N LEU A 47 9.42 -53.78 -51.50
CA LEU A 47 9.28 -52.89 -52.65
C LEU A 47 7.78 -52.65 -52.87
N GLU A 48 7.28 -51.56 -52.29
CA GLU A 48 5.87 -51.19 -52.45
C GLU A 48 5.77 -50.24 -53.64
N PHE A 49 5.71 -50.81 -54.84
CA PHE A 49 5.69 -50.03 -56.07
C PHE A 49 4.28 -49.50 -56.30
N VAL A 50 4.07 -48.21 -56.04
CA VAL A 50 2.81 -47.54 -56.28
C VAL A 50 3.07 -46.39 -57.25
N THR A 51 2.39 -46.42 -58.39
CA THR A 51 2.53 -45.39 -59.41
C THR A 51 1.15 -44.91 -59.83
N GLU A 52 0.94 -43.60 -59.75
CA GLU A 52 -0.34 -43.01 -60.11
C GLU A 52 -0.52 -42.99 -61.63
N ASP A 53 -1.77 -42.85 -62.05
CA ASP A 53 -2.08 -42.73 -63.46
C ASP A 53 -1.54 -41.41 -64.01
N PRO A 54 -1.11 -41.39 -65.27
CA PRO A 54 -0.59 -40.13 -65.85
C PRO A 54 -1.68 -39.07 -65.95
N VAL A 55 -1.30 -37.83 -65.62
CA VAL A 55 -2.18 -36.68 -65.68
C VAL A 55 -1.45 -35.55 -66.39
N LEU A 56 -2.24 -34.61 -66.90
CA LEU A 56 -1.72 -33.51 -67.72
C LEU A 56 -1.35 -32.34 -66.83
N HIS A 57 -0.08 -31.96 -66.85
CA HIS A 57 0.41 -30.78 -66.14
C HIS A 57 1.51 -30.14 -66.97
N ASP A 58 2.06 -29.05 -66.44
CA ASP A 58 3.11 -28.23 -67.09
C ASP A 58 2.56 -27.76 -68.44
N ASN A 59 3.35 -27.83 -69.51
CA ASN A 59 2.88 -27.43 -70.83
C ASN A 59 2.49 -28.68 -71.62
N GLY A 60 1.35 -29.25 -71.25
CA GLY A 60 0.80 -30.39 -71.95
C GLY A 60 1.58 -31.67 -71.81
N THR A 61 2.33 -31.84 -70.73
CA THR A 61 3.14 -33.03 -70.52
C THR A 61 2.47 -33.94 -69.49
N TYR A 62 2.54 -35.25 -69.74
CA TYR A 62 2.00 -36.22 -68.80
C TYR A 62 2.82 -36.24 -67.52
N SER A 63 2.13 -36.34 -66.39
CA SER A 63 2.77 -36.34 -65.07
C SER A 63 2.61 -37.73 -64.46
N VAL A 64 3.73 -38.43 -64.28
CA VAL A 64 3.75 -39.75 -63.67
C VAL A 64 4.64 -39.68 -62.43
N ALA A 65 4.10 -40.06 -61.29
CA ALA A 65 4.84 -40.09 -60.04
C ALA A 65 4.85 -41.51 -59.49
N SER A 66 6.04 -42.04 -59.23
CA SER A 66 6.20 -43.37 -58.67
C SER A 66 6.48 -43.23 -57.17
N ILE A 67 5.53 -43.67 -56.35
CA ILE A 67 5.58 -43.49 -54.91
C ILE A 67 5.95 -44.81 -54.27
N LEU A 68 7.11 -44.85 -53.63
CA LEU A 68 7.60 -46.04 -52.94
C LEU A 68 7.42 -45.87 -51.44
N SER A 69 6.74 -46.82 -50.82
CA SER A 69 6.53 -46.83 -49.37
C SER A 69 7.75 -47.48 -48.73
N VAL A 70 8.44 -46.71 -47.89
CA VAL A 70 9.71 -47.11 -47.31
C VAL A 70 9.61 -47.03 -45.79
N CYS A 71 10.19 -48.02 -45.10
CA CYS A 71 10.34 -47.91 -43.66
C CYS A 71 11.23 -46.72 -43.32
N ALA A 72 10.80 -45.92 -42.35
CA ALA A 72 11.55 -44.71 -42.02
C ALA A 72 12.87 -45.05 -41.35
N GLU A 73 12.97 -46.23 -40.71
CA GLU A 73 14.25 -46.68 -40.21
C GLU A 73 15.21 -47.01 -41.34
N ASP A 74 14.69 -47.49 -42.48
CA ASP A 74 15.54 -47.81 -43.61
C ASP A 74 16.04 -46.54 -44.29
N TRP A 75 15.22 -45.49 -44.30
CA TRP A 75 15.59 -44.25 -44.98
C TRP A 75 16.75 -43.55 -44.27
N GLU A 76 16.75 -43.57 -42.94
CA GLU A 76 17.82 -42.93 -42.19
C GLU A 76 19.07 -43.78 -42.05
N SER A 77 19.05 -45.02 -42.53
CA SER A 77 20.23 -45.88 -42.50
C SER A 77 21.14 -45.69 -43.70
N GLY A 78 21.03 -44.57 -44.41
CA GLY A 78 21.87 -44.33 -45.56
C GLY A 78 21.54 -45.15 -46.77
N ASP A 79 20.32 -45.66 -46.87
CA ASP A 79 19.94 -46.51 -48.00
C ASP A 79 19.73 -45.68 -49.26
N LYS A 80 20.19 -46.22 -50.38
CA LYS A 80 20.09 -45.56 -51.68
C LYS A 80 18.83 -46.03 -52.39
N PHE A 81 17.99 -45.09 -52.80
CA PHE A 81 16.77 -45.37 -53.55
C PHE A 81 16.87 -44.65 -54.88
N SER A 82 17.01 -45.41 -55.96
CA SER A 82 17.19 -44.86 -57.30
C SER A 82 16.00 -45.24 -58.17
N CYS A 83 15.36 -44.24 -58.77
CA CYS A 83 14.31 -44.44 -59.75
C CYS A 83 14.92 -44.36 -61.14
N THR A 84 14.63 -45.37 -61.97
CA THR A 84 15.16 -45.46 -63.32
C THR A 84 13.99 -45.39 -64.29
N VAL A 85 13.61 -44.17 -64.66
CA VAL A 85 12.56 -43.98 -65.64
C VAL A 85 13.11 -44.30 -67.03
N ARG A 86 12.25 -44.87 -67.87
CA ARG A 86 12.66 -45.26 -69.22
C ARG A 86 11.44 -45.24 -70.12
N SER A 87 11.50 -44.39 -71.14
CA SER A 87 10.42 -44.31 -72.12
C SER A 87 10.99 -44.21 -73.53
N GLN A 88 10.12 -43.94 -74.50
CA GLN A 88 10.57 -43.72 -75.87
C GLN A 88 11.26 -42.38 -76.05
N ASP A 89 11.19 -41.49 -75.06
CA ASP A 89 11.72 -40.14 -75.15
C ASP A 89 13.13 -40.00 -74.59
N LEU A 90 13.67 -41.04 -73.95
CA LEU A 90 14.97 -40.97 -73.30
C LEU A 90 15.93 -41.92 -73.97
N PRO A 91 17.04 -41.44 -74.55
CA PRO A 91 18.04 -42.36 -75.10
C PRO A 91 18.68 -43.27 -74.07
N SER A 92 18.84 -42.79 -72.83
CA SER A 92 19.34 -43.59 -71.73
C SER A 92 18.42 -43.36 -70.54
N PRO A 93 18.19 -44.38 -69.72
CA PRO A 93 17.38 -44.18 -68.51
C PRO A 93 18.08 -43.25 -67.53
N VAL A 94 17.29 -42.47 -66.81
CA VAL A 94 17.80 -41.52 -65.83
C VAL A 94 17.77 -42.20 -64.47
N LYS A 95 18.95 -42.43 -63.89
CA LYS A 95 19.08 -43.11 -62.60
C LYS A 95 19.41 -42.06 -61.54
N LYS A 96 18.36 -41.50 -60.95
CA LYS A 96 18.50 -40.49 -59.90
C LYS A 96 18.35 -41.19 -58.56
N THR A 97 19.46 -41.32 -57.83
CA THR A 97 19.44 -41.97 -56.53
C THR A 97 19.04 -40.99 -55.44
N ILE A 98 18.30 -41.48 -54.45
CA ILE A 98 17.82 -40.68 -53.33
C ILE A 98 18.33 -41.32 -52.04
N PHE A 99 18.88 -40.49 -51.16
CA PHE A 99 19.38 -40.96 -49.87
C PHE A 99 19.34 -39.81 -48.89
N LYS A 100 19.40 -40.16 -47.60
CA LYS A 100 19.42 -39.16 -46.54
C LYS A 100 20.80 -38.53 -46.53
N GLN A 101 20.91 -37.37 -47.18
CA GLN A 101 22.19 -36.69 -47.27
C GLN A 101 22.57 -36.06 -45.93
N ASN A 102 23.87 -35.97 -45.68
CA ASN A 102 24.36 -35.34 -44.47
C ASN A 102 24.66 -33.86 -44.73
N GLU A 103 23.96 -33.00 -44.00
CA GLU A 103 24.11 -31.55 -44.17
C GLU A 103 25.17 -30.98 -43.24
N GLY A 104 25.75 -31.80 -42.38
CA GLY A 104 26.70 -31.34 -41.37
C GLY A 104 26.27 -31.80 -39.99
N THR A 105 26.89 -31.20 -38.99
CA THR A 105 26.51 -31.52 -37.61
C THR A 105 25.13 -30.94 -37.31
N PRO A 106 24.18 -31.75 -36.85
CA PRO A 106 22.80 -31.26 -36.66
C PRO A 106 22.68 -30.51 -35.34
N LYS A 107 22.30 -29.23 -35.43
CA LYS A 107 22.11 -28.39 -34.26
C LYS A 107 20.62 -28.32 -33.93
N ALA A 108 20.31 -28.39 -32.64
CA ALA A 108 18.92 -28.38 -32.21
C ALA A 108 18.32 -26.99 -32.42
N PRO A 109 17.04 -26.90 -32.74
CA PRO A 109 16.40 -25.59 -32.92
C PRO A 109 16.27 -24.83 -31.62
N ASP A 110 15.91 -23.57 -31.75
CA ASP A 110 15.65 -22.68 -30.61
C ASP A 110 14.32 -21.98 -30.86
N VAL A 111 13.26 -22.49 -30.26
CA VAL A 111 11.92 -21.96 -30.48
C VAL A 111 11.72 -20.70 -29.65
N TYR A 112 11.33 -19.62 -30.31
CA TYR A 112 11.00 -18.36 -29.65
C TYR A 112 9.62 -17.94 -30.13
N LEU A 113 8.61 -18.15 -29.29
CA LEU A 113 7.24 -17.79 -29.64
C LEU A 113 7.01 -16.33 -29.27
N LEU A 114 6.70 -15.52 -30.28
CA LEU A 114 6.60 -14.08 -30.10
C LEU A 114 5.14 -13.68 -29.90
N PRO A 115 4.76 -13.11 -28.77
CA PRO A 115 3.40 -12.58 -28.61
C PRO A 115 3.22 -11.34 -29.45
N PRO A 116 1.98 -11.02 -29.84
CA PRO A 116 1.73 -9.77 -30.56
C PRO A 116 2.12 -8.56 -29.73
N SER A 117 2.69 -7.55 -30.39
CA SER A 117 3.14 -6.35 -29.70
C SER A 117 1.97 -5.39 -29.47
N ALA A 118 2.29 -4.14 -29.11
CA ALA A 118 1.28 -3.22 -28.60
C ALA A 118 0.23 -2.86 -29.65
N GLN A 119 0.63 -2.70 -30.91
CA GLN A 119 -0.25 -2.10 -31.90
C GLN A 119 -1.25 -3.10 -32.49
N GLU A 120 -1.92 -3.87 -31.65
CA GLU A 120 -2.87 -4.90 -32.09
C GLU A 120 -4.31 -4.43 -32.08
N LEU A 121 -4.53 -3.14 -32.38
CA LEU A 121 -5.86 -2.56 -32.25
C LEU A 121 -6.82 -3.08 -33.31
N ILE A 122 -6.32 -3.52 -34.46
CA ILE A 122 -7.16 -4.06 -35.51
C ILE A 122 -7.51 -5.52 -35.20
N GLN A 123 -8.47 -6.08 -35.94
CA GLN A 123 -9.16 -7.27 -35.46
C GLN A 123 -8.48 -8.57 -35.88
N GLN A 124 -7.87 -8.64 -37.06
CA GLN A 124 -7.31 -9.90 -37.55
C GLN A 124 -5.80 -9.85 -37.70
N GLU A 125 -5.26 -8.92 -38.47
CA GLU A 125 -3.82 -8.80 -38.59
C GLU A 125 -3.22 -8.24 -37.30
N MET A 126 -1.91 -8.47 -37.15
CA MET A 126 -1.07 -8.07 -36.00
C MET A 126 -1.36 -8.91 -34.76
N VAL A 127 -2.46 -9.68 -34.78
CA VAL A 127 -2.71 -10.67 -33.75
C VAL A 127 -1.95 -11.96 -34.05
N THR A 128 -1.29 -12.01 -35.21
CA THR A 128 -0.50 -13.16 -35.64
C THR A 128 0.63 -13.45 -34.67
N LEU A 129 0.59 -14.63 -34.06
CA LEU A 129 1.70 -15.08 -33.23
C LEU A 129 2.77 -15.66 -34.12
N ILE A 130 4.00 -15.16 -34.00
CA ILE A 130 5.12 -15.59 -34.82
C ILE A 130 5.92 -16.62 -34.04
N CYS A 131 6.12 -17.79 -34.62
CA CYS A 131 6.97 -18.81 -34.02
C CYS A 131 8.34 -18.78 -34.68
N PHE A 132 9.11 -17.77 -34.29
CA PHE A 132 10.48 -17.62 -34.79
C PHE A 132 11.35 -18.70 -34.18
N VAL A 133 11.79 -19.65 -34.99
CA VAL A 133 12.67 -20.72 -34.56
C VAL A 133 13.91 -20.70 -35.45
N THR A 134 15.08 -20.81 -34.82
CA THR A 134 16.34 -20.60 -35.51
C THR A 134 17.39 -21.56 -34.97
N GLY A 135 18.49 -21.67 -35.71
CA GLY A 135 19.65 -22.42 -35.28
C GLY A 135 19.67 -23.87 -35.73
N PHE A 136 18.59 -24.38 -36.32
CA PHE A 136 18.56 -25.78 -36.73
C PHE A 136 19.42 -25.98 -37.97
N ASN A 137 20.27 -27.00 -37.95
CA ASN A 137 21.20 -27.13 -39.06
C ASN A 137 20.59 -27.84 -40.27
N PRO A 138 19.91 -28.99 -40.15
CA PRO A 138 19.18 -29.50 -41.32
C PRO A 138 17.90 -28.72 -41.53
N LYS A 139 17.65 -28.32 -42.77
CA LYS A 139 16.51 -27.48 -43.09
C LYS A 139 15.19 -28.24 -43.10
N GLU A 140 15.23 -29.57 -43.00
CA GLU A 140 14.01 -30.36 -42.90
C GLU A 140 13.37 -30.14 -41.53
N ILE A 141 12.29 -29.35 -41.50
CA ILE A 141 11.63 -28.99 -40.26
C ILE A 141 10.14 -28.89 -40.54
N PHE A 142 9.33 -29.28 -39.57
CA PHE A 142 7.89 -29.06 -39.62
C PHE A 142 7.46 -28.29 -38.37
N ILE A 143 6.61 -27.30 -38.58
CA ILE A 143 6.05 -26.49 -37.49
C ILE A 143 4.54 -26.62 -37.55
N GLN A 144 3.94 -27.01 -36.43
CA GLN A 144 2.49 -27.06 -36.30
C GLN A 144 2.07 -26.18 -35.13
N TRP A 145 0.76 -25.97 -35.04
CA TRP A 145 0.19 -25.08 -34.04
C TRP A 145 -0.92 -25.80 -33.29
N MET A 146 -0.98 -25.59 -31.98
CA MET A 146 -2.04 -26.13 -31.15
C MET A 146 -2.63 -25.02 -30.31
N GLN A 147 -3.90 -25.18 -29.93
CA GLN A 147 -4.64 -24.17 -29.20
C GLN A 147 -5.01 -24.69 -27.82
N GLY A 148 -4.07 -25.38 -27.17
CA GLY A 148 -4.36 -26.05 -25.92
C GLY A 148 -4.79 -27.48 -26.13
N GLY A 149 -3.89 -28.29 -26.69
CA GLY A 149 -4.17 -29.69 -26.94
C GLY A 149 -4.75 -29.94 -28.32
N VAL A 150 -5.76 -29.16 -28.70
CA VAL A 150 -6.41 -29.33 -29.99
C VAL A 150 -5.52 -28.71 -31.08
N SER A 151 -5.28 -29.47 -32.14
CA SER A 151 -4.44 -28.99 -33.22
C SER A 151 -5.16 -27.94 -34.06
N ILE A 152 -4.38 -27.03 -34.62
CA ILE A 152 -4.88 -25.94 -35.47
C ILE A 152 -4.66 -26.34 -36.91
N SER A 153 -5.62 -25.99 -37.77
CA SER A 153 -5.58 -26.38 -39.17
C SER A 153 -4.41 -25.72 -39.89
N GLU A 154 -3.94 -26.39 -40.96
CA GLU A 154 -2.77 -25.91 -41.69
C GLU A 154 -3.04 -24.59 -42.40
N ASP A 155 -4.28 -24.36 -42.83
CA ASP A 155 -4.61 -23.15 -43.57
C ASP A 155 -4.58 -21.89 -42.71
N LYS A 156 -4.51 -22.03 -41.39
CA LYS A 156 -4.50 -20.87 -40.51
C LYS A 156 -3.11 -20.35 -40.19
N PHE A 157 -2.05 -21.05 -40.58
CA PHE A 157 -0.69 -20.58 -40.39
C PHE A 157 0.11 -20.82 -41.65
N ILE A 158 1.09 -19.94 -41.90
CA ILE A 158 1.96 -20.03 -43.07
C ILE A 158 3.41 -19.95 -42.62
N ASN A 159 4.25 -20.82 -43.16
CA ASN A 159 5.66 -20.87 -42.86
C ASN A 159 6.48 -20.37 -44.04
N THR A 160 7.60 -19.73 -43.73
CA THR A 160 8.49 -19.23 -44.76
C THR A 160 9.39 -20.35 -45.28
N VAL A 161 10.16 -20.02 -46.30
CA VAL A 161 11.27 -20.89 -46.70
C VAL A 161 12.33 -20.88 -45.61
N PRO A 162 12.96 -22.00 -45.27
CA PRO A 162 14.01 -21.97 -44.25
C PRO A 162 15.26 -21.26 -44.76
N MET A 163 15.27 -19.93 -44.66
CA MET A 163 16.39 -19.15 -45.14
C MET A 163 17.64 -19.41 -44.32
N LYS A 164 18.79 -19.34 -44.98
CA LYS A 164 20.06 -19.63 -44.35
C LYS A 164 20.51 -18.47 -43.48
N SER A 165 20.86 -18.76 -42.23
CA SER A 165 21.37 -17.73 -41.33
C SER A 165 22.77 -17.31 -41.77
N ASP A 166 23.00 -16.00 -41.81
CA ASP A 166 24.27 -15.48 -42.32
C ASP A 166 25.42 -15.79 -41.37
N GLY A 167 26.59 -16.06 -41.97
CA GLY A 167 27.78 -16.37 -41.20
C GLY A 167 27.74 -17.67 -40.45
N GLU A 168 26.82 -18.57 -40.80
CA GLU A 168 26.66 -19.83 -40.09
C GLU A 168 26.06 -20.84 -41.05
N GLN A 169 26.18 -22.12 -40.66
CA GLN A 169 25.56 -23.20 -41.42
C GLN A 169 24.12 -23.46 -40.96
N THR A 170 23.71 -22.89 -39.83
CA THR A 170 22.37 -23.05 -39.30
C THR A 170 21.37 -22.24 -40.13
N TYR A 171 20.08 -22.46 -39.85
CA TYR A 171 18.98 -21.87 -40.61
C TYR A 171 18.04 -21.15 -39.65
N PHE A 172 17.00 -20.54 -40.22
CA PHE A 172 15.94 -19.91 -39.45
C PHE A 172 14.67 -19.85 -40.29
N ILE A 173 13.53 -20.03 -39.64
CA ILE A 173 12.23 -20.05 -40.31
C ILE A 173 11.21 -19.44 -39.38
N TYR A 174 10.23 -18.74 -39.96
CA TYR A 174 9.16 -18.11 -39.20
C TYR A 174 7.84 -18.81 -39.46
N SER A 175 6.97 -18.81 -38.45
CA SER A 175 5.64 -19.38 -38.57
C SER A 175 4.66 -18.42 -37.90
N LYS A 176 3.85 -17.73 -38.70
CA LYS A 176 2.85 -16.82 -38.17
C LYS A 176 1.48 -17.48 -38.22
N LEU A 177 0.68 -17.26 -37.18
CA LEU A 177 -0.65 -17.85 -37.07
C LEU A 177 -1.68 -16.72 -37.05
N ALA A 178 -2.33 -16.49 -38.18
CA ALA A 178 -3.31 -15.41 -38.30
C ALA A 178 -4.59 -15.81 -37.57
N ILE A 179 -4.88 -15.14 -36.45
CA ILE A 179 -6.06 -15.41 -35.65
C ILE A 179 -6.78 -14.11 -35.37
N PRO A 180 -8.09 -14.16 -35.12
CA PRO A 180 -8.81 -12.96 -34.69
C PRO A 180 -8.36 -12.48 -33.31
N ALA A 181 -8.53 -11.18 -33.07
CA ALA A 181 -8.14 -10.60 -31.79
C ALA A 181 -9.01 -11.10 -30.65
N ALA A 182 -10.26 -11.48 -30.95
CA ALA A 182 -11.15 -12.00 -29.91
C ALA A 182 -10.64 -13.32 -29.35
N LYS A 183 -10.06 -14.16 -30.21
CA LYS A 183 -9.50 -15.43 -29.76
C LYS A 183 -8.32 -15.22 -28.84
N TRP A 184 -7.48 -14.22 -29.13
CA TRP A 184 -6.26 -14.00 -28.35
C TRP A 184 -6.58 -13.45 -26.96
N ASN A 185 -7.57 -12.57 -26.85
CA ASN A 185 -7.84 -11.87 -25.61
C ASN A 185 -8.53 -12.75 -24.56
N GLN A 186 -9.02 -13.93 -24.94
CA GLN A 186 -9.71 -14.79 -23.98
C GLN A 186 -8.76 -15.40 -22.97
N GLY A 187 -7.46 -15.47 -23.27
CA GLY A 187 -6.49 -16.06 -22.37
C GLY A 187 -6.17 -17.52 -22.63
N ASP A 188 -6.65 -18.07 -23.75
CA ASP A 188 -6.35 -19.46 -24.07
C ASP A 188 -4.88 -19.62 -24.45
N VAL A 189 -4.32 -20.77 -24.12
CA VAL A 189 -2.90 -21.03 -24.34
C VAL A 189 -2.68 -21.36 -25.81
N PHE A 190 -1.84 -20.57 -26.46
CA PHE A 190 -1.39 -20.84 -27.83
C PHE A 190 0.04 -21.35 -27.78
N THR A 191 0.26 -22.52 -28.35
CA THR A 191 1.58 -23.14 -28.32
C THR A 191 2.02 -23.48 -29.74
N CYS A 192 3.33 -23.61 -29.90
CA CYS A 192 3.95 -23.86 -31.19
C CYS A 192 4.87 -25.07 -31.07
N VAL A 193 4.42 -26.19 -31.61
CA VAL A 193 5.24 -27.40 -31.64
C VAL A 193 6.16 -27.34 -32.85
N VAL A 194 7.44 -27.62 -32.63
CA VAL A 194 8.46 -27.56 -33.67
C VAL A 194 9.16 -28.90 -33.70
N GLY A 195 9.12 -29.56 -34.85
CA GLY A 195 9.66 -30.89 -35.01
C GLY A 195 10.94 -30.88 -35.83
N HIS A 196 11.94 -31.62 -35.36
CA HIS A 196 13.25 -31.59 -36.00
C HIS A 196 14.02 -32.84 -35.62
N GLU A 197 14.99 -33.19 -36.46
CA GLU A 197 15.77 -34.40 -36.24
C GLU A 197 16.93 -34.20 -35.26
N ALA A 198 17.27 -32.95 -34.95
CA ALA A 198 18.38 -32.66 -34.06
C ALA A 198 17.96 -32.43 -32.62
N LEU A 199 16.65 -32.47 -32.34
CA LEU A 199 16.17 -32.27 -31.00
C LEU A 199 16.48 -33.50 -30.14
N PRO A 200 16.54 -33.34 -28.80
CA PRO A 200 16.73 -34.51 -27.92
C PRO A 200 15.61 -35.53 -28.11
N LEU A 201 14.38 -35.09 -27.89
CA LEU A 201 13.21 -35.78 -28.38
C LEU A 201 12.53 -34.85 -29.38
N TYR A 202 12.18 -35.40 -30.55
CA TYR A 202 12.03 -34.62 -31.77
C TYR A 202 10.91 -33.58 -31.73
N ILE A 203 10.11 -33.53 -30.68
CA ILE A 203 9.10 -32.49 -30.53
C ILE A 203 9.47 -31.60 -29.36
N THR A 204 9.56 -30.30 -29.62
CA THR A 204 9.63 -29.29 -28.58
C THR A 204 8.51 -28.30 -28.82
N GLN A 205 8.13 -27.58 -27.76
CA GLN A 205 7.02 -26.65 -27.87
C GLN A 205 7.21 -25.51 -26.90
N GLN A 206 6.81 -24.31 -27.33
CA GLN A 206 6.76 -23.14 -26.47
C GLN A 206 5.31 -22.67 -26.41
N SER A 207 4.80 -22.47 -25.20
CA SER A 207 3.40 -22.10 -24.98
C SER A 207 3.34 -20.74 -24.32
N ILE A 208 2.65 -19.79 -24.97
CA ILE A 208 2.44 -18.46 -24.43
C ILE A 208 0.97 -18.10 -24.55
N ASP A 209 0.57 -17.08 -23.81
CA ASP A 209 -0.78 -16.53 -23.86
C ASP A 209 -0.71 -15.08 -23.41
N LYS A 210 -1.88 -14.47 -23.22
CA LYS A 210 -1.90 -13.11 -22.68
C LYS A 210 -1.44 -13.12 -21.24
N SER A 211 -0.49 -12.23 -20.93
CA SER A 211 0.21 -12.18 -19.64
C SER A 211 0.84 -13.53 -19.32
N SER A 212 1.78 -13.93 -20.18
CA SER A 212 2.43 -15.23 -20.04
C SER A 212 3.41 -15.26 -18.88
N GLY A 213 3.80 -14.12 -18.34
CA GLY A 213 4.74 -14.06 -17.24
C GLY A 213 4.16 -14.53 -15.92
N ASN B 1 7.93 -75.78 -16.68
CA ASN B 1 8.74 -75.56 -17.88
C ASN B 1 8.09 -74.54 -18.82
N LEU B 2 8.17 -73.26 -18.45
CA LEU B 2 7.66 -72.18 -19.28
C LEU B 2 8.83 -71.69 -20.15
N GLN B 3 8.86 -72.12 -21.41
CA GLN B 3 9.99 -71.82 -22.27
C GLN B 3 9.88 -70.42 -22.87
N VAL B 4 8.84 -70.17 -23.66
CA VAL B 4 8.77 -68.97 -24.48
C VAL B 4 8.38 -67.78 -23.61
N TYR B 5 9.19 -66.73 -23.65
CA TYR B 5 8.93 -65.47 -22.96
C TYR B 5 9.10 -64.35 -23.98
N PRO B 6 8.13 -64.14 -24.86
CA PRO B 6 8.28 -63.13 -25.91
C PRO B 6 8.17 -61.72 -25.36
N LEU B 7 8.79 -60.79 -26.07
CA LEU B 7 8.83 -59.40 -25.66
C LEU B 7 8.33 -58.51 -26.79
N THR B 8 7.41 -57.61 -26.48
CA THR B 8 6.89 -56.61 -27.39
C THR B 8 7.78 -55.37 -27.39
N PRO B 9 7.89 -54.66 -28.51
CA PRO B 9 8.69 -53.43 -28.52
C PRO B 9 7.97 -52.31 -27.80
N THR B 10 8.72 -51.58 -26.96
CA THR B 10 8.16 -50.46 -26.24
C THR B 10 7.93 -49.28 -27.19
N PHE B 11 7.14 -48.31 -26.72
CA PHE B 11 6.84 -47.15 -27.54
C PHE B 11 8.07 -46.27 -27.72
N HIS B 12 8.95 -46.22 -26.72
CA HIS B 12 10.17 -45.42 -26.84
C HIS B 12 11.08 -45.97 -27.92
N ASP B 13 11.23 -47.30 -27.99
CA ASP B 13 12.01 -47.89 -29.07
C ASP B 13 11.30 -47.76 -30.42
N LEU B 14 9.97 -47.73 -30.41
CA LEU B 14 9.22 -47.76 -31.66
C LEU B 14 9.29 -46.43 -32.38
N TYR B 15 9.21 -45.31 -31.65
CA TYR B 15 9.07 -44.01 -32.28
C TYR B 15 10.13 -42.99 -31.92
N PHE B 16 10.95 -43.24 -30.89
CA PHE B 16 11.89 -42.21 -30.48
C PHE B 16 13.31 -42.73 -30.29
N SER B 17 13.46 -44.00 -29.95
CA SER B 17 14.78 -44.62 -29.95
C SER B 17 15.09 -45.32 -31.27
N ARG B 18 14.06 -45.59 -32.07
CA ARG B 18 14.16 -46.12 -33.43
C ARG B 18 14.80 -47.50 -33.51
N ASN B 19 14.99 -48.18 -32.37
CA ASN B 19 15.49 -49.55 -32.35
C ASN B 19 14.28 -50.46 -32.11
N ALA B 20 13.46 -50.61 -33.14
CA ALA B 20 12.24 -51.40 -33.05
C ALA B 20 12.59 -52.87 -33.18
N LYS B 21 12.50 -53.62 -32.07
CA LYS B 21 12.93 -55.00 -32.02
C LYS B 21 11.86 -55.86 -31.35
N ILE B 22 11.58 -57.01 -31.96
CA ILE B 22 10.71 -58.02 -31.38
C ILE B 22 11.58 -59.14 -30.85
N THR B 23 11.50 -59.39 -29.55
CA THR B 23 12.35 -60.37 -28.88
C THR B 23 11.49 -61.56 -28.46
N CYS B 24 11.89 -62.75 -28.88
CA CYS B 24 11.27 -64.01 -28.44
C CYS B 24 12.29 -64.70 -27.56
N LEU B 25 12.29 -64.35 -26.28
CA LEU B 25 13.25 -64.89 -25.32
C LEU B 25 12.77 -66.24 -24.81
N VAL B 26 13.71 -67.17 -24.67
CA VAL B 26 13.45 -68.46 -24.04
C VAL B 26 14.42 -68.61 -22.88
N SER B 27 13.90 -69.07 -21.74
CA SER B 27 14.67 -69.12 -20.50
C SER B 27 14.78 -70.52 -19.91
N SER B 28 13.75 -71.35 -20.04
CA SER B 28 13.74 -72.69 -19.48
C SER B 28 14.20 -73.67 -20.56
N MET B 29 15.52 -73.89 -20.63
CA MET B 29 16.09 -74.82 -21.59
C MET B 29 17.08 -75.72 -20.89
N LYS B 30 17.00 -77.02 -21.19
CA LYS B 30 17.89 -78.02 -20.60
C LYS B 30 18.94 -78.54 -21.56
N THR B 31 18.70 -78.48 -22.87
CA THR B 31 19.63 -78.98 -23.88
C THR B 31 19.88 -77.90 -24.91
N ILE B 32 21.09 -77.89 -25.46
CA ILE B 32 21.46 -76.91 -26.48
C ILE B 32 21.54 -77.51 -27.89
N GLU B 33 21.75 -78.82 -28.00
CA GLU B 33 21.86 -79.45 -29.31
C GLU B 33 20.50 -79.58 -29.97
N ASN B 34 20.51 -79.54 -31.31
CA ASN B 34 19.30 -79.63 -32.14
C ASN B 34 18.28 -78.56 -31.77
N PHE B 35 18.76 -77.32 -31.63
CA PHE B 35 17.94 -76.20 -31.22
C PHE B 35 18.07 -75.05 -32.21
N ASP B 36 16.92 -74.52 -32.64
CA ASP B 36 16.88 -73.33 -33.47
C ASP B 36 15.52 -72.67 -33.30
N ILE B 37 15.45 -71.40 -33.65
CA ILE B 37 14.25 -70.59 -33.50
C ILE B 37 13.78 -70.16 -34.89
N SER B 38 12.50 -70.40 -35.19
CA SER B 38 11.92 -70.10 -36.49
C SER B 38 11.13 -68.80 -36.37
N TRP B 39 11.58 -67.78 -37.11
CA TRP B 39 10.90 -66.49 -37.17
C TRP B 39 10.08 -66.42 -38.44
N GLU B 40 8.78 -66.16 -38.30
CA GLU B 40 7.88 -66.02 -39.45
C GLU B 40 6.96 -64.82 -39.23
N ARG B 41 6.59 -64.17 -40.33
CA ARG B 41 5.62 -63.09 -40.31
C ARG B 41 4.46 -63.43 -41.23
N GLU B 42 3.28 -62.88 -40.92
CA GLU B 42 2.10 -63.21 -41.71
C GLU B 42 2.11 -62.52 -43.07
N LYS B 43 2.50 -61.26 -43.12
CA LYS B 43 2.53 -60.50 -44.36
C LYS B 43 3.84 -60.79 -45.10
N ALA B 44 4.14 -60.00 -46.13
CA ALA B 44 5.37 -60.13 -46.89
C ALA B 44 6.34 -59.04 -46.42
N GLY B 45 7.53 -59.46 -45.99
CA GLY B 45 8.52 -58.51 -45.51
C GLY B 45 9.79 -59.21 -45.13
N ASN B 46 10.78 -58.40 -44.74
CA ASN B 46 12.08 -58.92 -44.35
C ASN B 46 12.01 -59.53 -42.95
N LEU B 47 12.90 -60.50 -42.71
CA LEU B 47 13.00 -61.19 -41.42
C LEU B 47 14.48 -61.24 -41.05
N GLU B 48 14.94 -60.21 -40.32
CA GLU B 48 16.33 -60.13 -39.86
C GLU B 48 16.49 -61.05 -38.65
N PHE B 49 16.88 -62.29 -38.93
CA PHE B 49 16.94 -63.34 -37.92
C PHE B 49 18.28 -63.22 -37.19
N VAL B 50 18.23 -62.76 -35.94
CA VAL B 50 19.42 -62.60 -35.10
C VAL B 50 19.14 -63.29 -33.77
N THR B 51 20.04 -64.18 -33.37
CA THR B 51 19.91 -64.95 -32.14
C THR B 51 21.21 -64.86 -31.34
N GLU B 52 21.09 -64.49 -30.06
CA GLU B 52 22.25 -64.40 -29.19
C GLU B 52 22.67 -65.78 -28.70
N ASP B 53 23.84 -65.83 -28.07
CA ASP B 53 24.37 -67.10 -27.57
C ASP B 53 23.60 -67.55 -26.33
N PRO B 54 23.52 -68.86 -26.10
CA PRO B 54 22.92 -69.36 -24.86
C PRO B 54 23.77 -69.00 -23.65
N VAL B 55 23.10 -68.52 -22.59
CA VAL B 55 23.76 -68.12 -21.36
C VAL B 55 23.02 -68.76 -20.18
N LEU B 56 23.68 -68.75 -19.03
CA LEU B 56 23.20 -69.44 -17.84
C LEU B 56 22.42 -68.45 -16.96
N HIS B 57 21.11 -68.66 -16.86
CA HIS B 57 20.25 -67.93 -15.94
C HIS B 57 19.24 -68.88 -15.32
N ASP B 58 18.35 -68.31 -14.52
CA ASP B 58 17.25 -69.01 -13.82
C ASP B 58 17.88 -70.09 -12.92
N ASN B 59 17.29 -71.28 -12.86
CA ASN B 59 17.84 -72.38 -12.06
C ASN B 59 18.73 -73.28 -12.91
N GLY B 60 19.79 -72.68 -13.45
CA GLY B 60 20.75 -73.41 -14.25
C GLY B 60 20.30 -73.73 -15.66
N THR B 61 19.20 -73.14 -16.12
CA THR B 61 18.70 -73.40 -17.47
C THR B 61 19.33 -72.43 -18.47
N TYR B 62 19.42 -72.89 -19.72
CA TYR B 62 19.97 -72.06 -20.78
C TYR B 62 18.97 -70.97 -21.17
N SER B 63 19.45 -69.74 -21.26
CA SER B 63 18.64 -68.60 -21.68
C SER B 63 19.15 -68.13 -23.04
N VAL B 64 18.32 -68.28 -24.07
CA VAL B 64 18.67 -67.91 -25.43
C VAL B 64 17.80 -66.74 -25.84
N ALA B 65 18.44 -65.64 -26.24
CA ALA B 65 17.75 -64.42 -26.66
C ALA B 65 17.83 -64.30 -28.18
N SER B 66 16.68 -64.09 -28.81
CA SER B 66 16.60 -63.87 -30.25
C SER B 66 15.82 -62.61 -30.50
N ILE B 67 16.36 -61.72 -31.34
CA ILE B 67 15.74 -60.44 -31.64
C ILE B 67 15.46 -60.34 -33.12
N LEU B 68 14.28 -59.83 -33.46
CA LEU B 68 13.89 -59.59 -34.84
C LEU B 68 13.82 -58.08 -35.09
N SER B 69 14.49 -57.63 -36.14
CA SER B 69 14.45 -56.22 -36.50
C SER B 69 13.14 -55.95 -37.23
N VAL B 70 12.25 -55.20 -36.61
CA VAL B 70 10.92 -54.94 -37.15
C VAL B 70 10.83 -53.48 -37.57
N CYS B 71 10.09 -53.24 -38.64
CA CYS B 71 9.74 -51.88 -39.03
C CYS B 71 8.64 -51.38 -38.09
N ALA B 72 8.82 -50.15 -37.58
CA ALA B 72 7.79 -49.56 -36.73
C ALA B 72 6.52 -49.28 -37.51
N GLU B 73 6.64 -49.04 -38.83
CA GLU B 73 5.46 -48.95 -39.68
C GLU B 73 4.73 -50.29 -39.75
N ASP B 74 5.49 -51.38 -39.83
CA ASP B 74 4.88 -52.71 -39.94
C ASP B 74 4.18 -53.10 -38.65
N TRP B 75 4.86 -52.88 -37.51
CA TRP B 75 4.28 -53.28 -36.22
C TRP B 75 3.04 -52.46 -35.89
N GLU B 76 3.05 -51.16 -36.20
CA GLU B 76 1.91 -50.32 -35.92
C GLU B 76 0.75 -50.54 -36.88
N SER B 77 1.00 -51.19 -38.02
CA SER B 77 -0.05 -51.51 -38.97
C SER B 77 -0.80 -52.79 -38.62
N GLY B 78 -0.40 -53.49 -37.56
CA GLY B 78 -1.05 -54.71 -37.16
C GLY B 78 -0.47 -55.98 -37.76
N ASP B 79 0.74 -55.93 -38.30
CA ASP B 79 1.38 -57.12 -38.83
C ASP B 79 1.70 -58.10 -37.72
N LYS B 80 1.43 -59.37 -37.98
CA LYS B 80 1.62 -60.44 -36.99
C LYS B 80 2.96 -61.12 -37.23
N PHE B 81 3.76 -61.24 -36.17
CA PHE B 81 5.07 -61.86 -36.24
C PHE B 81 5.10 -63.06 -35.29
N SER B 82 5.48 -64.21 -35.81
CA SER B 82 5.42 -65.46 -35.07
C SER B 82 6.82 -66.03 -34.89
N CYS B 83 7.16 -66.37 -33.65
CA CYS B 83 8.40 -67.04 -33.32
C CYS B 83 8.09 -68.47 -32.90
N THR B 84 8.87 -69.42 -33.40
CA THR B 84 8.64 -70.85 -33.16
C THR B 84 9.97 -71.49 -32.75
N VAL B 85 10.12 -71.74 -31.45
CA VAL B 85 11.31 -72.42 -30.94
C VAL B 85 11.09 -73.92 -31.02
N ARG B 86 12.19 -74.66 -31.14
CA ARG B 86 12.13 -76.12 -31.19
C ARG B 86 13.49 -76.67 -30.79
N SER B 87 13.52 -77.50 -29.75
CA SER B 87 14.75 -78.11 -29.27
C SER B 87 14.42 -79.52 -28.80
N GLN B 88 15.37 -80.14 -28.11
CA GLN B 88 15.15 -81.49 -27.59
C GLN B 88 14.29 -81.50 -26.34
N ASP B 89 14.08 -80.35 -25.70
CA ASP B 89 13.23 -80.25 -24.52
C ASP B 89 11.76 -80.09 -24.84
N LEU B 90 11.41 -79.82 -26.10
CA LEU B 90 10.04 -79.54 -26.48
C LEU B 90 9.46 -80.69 -27.28
N PRO B 91 8.47 -81.41 -26.75
CA PRO B 91 7.79 -82.44 -27.57
C PRO B 91 7.09 -81.87 -28.80
N SER B 92 6.56 -80.66 -28.70
CA SER B 92 5.92 -79.98 -29.81
C SER B 92 6.41 -78.55 -29.89
N PRO B 93 6.56 -77.99 -31.10
CA PRO B 93 6.98 -76.59 -31.21
C PRO B 93 5.94 -75.64 -30.66
N VAL B 94 6.42 -74.54 -30.07
CA VAL B 94 5.57 -73.51 -29.50
C VAL B 94 5.65 -72.29 -30.41
N LYS B 95 4.51 -71.93 -31.01
CA LYS B 95 4.42 -70.83 -31.96
C LYS B 95 3.54 -69.75 -31.36
N LYS B 96 4.16 -68.74 -30.76
CA LYS B 96 3.45 -67.60 -30.17
C LYS B 96 3.48 -66.45 -31.17
N THR B 97 2.34 -66.21 -31.81
CA THR B 97 2.23 -65.10 -32.75
C THR B 97 2.14 -63.78 -31.99
N ILE B 98 2.96 -62.81 -32.38
CA ILE B 98 3.05 -61.52 -31.70
C ILE B 98 2.53 -60.44 -32.63
N PHE B 99 1.71 -59.53 -32.08
CA PHE B 99 1.15 -58.43 -32.83
C PHE B 99 0.84 -57.30 -31.85
N LYS B 100 0.38 -56.18 -32.38
CA LYS B 100 0.01 -55.03 -31.54
C LYS B 100 -1.39 -55.27 -31.02
N GLN B 101 -1.50 -55.68 -29.75
CA GLN B 101 -2.80 -55.98 -29.17
C GLN B 101 -3.54 -54.69 -28.84
N ASN B 102 -4.83 -54.65 -29.21
CA ASN B 102 -5.68 -53.53 -28.86
C ASN B 102 -5.96 -53.55 -27.36
N GLU B 103 -5.97 -52.35 -26.76
CA GLU B 103 -6.24 -52.18 -25.34
C GLU B 103 -7.32 -51.12 -25.15
N GLY B 104 -8.40 -51.23 -25.93
CA GLY B 104 -9.46 -50.25 -25.89
C GLY B 104 -9.11 -49.01 -26.70
N THR B 105 -10.01 -48.04 -26.62
CA THR B 105 -9.80 -46.77 -27.33
C THR B 105 -8.68 -45.98 -26.67
N PRO B 106 -7.62 -45.63 -27.38
CA PRO B 106 -6.51 -44.91 -26.75
C PRO B 106 -6.92 -43.51 -26.31
N LYS B 107 -6.54 -43.16 -25.09
CA LYS B 107 -6.85 -41.87 -24.49
C LYS B 107 -5.56 -41.15 -24.15
N ALA B 108 -5.51 -39.86 -24.44
CA ALA B 108 -4.30 -39.09 -24.23
C ALA B 108 -4.05 -38.92 -22.73
N PRO B 109 -2.83 -39.21 -22.25
CA PRO B 109 -2.55 -39.02 -20.83
C PRO B 109 -2.56 -37.54 -20.44
N ASP B 110 -2.93 -37.30 -19.20
CA ASP B 110 -2.99 -35.93 -18.66
C ASP B 110 -1.79 -35.77 -17.73
N VAL B 111 -0.75 -35.11 -18.23
CA VAL B 111 0.49 -34.96 -17.49
C VAL B 111 0.36 -33.84 -16.48
N TYR B 112 0.73 -34.12 -15.23
CA TYR B 112 0.67 -33.14 -14.16
C TYR B 112 1.92 -33.29 -13.30
N LEU B 113 2.81 -32.31 -13.36
CA LEU B 113 4.02 -32.35 -12.55
C LEU B 113 3.72 -31.64 -11.23
N LEU B 114 4.12 -32.25 -10.12
CA LEU B 114 3.83 -31.69 -8.81
C LEU B 114 5.09 -31.12 -8.18
N PRO B 115 5.07 -29.88 -7.71
CA PRO B 115 6.23 -29.32 -7.03
C PRO B 115 6.36 -29.89 -5.63
N PRO B 116 7.55 -29.80 -5.03
CA PRO B 116 7.68 -30.17 -3.62
C PRO B 116 6.87 -29.24 -2.72
N SER B 117 6.39 -29.80 -1.61
CA SER B 117 5.58 -29.06 -0.64
C SER B 117 6.52 -28.38 0.36
N ALA B 118 5.95 -27.88 1.46
CA ALA B 118 6.73 -27.07 2.39
C ALA B 118 7.77 -27.88 3.15
N GLN B 119 7.57 -29.20 3.25
CA GLN B 119 8.49 -30.02 4.03
C GLN B 119 9.70 -30.46 3.23
N GLU B 120 10.37 -29.52 2.55
CA GLU B 120 11.58 -29.80 1.80
C GLU B 120 12.83 -29.40 2.58
N LEU B 121 12.77 -29.44 3.90
CA LEU B 121 13.86 -28.93 4.73
C LEU B 121 15.11 -29.80 4.62
N ILE B 122 14.94 -31.11 4.48
CA ILE B 122 16.06 -32.02 4.33
C ILE B 122 16.60 -31.90 2.90
N GLN B 123 17.78 -32.46 2.66
CA GLN B 123 18.56 -32.04 1.50
C GLN B 123 18.20 -32.79 0.22
N GLN B 124 17.87 -34.08 0.30
CA GLN B 124 17.67 -34.89 -0.90
C GLN B 124 16.25 -35.38 -1.05
N GLU B 125 15.72 -36.10 -0.07
CA GLU B 125 14.36 -36.60 -0.16
C GLU B 125 13.36 -35.47 0.01
N MET B 126 12.20 -35.63 -0.65
CA MET B 126 11.08 -34.69 -0.72
C MET B 126 11.42 -33.46 -1.57
N VAL B 127 12.69 -33.33 -1.95
CA VAL B 127 13.03 -32.49 -3.09
C VAL B 127 12.64 -33.18 -4.39
N THR B 128 12.18 -34.43 -4.29
CA THR B 128 11.69 -35.19 -5.44
C THR B 128 10.53 -34.47 -6.11
N LEU B 129 10.60 -34.36 -7.43
CA LEU B 129 9.51 -33.81 -8.23
C LEU B 129 8.74 -34.98 -8.83
N ILE B 130 7.44 -35.03 -8.57
CA ILE B 130 6.60 -36.16 -8.95
C ILE B 130 5.77 -35.75 -10.15
N CYS B 131 5.89 -36.52 -11.23
CA CYS B 131 5.17 -36.24 -12.48
C CYS B 131 3.97 -37.17 -12.55
N PHE B 132 2.91 -36.77 -11.85
CA PHE B 132 1.67 -37.53 -11.83
C PHE B 132 1.02 -37.42 -13.21
N VAL B 133 1.16 -38.48 -14.01
CA VAL B 133 0.53 -38.55 -15.32
C VAL B 133 -0.52 -39.66 -15.29
N THR B 134 -1.72 -39.35 -15.79
CA THR B 134 -2.86 -40.24 -15.67
C THR B 134 -3.77 -40.09 -16.87
N GLY B 135 -4.63 -41.09 -17.07
CA GLY B 135 -5.66 -41.04 -18.08
C GLY B 135 -5.38 -41.84 -19.33
N PHE B 136 -4.17 -42.35 -19.51
CA PHE B 136 -3.83 -43.06 -20.73
C PHE B 136 -4.41 -44.46 -20.72
N ASN B 137 -5.07 -44.84 -21.82
CA ASN B 137 -5.70 -46.16 -21.92
C ASN B 137 -4.75 -47.27 -22.32
N PRO B 138 -3.84 -47.11 -23.29
CA PRO B 138 -2.78 -48.11 -23.43
C PRO B 138 -1.68 -47.84 -22.41
N LYS B 139 -1.36 -48.85 -21.60
CA LYS B 139 -0.43 -48.66 -20.50
C LYS B 139 1.01 -48.47 -20.95
N GLU B 140 1.32 -48.69 -22.22
CA GLU B 140 2.67 -48.51 -22.72
C GLU B 140 2.99 -47.03 -22.79
N ILE B 141 3.86 -46.55 -21.91
CA ILE B 141 4.18 -45.14 -21.80
C ILE B 141 5.60 -45.02 -21.25
N PHE B 142 6.34 -44.02 -21.72
CA PHE B 142 7.66 -43.72 -21.19
C PHE B 142 7.68 -42.27 -20.69
N ILE B 143 8.36 -42.07 -19.56
CA ILE B 143 8.47 -40.75 -18.94
C ILE B 143 9.94 -40.39 -18.85
N GLN B 144 10.29 -39.20 -19.35
CA GLN B 144 11.66 -38.71 -19.31
C GLN B 144 11.70 -37.35 -18.62
N TRP B 145 12.85 -37.05 -18.04
CA TRP B 145 13.05 -35.83 -17.27
C TRP B 145 14.18 -35.02 -17.89
N MET B 146 14.01 -33.70 -17.92
CA MET B 146 15.04 -32.78 -18.35
C MET B 146 15.13 -31.63 -17.36
N GLN B 147 16.35 -31.17 -17.10
CA GLN B 147 16.61 -30.08 -16.16
C GLN B 147 17.06 -28.82 -16.89
N GLY B 148 16.45 -28.55 -18.04
CA GLY B 148 16.78 -27.36 -18.80
C GLY B 148 17.21 -27.66 -20.22
N GLY B 149 16.79 -28.81 -20.75
CA GLY B 149 17.13 -29.19 -22.10
C GLY B 149 17.95 -30.46 -22.18
N VAL B 150 18.85 -30.64 -21.22
CA VAL B 150 19.68 -31.84 -21.17
C VAL B 150 18.87 -32.98 -20.55
N SER B 151 19.00 -34.17 -21.12
CA SER B 151 18.24 -35.32 -20.64
C SER B 151 18.84 -35.82 -19.33
N ILE B 152 18.01 -35.84 -18.28
CA ILE B 152 18.44 -36.36 -16.99
C ILE B 152 18.61 -37.87 -17.10
N SER B 153 19.64 -38.40 -16.45
CA SER B 153 19.96 -39.82 -16.54
C SER B 153 18.85 -40.67 -15.92
N GLU B 154 18.70 -41.89 -16.45
CA GLU B 154 17.62 -42.77 -16.04
C GLU B 154 17.76 -43.27 -14.60
N ASP B 155 18.94 -43.11 -14.01
CA ASP B 155 19.17 -43.55 -12.63
C ASP B 155 18.73 -42.52 -11.61
N LYS B 156 18.24 -41.35 -12.04
CA LYS B 156 17.80 -40.34 -11.09
C LYS B 156 16.30 -40.36 -10.84
N PHE B 157 15.50 -40.80 -11.81
CA PHE B 157 14.06 -40.90 -11.65
C PHE B 157 13.61 -42.36 -11.71
N ILE B 158 12.63 -42.70 -10.89
CA ILE B 158 12.08 -44.05 -10.84
C ILE B 158 10.57 -43.96 -11.05
N ASN B 159 10.05 -44.78 -11.96
CA ASN B 159 8.63 -44.78 -12.29
C ASN B 159 7.97 -46.04 -11.76
N THR B 160 6.73 -45.90 -11.33
CA THR B 160 5.98 -47.02 -10.80
C THR B 160 5.41 -47.86 -11.94
N VAL B 161 4.85 -49.01 -11.59
CA VAL B 161 4.07 -49.79 -12.56
C VAL B 161 2.82 -49.01 -12.91
N PRO B 162 2.39 -48.97 -14.18
CA PRO B 162 1.20 -48.18 -14.53
C PRO B 162 -0.06 -48.83 -14.01
N MET B 163 -0.39 -48.54 -12.76
CA MET B 163 -1.56 -49.13 -12.11
C MET B 163 -2.85 -48.69 -12.78
N LYS B 164 -3.84 -49.57 -12.73
CA LYS B 164 -5.15 -49.28 -13.31
C LYS B 164 -5.97 -48.43 -12.36
N SER B 165 -6.46 -47.30 -12.85
CA SER B 165 -7.31 -46.44 -12.04
C SER B 165 -8.65 -47.14 -11.78
N ASP B 166 -9.13 -47.03 -10.55
CA ASP B 166 -10.35 -47.71 -10.17
C ASP B 166 -11.57 -47.08 -10.84
N GLY B 167 -12.47 -47.94 -11.32
CA GLY B 167 -13.69 -47.47 -11.96
C GLY B 167 -13.52 -46.95 -13.36
N GLU B 168 -12.34 -47.12 -13.96
CA GLU B 168 -12.08 -46.61 -15.30
C GLU B 168 -11.18 -47.58 -16.04
N GLN B 169 -11.13 -47.41 -17.37
CA GLN B 169 -10.22 -48.17 -18.21
C GLN B 169 -8.85 -47.52 -18.32
N THR B 170 -8.67 -46.33 -17.75
CA THR B 170 -7.43 -45.60 -17.86
C THR B 170 -6.47 -45.99 -16.74
N TYR B 171 -5.18 -45.79 -17.00
CA TYR B 171 -4.12 -46.11 -16.06
C TYR B 171 -3.52 -44.83 -15.48
N PHE B 172 -2.56 -45.00 -14.58
CA PHE B 172 -1.82 -43.89 -14.01
C PHE B 172 -0.47 -44.37 -13.50
N ILE B 173 0.57 -43.63 -13.84
CA ILE B 173 1.94 -43.94 -13.47
C ILE B 173 2.58 -42.67 -12.94
N TYR B 174 3.43 -42.80 -11.93
CA TYR B 174 4.09 -41.63 -11.36
C TYR B 174 5.56 -41.65 -11.75
N SER B 175 6.23 -40.53 -11.48
CA SER B 175 7.66 -40.44 -11.77
C SER B 175 8.27 -39.42 -10.81
N LYS B 176 8.89 -39.91 -9.74
CA LYS B 176 9.60 -39.04 -8.82
C LYS B 176 11.06 -38.91 -9.26
N LEU B 177 11.60 -37.71 -9.10
CA LEU B 177 12.96 -37.38 -9.51
C LEU B 177 13.72 -36.88 -8.30
N ALA B 178 14.52 -37.75 -7.67
CA ALA B 178 15.27 -37.38 -6.49
C ALA B 178 16.42 -36.45 -6.88
N ILE B 179 16.36 -35.21 -6.43
CA ILE B 179 17.37 -34.21 -6.73
C ILE B 179 17.81 -33.55 -5.41
N PRO B 180 19.02 -33.01 -5.32
CA PRO B 180 19.39 -32.26 -4.12
C PRO B 180 18.63 -30.95 -4.03
N ALA B 181 18.51 -30.44 -2.80
CA ALA B 181 17.82 -29.17 -2.58
C ALA B 181 18.57 -28.00 -3.20
N ALA B 182 19.89 -28.12 -3.34
CA ALA B 182 20.67 -27.08 -3.99
C ALA B 182 20.29 -26.92 -5.45
N LYS B 183 20.05 -28.04 -6.15
CA LYS B 183 19.63 -27.98 -7.55
C LYS B 183 18.26 -27.34 -7.68
N TRP B 184 17.34 -27.66 -6.77
CA TRP B 184 15.99 -27.12 -6.84
C TRP B 184 15.96 -25.63 -6.53
N ASN B 185 16.72 -25.21 -5.52
CA ASN B 185 16.68 -23.82 -5.06
C ASN B 185 17.40 -22.86 -6.00
N GLN B 186 18.17 -23.37 -6.97
CA GLN B 186 18.81 -22.50 -7.94
C GLN B 186 17.80 -21.86 -8.88
N GLY B 187 16.68 -22.54 -9.13
CA GLY B 187 15.64 -22.01 -9.98
C GLY B 187 15.64 -22.51 -11.42
N ASP B 188 16.45 -23.50 -11.74
CA ASP B 188 16.46 -24.04 -13.09
C ASP B 188 15.17 -24.81 -13.36
N VAL B 189 14.73 -24.77 -14.61
CA VAL B 189 13.46 -25.37 -14.99
C VAL B 189 13.61 -26.89 -15.04
N PHE B 190 12.63 -27.59 -14.47
CA PHE B 190 12.53 -29.04 -14.56
C PHE B 190 11.27 -29.39 -15.34
N THR B 191 11.42 -30.21 -16.37
CA THR B 191 10.30 -30.62 -17.19
C THR B 191 10.21 -32.14 -17.24
N CYS B 192 8.99 -32.63 -17.34
CA CYS B 192 8.70 -34.07 -17.38
C CYS B 192 8.19 -34.39 -18.77
N VAL B 193 9.04 -34.98 -19.60
CA VAL B 193 8.65 -35.35 -20.95
C VAL B 193 7.96 -36.70 -20.90
N VAL B 194 6.70 -36.73 -21.34
CA VAL B 194 5.88 -37.93 -21.31
C VAL B 194 5.57 -38.33 -22.74
N GLY B 195 5.91 -39.56 -23.10
CA GLY B 195 5.69 -40.03 -24.45
C GLY B 195 4.67 -41.15 -24.51
N HIS B 196 3.55 -40.91 -25.19
CA HIS B 196 2.48 -41.89 -25.26
C HIS B 196 1.88 -41.88 -26.65
N GLU B 197 1.37 -43.03 -27.08
CA GLU B 197 0.92 -43.19 -28.45
C GLU B 197 -0.41 -42.50 -28.72
N ALA B 198 -1.15 -42.13 -27.68
CA ALA B 198 -2.46 -41.51 -27.86
C ALA B 198 -2.41 -39.99 -27.88
N LEU B 199 -1.22 -39.41 -27.70
CA LEU B 199 -1.07 -37.97 -27.79
C LEU B 199 -1.19 -37.52 -29.23
N PRO B 200 -1.58 -36.24 -29.47
CA PRO B 200 -1.64 -35.75 -30.86
C PRO B 200 -0.27 -35.76 -31.51
N LEU B 201 0.69 -35.15 -30.86
CA LEU B 201 2.11 -35.37 -31.12
C LEU B 201 2.70 -36.09 -29.92
N TYR B 202 3.43 -37.17 -30.19
CA TYR B 202 3.70 -38.19 -29.17
C TYR B 202 4.59 -37.73 -28.04
N ILE B 203 4.98 -36.46 -27.97
CA ILE B 203 5.73 -35.92 -26.84
C ILE B 203 4.96 -34.74 -26.27
N THR B 204 4.71 -34.78 -24.97
CA THR B 204 4.19 -33.63 -24.24
C THR B 204 4.97 -33.48 -22.95
N GLN B 205 4.98 -32.27 -22.41
CA GLN B 205 5.81 -31.98 -21.25
C GLN B 205 5.18 -30.88 -20.42
N GLN B 206 5.37 -30.99 -19.11
CA GLN B 206 4.97 -29.96 -18.16
C GLN B 206 6.20 -29.55 -17.37
N SER B 207 6.39 -28.23 -17.23
CA SER B 207 7.59 -27.69 -16.60
C SER B 207 7.21 -26.72 -15.51
N ILE B 208 7.96 -26.74 -14.41
CA ILE B 208 7.74 -25.86 -13.28
C ILE B 208 9.05 -25.22 -12.88
N ASP B 209 8.94 -24.12 -12.12
CA ASP B 209 10.07 -23.45 -11.50
C ASP B 209 9.82 -23.35 -10.00
N LYS B 210 10.75 -22.71 -9.30
CA LYS B 210 10.59 -22.51 -7.86
C LYS B 210 9.66 -21.35 -7.55
N ASN C 1 9.07 47.58 -63.50
CA ASN C 1 9.31 46.57 -64.51
C ASN C 1 10.14 45.40 -63.96
N LEU C 2 9.68 44.85 -62.83
CA LEU C 2 10.32 43.69 -62.22
C LEU C 2 9.93 42.47 -63.06
N GLN C 3 10.83 42.05 -63.94
CA GLN C 3 10.46 41.09 -64.98
C GLN C 3 10.49 39.65 -64.47
N VAL C 4 11.66 39.16 -64.06
CA VAL C 4 11.89 37.73 -63.93
C VAL C 4 11.76 37.32 -62.47
N TYR C 5 10.85 36.37 -62.21
CA TYR C 5 10.74 35.68 -60.92
C TYR C 5 10.95 34.19 -61.15
N PRO C 6 12.19 33.72 -61.01
CA PRO C 6 12.44 32.27 -61.09
C PRO C 6 11.85 31.55 -59.88
N LEU C 7 11.54 30.27 -60.09
CA LEU C 7 10.96 29.44 -59.05
C LEU C 7 11.57 28.04 -59.13
N THR C 8 12.41 27.71 -58.15
CA THR C 8 12.99 26.38 -58.08
C THR C 8 11.94 25.36 -57.65
N PRO C 9 12.09 24.09 -58.04
CA PRO C 9 11.16 23.06 -57.56
C PRO C 9 11.36 22.78 -56.08
N THR C 10 10.25 22.61 -55.37
CA THR C 10 10.31 22.31 -53.95
C THR C 10 10.72 20.85 -53.73
N PHE C 11 11.06 20.53 -52.47
CA PHE C 11 11.51 19.19 -52.14
C PHE C 11 10.36 18.19 -52.23
N HIS C 12 9.15 18.60 -51.88
CA HIS C 12 8.01 17.70 -51.92
C HIS C 12 7.67 17.30 -53.36
N ASP C 13 7.75 18.24 -54.29
CA ASP C 13 7.53 17.94 -55.70
C ASP C 13 8.72 17.25 -56.35
N LEU C 14 9.86 17.18 -55.66
CA LEU C 14 11.05 16.56 -56.22
C LEU C 14 11.20 15.10 -55.83
N TYR C 15 10.73 14.71 -54.66
CA TYR C 15 10.98 13.37 -54.18
C TYR C 15 9.72 12.60 -53.77
N PHE C 16 8.67 13.31 -53.34
CA PHE C 16 7.49 12.64 -52.80
C PHE C 16 6.20 13.03 -53.50
N SER C 17 6.25 13.96 -54.45
CA SER C 17 5.14 14.17 -55.38
C SER C 17 5.57 14.05 -56.83
N ARG C 18 6.86 14.09 -57.13
CA ARG C 18 7.48 13.76 -58.41
C ARG C 18 7.06 14.71 -59.54
N ASN C 19 6.42 15.83 -59.21
CA ASN C 19 6.03 16.82 -60.22
C ASN C 19 7.08 17.94 -60.28
N ALA C 20 8.30 17.54 -60.64
CA ALA C 20 9.43 18.47 -60.66
C ALA C 20 9.28 19.44 -61.83
N LYS C 21 8.96 20.69 -61.53
CA LYS C 21 8.75 21.72 -62.54
C LYS C 21 9.54 22.96 -62.19
N ILE C 22 10.16 23.57 -63.20
CA ILE C 22 10.91 24.81 -63.05
C ILE C 22 10.09 25.94 -63.67
N THR C 23 9.84 26.98 -62.89
CA THR C 23 8.99 28.08 -63.31
C THR C 23 9.81 29.35 -63.46
N CYS C 24 9.79 29.93 -64.65
CA CYS C 24 10.39 31.24 -64.91
C CYS C 24 9.22 32.20 -65.15
N LEU C 25 8.69 32.75 -64.05
CA LEU C 25 7.49 33.57 -64.12
C LEU C 25 7.86 35.00 -64.45
N VAL C 26 7.18 35.57 -65.44
CA VAL C 26 7.37 36.96 -65.84
C VAL C 26 6.26 37.75 -65.18
N SER C 27 6.63 38.58 -64.19
CA SER C 27 5.63 39.22 -63.35
C SER C 27 5.07 40.49 -63.99
N SER C 28 5.95 41.39 -64.41
CA SER C 28 5.56 42.71 -64.89
C SER C 28 5.77 42.80 -66.39
N MET C 29 4.71 43.16 -67.12
CA MET C 29 4.78 43.35 -68.55
C MET C 29 3.92 44.54 -68.94
N LYS C 30 4.24 45.11 -70.10
CA LYS C 30 3.40 46.11 -70.75
C LYS C 30 3.05 45.74 -72.19
N THR C 31 3.82 44.86 -72.84
CA THR C 31 3.51 44.36 -74.16
C THR C 31 3.56 42.83 -74.12
N ILE C 32 2.63 42.19 -74.82
CA ILE C 32 2.58 40.74 -74.90
C ILE C 32 3.00 40.20 -76.26
N GLU C 33 2.89 40.99 -77.32
CA GLU C 33 3.33 40.55 -78.64
C GLU C 33 4.86 40.55 -78.71
N ASN C 34 5.38 39.75 -79.64
CA ASN C 34 6.82 39.55 -79.85
C ASN C 34 7.50 39.08 -78.56
N PHE C 35 6.84 38.18 -77.84
CA PHE C 35 7.37 37.64 -76.59
C PHE C 35 7.39 36.12 -76.67
N ASP C 36 8.55 35.54 -76.41
CA ASP C 36 8.69 34.09 -76.37
C ASP C 36 9.89 33.76 -75.48
N ILE C 37 9.82 32.61 -74.82
CA ILE C 37 10.84 32.16 -73.88
C ILE C 37 11.58 31.00 -74.51
N SER C 38 12.89 31.14 -74.69
CA SER C 38 13.73 30.12 -75.30
C SER C 38 14.52 29.46 -74.18
N TRP C 39 13.97 28.38 -73.63
CA TRP C 39 14.67 27.60 -72.61
C TRP C 39 15.88 26.89 -73.23
N GLU C 40 16.97 26.85 -72.47
CA GLU C 40 18.17 26.14 -72.90
C GLU C 40 18.90 25.65 -71.66
N ARG C 41 19.64 24.55 -71.83
CA ARG C 41 20.31 23.90 -70.71
C ARG C 41 21.74 23.54 -71.10
N GLU C 42 22.61 23.44 -70.09
CA GLU C 42 23.97 23.01 -70.33
C GLU C 42 24.07 21.51 -70.54
N LYS C 43 23.03 20.75 -70.24
CA LYS C 43 22.99 19.31 -70.44
C LYS C 43 21.92 18.99 -71.48
N ALA C 44 22.28 18.19 -72.47
CA ALA C 44 21.34 17.80 -73.51
C ALA C 44 20.28 16.88 -72.94
N GLY C 45 19.03 17.10 -73.37
CA GLY C 45 17.93 16.28 -72.90
C GLY C 45 16.61 16.84 -73.36
N ASN C 46 15.54 16.24 -72.84
CA ASN C 46 14.20 16.68 -73.17
C ASN C 46 13.92 18.05 -72.54
N LEU C 47 13.17 18.87 -73.27
CA LEU C 47 12.80 20.22 -72.82
C LEU C 47 11.30 20.35 -73.06
N GLU C 48 10.51 20.02 -72.03
CA GLU C 48 9.06 20.05 -72.14
C GLU C 48 8.59 21.48 -71.83
N PHE C 49 8.55 22.31 -72.87
CA PHE C 49 8.20 23.71 -72.72
C PHE C 49 6.68 23.84 -72.63
N VAL C 50 6.18 24.33 -71.51
CA VAL C 50 4.76 24.55 -71.28
C VAL C 50 4.58 26.00 -70.85
N THR C 51 3.73 26.74 -71.57
CA THR C 51 3.51 28.15 -71.33
C THR C 51 2.06 28.37 -70.93
N GLU C 52 1.85 29.01 -69.78
CA GLU C 52 0.52 29.39 -69.35
C GLU C 52 0.06 30.63 -70.11
N ASP C 53 -1.26 30.77 -70.24
CA ASP C 53 -1.82 31.93 -70.91
C ASP C 53 -1.60 33.19 -70.06
N PRO C 54 -1.38 34.33 -70.71
CA PRO C 54 -1.20 35.58 -69.95
C PRO C 54 -2.47 35.97 -69.20
N VAL C 55 -2.27 36.59 -68.03
CA VAL C 55 -3.36 37.02 -67.17
C VAL C 55 -3.07 38.43 -66.68
N LEU C 56 -3.95 38.92 -65.81
CA LEU C 56 -3.80 40.24 -65.22
C LEU C 56 -3.25 40.11 -63.80
N HIS C 57 -2.23 40.92 -63.49
CA HIS C 57 -1.59 40.85 -62.19
C HIS C 57 -0.98 42.21 -61.88
N ASP C 58 -0.79 42.47 -60.58
CA ASP C 58 -0.17 43.69 -60.02
C ASP C 58 -1.05 44.88 -60.43
N ASN C 59 -0.46 45.98 -60.88
CA ASN C 59 -1.22 47.16 -61.28
C ASN C 59 -1.61 47.08 -62.76
N GLY C 60 -2.38 46.06 -63.08
CA GLY C 60 -2.84 45.84 -64.44
C GLY C 60 -1.80 45.26 -65.39
N THR C 61 -0.64 44.85 -64.89
CA THR C 61 0.40 44.31 -65.74
C THR C 61 0.06 42.88 -66.17
N TYR C 62 0.71 42.44 -67.24
CA TYR C 62 0.53 41.09 -67.75
C TYR C 62 1.55 40.15 -67.12
N SER C 63 1.09 38.94 -66.81
CA SER C 63 1.95 37.92 -66.21
C SER C 63 1.86 36.63 -67.02
N VAL C 64 3.00 36.16 -67.51
CA VAL C 64 3.11 34.89 -68.20
C VAL C 64 4.11 34.03 -67.45
N ALA C 65 3.74 32.79 -67.16
CA ALA C 65 4.60 31.85 -66.46
C ALA C 65 4.91 30.67 -67.38
N SER C 66 6.15 30.21 -67.32
CA SER C 66 6.62 29.08 -68.11
C SER C 66 6.83 27.87 -67.21
N ILE C 67 6.61 26.68 -67.76
CA ILE C 67 6.75 25.43 -67.03
C ILE C 67 7.68 24.51 -67.81
N LEU C 68 8.72 24.02 -67.14
CA LEU C 68 9.67 23.07 -67.72
C LEU C 68 9.65 21.80 -66.89
N SER C 69 9.30 20.69 -67.51
CA SER C 69 9.31 19.39 -66.85
C SER C 69 10.75 18.89 -66.79
N VAL C 70 11.27 18.70 -65.59
CA VAL C 70 12.67 18.35 -65.39
C VAL C 70 12.75 17.03 -64.62
N CYS C 71 13.70 16.19 -65.03
CA CYS C 71 14.04 15.02 -64.22
C CYS C 71 14.63 15.47 -62.89
N ALA C 72 14.18 14.84 -61.80
CA ALA C 72 14.75 15.14 -60.50
C ALA C 72 16.19 14.67 -60.37
N GLU C 73 16.60 13.68 -61.17
CA GLU C 73 18.01 13.31 -61.25
C GLU C 73 18.83 14.45 -61.83
N ASP C 74 18.33 15.10 -62.88
CA ASP C 74 19.08 16.14 -63.56
C ASP C 74 19.13 17.43 -62.76
N TRP C 75 18.07 17.74 -62.01
CA TRP C 75 18.03 18.98 -61.24
C TRP C 75 19.07 18.98 -60.13
N GLU C 76 19.22 17.85 -59.44
CA GLU C 76 20.10 17.77 -58.28
C GLU C 76 21.53 17.42 -58.66
N SER C 77 21.82 17.21 -59.94
CA SER C 77 23.16 16.90 -60.40
C SER C 77 23.97 18.14 -60.74
N GLY C 78 23.45 19.32 -60.43
CA GLY C 78 24.14 20.56 -60.71
C GLY C 78 23.95 21.12 -62.10
N ASP C 79 23.01 20.55 -62.87
CA ASP C 79 22.74 21.04 -64.21
C ASP C 79 22.11 22.44 -64.16
N LYS C 80 22.40 23.23 -65.19
CA LYS C 80 21.96 24.62 -65.26
C LYS C 80 20.78 24.73 -66.21
N PHE C 81 19.66 25.23 -65.72
CA PHE C 81 18.44 25.42 -66.50
C PHE C 81 18.16 26.92 -66.57
N SER C 82 18.30 27.50 -67.76
CA SER C 82 18.26 28.94 -67.93
C SER C 82 17.08 29.33 -68.82
N CYS C 83 16.31 30.31 -68.38
CA CYS C 83 15.22 30.87 -69.16
C CYS C 83 15.64 32.20 -69.76
N THR C 84 15.28 32.42 -71.03
CA THR C 84 15.63 33.63 -71.77
C THR C 84 14.33 34.29 -72.22
N VAL C 85 13.88 35.28 -71.46
CA VAL C 85 12.66 36.01 -71.78
C VAL C 85 13.04 37.27 -72.55
N ARG C 86 12.18 37.64 -73.51
CA ARG C 86 12.44 38.79 -74.37
C ARG C 86 11.13 39.25 -74.99
N SER C 87 10.72 40.48 -74.68
CA SER C 87 9.54 41.07 -75.27
C SER C 87 9.86 42.45 -75.83
N GLN C 88 8.83 43.21 -76.23
CA GLN C 88 9.06 44.58 -76.69
C GLN C 88 9.47 45.51 -75.56
N ASP C 89 9.24 45.11 -74.31
CA ASP C 89 9.68 45.88 -73.14
C ASP C 89 11.09 45.51 -72.69
N LEU C 90 11.73 44.55 -73.36
CA LEU C 90 13.07 44.12 -72.99
C LEU C 90 14.07 44.59 -74.03
N PRO C 91 14.87 45.62 -73.74
CA PRO C 91 15.96 45.99 -74.68
C PRO C 91 17.00 44.90 -74.84
N SER C 92 17.25 44.10 -73.80
CA SER C 92 18.20 43.00 -73.85
C SER C 92 17.54 41.80 -73.19
N PRO C 93 17.57 40.62 -73.81
CA PRO C 93 16.99 39.44 -73.17
C PRO C 93 17.78 39.04 -71.92
N VAL C 94 17.06 38.52 -70.94
CA VAL C 94 17.64 38.15 -69.65
C VAL C 94 17.74 36.64 -69.58
N LYS C 95 18.98 36.13 -69.54
CA LYS C 95 19.22 34.70 -69.37
C LYS C 95 19.41 34.44 -67.88
N LYS C 96 18.28 34.26 -67.19
CA LYS C 96 18.30 33.96 -65.76
C LYS C 96 18.46 32.46 -65.60
N THR C 97 19.62 32.04 -65.09
CA THR C 97 19.91 30.62 -64.93
C THR C 97 19.42 30.13 -63.59
N ILE C 98 18.71 29.00 -63.59
CA ILE C 98 18.18 28.39 -62.37
C ILE C 98 18.94 27.09 -62.12
N PHE C 99 19.50 26.96 -60.93
CA PHE C 99 20.19 25.75 -60.54
C PHE C 99 20.13 25.63 -59.02
N LYS C 100 20.30 24.41 -58.53
CA LYS C 100 20.24 24.16 -57.10
C LYS C 100 21.47 24.75 -56.41
N GLN C 101 21.23 25.60 -55.42
CA GLN C 101 22.30 26.29 -54.71
C GLN C 101 22.39 25.78 -53.28
N ASN C 102 23.58 25.33 -52.89
CA ASN C 102 23.81 24.90 -51.52
C ASN C 102 23.77 26.09 -50.58
N GLU C 103 23.31 25.84 -49.35
CA GLU C 103 23.21 26.88 -48.34
C GLU C 103 24.10 26.53 -47.15
N GLY C 104 25.32 26.09 -47.43
CA GLY C 104 26.18 25.56 -46.39
C GLY C 104 26.06 24.05 -46.29
N THR C 105 26.76 23.50 -45.32
CA THR C 105 26.72 22.05 -45.11
C THR C 105 25.35 21.66 -44.53
N PRO C 106 24.64 20.72 -45.17
CA PRO C 106 23.33 20.33 -44.67
C PRO C 106 23.41 19.65 -43.30
N LYS C 107 22.39 19.90 -42.48
CA LYS C 107 22.28 19.30 -41.16
C LYS C 107 20.89 18.71 -41.00
N ALA C 108 20.82 17.52 -40.43
CA ALA C 108 19.54 16.83 -40.29
C ALA C 108 18.69 17.50 -39.23
N PRO C 109 17.44 17.84 -39.52
CA PRO C 109 16.58 18.46 -38.51
C PRO C 109 16.22 17.48 -37.40
N ASP C 110 16.00 18.02 -36.21
CA ASP C 110 15.65 17.25 -35.04
C ASP C 110 14.18 17.52 -34.73
N VAL C 111 13.35 16.49 -34.84
CA VAL C 111 11.92 16.63 -34.64
C VAL C 111 11.60 16.44 -33.16
N TYR C 112 10.90 17.41 -32.59
CA TYR C 112 10.38 17.32 -31.23
C TYR C 112 8.89 17.56 -31.29
N LEU C 113 8.11 16.50 -31.09
CA LEU C 113 6.65 16.61 -31.12
C LEU C 113 6.17 16.99 -29.73
N LEU C 114 5.64 18.21 -29.60
CA LEU C 114 5.25 18.74 -28.31
C LEU C 114 3.88 18.20 -27.91
N PRO C 115 3.75 17.58 -26.74
CA PRO C 115 2.41 17.24 -26.24
C PRO C 115 1.63 18.50 -25.91
N PRO C 116 0.30 18.43 -25.92
CA PRO C 116 -0.49 19.61 -25.55
C PRO C 116 -0.26 20.00 -24.10
N SER C 117 -0.40 21.29 -23.83
CA SER C 117 -0.14 21.83 -22.51
C SER C 117 -1.23 21.37 -21.52
N ALA C 118 -1.07 21.80 -20.27
CA ALA C 118 -2.02 21.45 -19.22
C ALA C 118 -3.41 22.02 -19.47
N GLN C 119 -3.51 23.10 -20.26
CA GLN C 119 -4.79 23.70 -20.60
C GLN C 119 -5.35 23.13 -21.90
N GLU C 120 -5.45 21.80 -21.97
CA GLU C 120 -6.01 21.14 -23.14
C GLU C 120 -7.51 20.90 -22.99
N LEU C 121 -7.94 20.39 -21.83
CA LEU C 121 -9.35 20.19 -21.53
C LEU C 121 -9.86 21.13 -20.45
N ILE C 122 -8.96 21.85 -19.77
CA ILE C 122 -9.38 22.75 -18.71
C ILE C 122 -10.13 23.94 -19.29
N GLN C 123 -9.58 24.55 -20.35
CA GLN C 123 -10.17 25.77 -20.89
C GLN C 123 -11.33 25.47 -21.83
N GLN C 124 -11.05 24.82 -22.95
CA GLN C 124 -12.03 24.68 -24.03
C GLN C 124 -11.50 23.61 -24.98
N GLU C 125 -12.20 23.38 -26.08
CA GLU C 125 -11.77 22.44 -27.11
C GLU C 125 -10.73 23.06 -28.03
N MET C 126 -10.51 22.45 -29.19
CA MET C 126 -9.49 22.84 -30.17
C MET C 126 -8.08 22.73 -29.58
N VAL C 127 -7.75 21.49 -29.19
CA VAL C 127 -6.42 21.17 -28.70
C VAL C 127 -5.43 21.21 -29.85
N THR C 128 -4.29 21.88 -29.65
CA THR C 128 -3.26 22.03 -30.67
C THR C 128 -2.04 21.21 -30.31
N LEU C 129 -1.59 20.38 -31.24
CA LEU C 129 -0.33 19.66 -31.13
C LEU C 129 0.71 20.35 -31.99
N ILE C 130 1.83 20.73 -31.38
CA ILE C 130 2.85 21.52 -32.03
C ILE C 130 4.05 20.63 -32.31
N CYS C 131 4.57 20.70 -33.53
CA CYS C 131 5.71 19.89 -33.95
C CYS C 131 6.90 20.83 -34.18
N PHE C 132 7.66 21.07 -33.12
CA PHE C 132 8.85 21.90 -33.21
C PHE C 132 9.99 21.06 -33.75
N VAL C 133 10.44 21.39 -34.96
CA VAL C 133 11.58 20.73 -35.58
C VAL C 133 12.61 21.79 -35.95
N THR C 134 13.87 21.53 -35.60
CA THR C 134 14.91 22.54 -35.65
C THR C 134 16.23 21.91 -36.12
N GLY C 135 17.12 22.76 -36.60
CA GLY C 135 18.47 22.36 -36.92
C GLY C 135 18.76 22.06 -38.38
N PHE C 136 17.83 22.31 -39.29
CA PHE C 136 18.03 21.97 -40.69
C PHE C 136 18.67 23.15 -41.42
N ASN C 137 19.74 22.86 -42.17
CA ASN C 137 20.47 23.93 -42.82
C ASN C 137 19.81 24.40 -44.12
N PRO C 138 19.40 23.54 -45.06
CA PRO C 138 18.55 24.05 -46.15
C PRO C 138 17.16 24.32 -45.64
N LYS C 139 16.68 25.55 -45.85
CA LYS C 139 15.39 25.95 -45.30
C LYS C 139 14.22 25.27 -46.00
N GLU C 140 14.46 24.62 -47.15
CA GLU C 140 13.41 23.89 -47.85
C GLU C 140 13.04 22.65 -47.05
N ILE C 141 11.83 22.65 -46.48
CA ILE C 141 11.36 21.55 -45.64
C ILE C 141 9.84 21.50 -45.76
N PHE C 142 9.29 20.28 -45.76
CA PHE C 142 7.86 20.08 -45.74
C PHE C 142 7.48 19.22 -44.54
N ILE C 143 6.42 19.61 -43.85
CA ILE C 143 5.90 18.88 -42.70
C ILE C 143 4.45 18.53 -42.98
N GLN C 144 4.11 17.26 -42.83
CA GLN C 144 2.74 16.80 -42.92
C GLN C 144 2.35 16.13 -41.60
N TRP C 145 1.10 15.70 -41.52
CA TRP C 145 0.56 15.07 -40.33
C TRP C 145 -0.24 13.84 -40.71
N MET C 146 -0.20 12.82 -39.84
CA MET C 146 -0.98 11.61 -40.04
C MET C 146 -1.72 11.27 -38.76
N GLN C 147 -3.03 11.05 -38.87
CA GLN C 147 -3.85 10.62 -37.74
C GLN C 147 -3.84 9.10 -37.62
N GLY C 148 -2.67 8.56 -37.33
CA GLY C 148 -2.51 7.12 -37.27
C GLY C 148 -2.61 6.49 -38.64
N GLY C 149 -1.61 6.71 -39.49
CA GLY C 149 -1.61 6.15 -40.82
C GLY C 149 -2.22 7.07 -41.87
N VAL C 150 -3.49 7.44 -41.69
CA VAL C 150 -4.17 8.26 -42.67
C VAL C 150 -3.66 9.70 -42.60
N SER C 151 -3.34 10.25 -43.76
CA SER C 151 -2.78 11.60 -43.84
C SER C 151 -3.86 12.64 -43.51
N ILE C 152 -3.46 13.68 -42.77
CA ILE C 152 -4.36 14.77 -42.42
C ILE C 152 -4.27 15.85 -43.48
N SER C 153 -5.42 16.43 -43.84
CA SER C 153 -5.47 17.42 -44.91
C SER C 153 -4.71 18.68 -44.53
N GLU C 154 -4.27 19.42 -45.56
CA GLU C 154 -3.43 20.58 -45.37
C GLU C 154 -4.13 21.73 -44.66
N ASP C 155 -5.46 21.74 -44.66
CA ASP C 155 -6.20 22.81 -44.01
C ASP C 155 -6.24 22.66 -42.49
N LYS C 156 -5.87 21.50 -41.96
CA LYS C 156 -5.92 21.26 -40.52
C LYS C 156 -4.60 21.54 -39.82
N PHE C 157 -3.52 21.80 -40.55
CA PHE C 157 -2.27 22.20 -39.93
C PHE C 157 -1.68 23.37 -40.70
N ILE C 158 -1.02 24.27 -39.98
CA ILE C 158 -0.39 25.44 -40.56
C ILE C 158 1.05 25.53 -40.06
N ASN C 159 1.98 25.71 -40.98
CA ASN C 159 3.39 25.83 -40.68
C ASN C 159 3.83 27.28 -40.79
N THR C 160 4.85 27.63 -40.00
CA THR C 160 5.42 28.97 -40.05
C THR C 160 6.49 29.04 -41.14
N VAL C 161 6.90 30.27 -41.44
CA VAL C 161 8.07 30.46 -42.30
C VAL C 161 9.30 29.99 -41.54
N PRO C 162 10.23 29.25 -42.17
CA PRO C 162 11.40 28.76 -41.42
C PRO C 162 12.34 29.87 -41.02
N MET C 163 12.34 30.21 -39.74
CA MET C 163 13.23 31.26 -39.24
C MET C 163 14.64 30.74 -39.08
N LYS C 164 15.59 31.67 -38.96
CA LYS C 164 16.99 31.35 -38.75
C LYS C 164 17.30 31.46 -37.26
N SER C 165 17.86 30.38 -36.71
CA SER C 165 18.24 30.38 -35.30
C SER C 165 19.38 31.37 -35.06
N ASP C 166 19.28 32.14 -33.98
CA ASP C 166 20.25 33.19 -33.71
C ASP C 166 21.59 32.59 -33.32
N GLY C 167 22.66 33.11 -33.93
CA GLY C 167 24.00 32.65 -33.66
C GLY C 167 24.40 31.38 -34.37
N GLU C 168 23.49 30.75 -35.12
CA GLU C 168 23.78 29.51 -35.82
C GLU C 168 23.27 29.62 -37.25
N GLN C 169 23.87 28.81 -38.12
CA GLN C 169 23.45 28.76 -39.52
C GLN C 169 22.15 27.98 -39.70
N THR C 170 21.84 27.08 -38.77
CA THR C 170 20.67 26.22 -38.87
C THR C 170 19.37 27.00 -38.69
N TYR C 171 18.26 26.36 -39.00
CA TYR C 171 16.94 26.95 -39.01
C TYR C 171 16.03 26.25 -38.00
N PHE C 172 14.77 26.70 -37.95
CA PHE C 172 13.74 26.03 -37.17
C PHE C 172 12.38 26.45 -37.72
N ILE C 173 11.38 25.60 -37.48
CA ILE C 173 10.04 25.80 -38.02
C ILE C 173 9.05 25.09 -37.08
N TYR C 174 7.83 25.62 -37.02
CA TYR C 174 6.78 25.09 -36.16
C TYR C 174 5.63 24.58 -37.02
N SER C 175 5.08 23.43 -36.64
CA SER C 175 3.88 22.90 -37.27
C SER C 175 2.88 22.59 -36.17
N LYS C 176 1.73 23.27 -36.19
CA LYS C 176 0.67 23.03 -35.22
C LYS C 176 -0.51 22.37 -35.91
N LEU C 177 -1.15 21.45 -35.21
CA LEU C 177 -2.32 20.74 -35.71
C LEU C 177 -3.46 20.96 -34.71
N ALA C 178 -4.43 21.79 -35.09
CA ALA C 178 -5.57 22.07 -34.24
C ALA C 178 -6.62 20.98 -34.44
N ILE C 179 -6.80 20.14 -33.43
CA ILE C 179 -7.78 19.06 -33.50
C ILE C 179 -8.81 19.29 -32.40
N PRO C 180 -10.04 18.78 -32.53
CA PRO C 180 -10.98 18.84 -31.42
C PRO C 180 -10.48 18.06 -30.21
N ALA C 181 -10.86 18.54 -29.02
CA ALA C 181 -10.41 17.91 -27.78
C ALA C 181 -10.97 16.49 -27.63
N ALA C 182 -12.14 16.22 -28.22
CA ALA C 182 -12.69 14.88 -28.20
C ALA C 182 -11.86 13.91 -29.03
N LYS C 183 -11.17 14.42 -30.05
CA LYS C 183 -10.31 13.56 -30.87
C LYS C 183 -9.04 13.16 -30.12
N TRP C 184 -8.46 14.08 -29.35
CA TRP C 184 -7.17 13.83 -28.72
C TRP C 184 -7.28 12.80 -27.60
N ASN C 185 -8.28 12.94 -26.73
CA ASN C 185 -8.42 12.06 -25.58
C ASN C 185 -9.05 10.72 -25.93
N GLN C 186 -9.45 10.52 -27.19
CA GLN C 186 -10.03 9.25 -27.61
C GLN C 186 -9.03 8.11 -27.57
N GLY C 187 -7.74 8.41 -27.63
CA GLY C 187 -6.70 7.40 -27.55
C GLY C 187 -5.91 7.17 -28.81
N ASP C 188 -6.23 7.84 -29.90
CA ASP C 188 -5.51 7.67 -31.15
C ASP C 188 -4.13 8.31 -31.07
N VAL C 189 -3.23 7.86 -31.93
CA VAL C 189 -1.86 8.32 -31.97
C VAL C 189 -1.70 9.29 -33.14
N PHE C 190 -1.34 10.53 -32.83
CA PHE C 190 -1.03 11.54 -33.82
C PHE C 190 0.48 11.60 -34.03
N THR C 191 0.89 11.75 -35.29
CA THR C 191 2.30 11.80 -35.62
C THR C 191 2.60 13.00 -36.50
N CYS C 192 3.83 13.50 -36.38
CA CYS C 192 4.32 14.61 -37.19
C CYS C 192 5.43 14.07 -38.07
N VAL C 193 5.15 13.97 -39.36
CA VAL C 193 6.14 13.52 -40.34
C VAL C 193 6.85 14.74 -40.92
N VAL C 194 8.17 14.68 -40.96
CA VAL C 194 9.01 15.80 -41.38
C VAL C 194 9.87 15.34 -42.55
N GLY C 195 9.82 16.10 -43.64
CA GLY C 195 10.58 15.75 -44.81
C GLY C 195 11.69 16.74 -45.13
N HIS C 196 12.94 16.29 -45.06
CA HIS C 196 14.07 17.17 -45.31
C HIS C 196 15.15 16.39 -46.04
N GLU C 197 15.99 17.12 -46.77
CA GLU C 197 16.98 16.51 -47.65
C GLU C 197 18.26 16.08 -46.93
N ALA C 198 18.49 16.54 -45.70
CA ALA C 198 19.71 16.20 -44.98
C ALA C 198 19.55 14.99 -44.09
N LEU C 199 18.38 14.38 -44.06
CA LEU C 199 18.15 13.19 -43.28
C LEU C 199 18.77 11.97 -43.98
N PRO C 200 19.05 10.88 -43.24
CA PRO C 200 19.55 9.66 -43.89
C PRO C 200 18.56 9.12 -44.91
N LEU C 201 17.34 8.86 -44.46
CA LEU C 201 16.19 8.74 -45.34
C LEU C 201 15.33 9.97 -45.14
N TYR C 202 14.88 10.57 -46.24
CA TYR C 202 14.37 11.94 -46.24
C TYR C 202 13.08 12.15 -45.46
N ILE C 203 12.57 11.09 -44.81
CA ILE C 203 11.38 11.15 -43.98
C ILE C 203 11.75 10.74 -42.56
N THR C 204 11.39 11.57 -41.60
CA THR C 204 11.46 11.22 -40.19
C THR C 204 10.14 11.62 -39.54
N GLN C 205 9.83 10.96 -38.42
CA GLN C 205 8.55 11.18 -37.77
C GLN C 205 8.65 10.85 -36.29
N GLN C 206 7.83 11.55 -35.50
CA GLN C 206 7.65 11.28 -34.09
C GLN C 206 6.17 11.09 -33.83
N SER C 207 5.84 10.29 -32.82
CA SER C 207 4.46 9.96 -32.50
C SER C 207 4.20 10.22 -31.03
N ILE C 208 3.08 10.88 -30.72
CA ILE C 208 2.65 11.09 -29.35
C ILE C 208 1.17 10.78 -29.23
N ASP C 209 0.74 10.54 -28.00
CA ASP C 209 -0.66 10.36 -27.65
C ASP C 209 -0.78 10.63 -26.16
N LYS C 210 -2.01 10.52 -25.64
CA LYS C 210 -2.20 10.61 -24.20
C LYS C 210 -1.53 9.43 -23.52
N SER C 211 -0.80 9.72 -22.45
CA SER C 211 0.12 8.79 -21.79
C SER C 211 1.11 8.21 -22.80
N SER C 212 1.92 9.13 -23.36
CA SER C 212 2.85 8.77 -24.41
C SER C 212 4.03 7.95 -23.92
N GLY C 213 4.25 7.90 -22.60
CA GLY C 213 5.34 7.13 -22.03
C GLY C 213 5.14 5.62 -22.13
N ASN D 1 21.08 -21.77 -73.48
CA ASN D 1 21.37 -20.49 -74.11
C ASN D 1 20.30 -19.46 -73.81
N LEU D 2 20.21 -19.07 -72.54
CA LEU D 2 19.27 -18.04 -72.09
C LEU D 2 20.06 -16.75 -71.97
N GLN D 3 19.88 -15.85 -72.95
CA GLN D 3 20.72 -14.66 -73.01
C GLN D 3 20.22 -13.55 -72.09
N VAL D 4 19.03 -13.04 -72.36
CA VAL D 4 18.60 -11.78 -71.75
C VAL D 4 18.02 -12.04 -70.37
N TYR D 5 18.54 -11.33 -69.37
CA TYR D 5 18.02 -11.36 -68.00
C TYR D 5 17.81 -9.91 -67.57
N PRO D 6 16.63 -9.35 -67.85
CA PRO D 6 16.38 -7.95 -67.50
C PRO D 6 16.29 -7.74 -65.99
N LEU D 7 16.63 -6.52 -65.57
CA LEU D 7 16.62 -6.14 -64.16
C LEU D 7 15.95 -4.79 -64.02
N THR D 8 14.71 -4.79 -63.52
CA THR D 8 14.02 -3.55 -63.20
C THR D 8 14.67 -2.88 -61.99
N PRO D 9 14.68 -1.55 -61.95
CA PRO D 9 15.31 -0.86 -60.81
C PRO D 9 14.51 -1.06 -59.53
N THR D 10 15.22 -1.34 -58.45
CA THR D 10 14.57 -1.53 -57.16
C THR D 10 14.11 -0.18 -56.61
N PHE D 11 13.25 -0.24 -55.60
CA PHE D 11 12.67 0.98 -55.05
C PHE D 11 13.67 1.80 -54.23
N HIS D 12 14.70 1.15 -53.69
CA HIS D 12 15.64 1.87 -52.83
C HIS D 12 16.45 2.90 -53.60
N ASP D 13 16.90 2.55 -54.81
CA ASP D 13 17.64 3.50 -55.63
C ASP D 13 16.75 4.24 -56.62
N LEU D 14 15.47 3.88 -56.72
CA LEU D 14 14.56 4.64 -57.55
C LEU D 14 14.12 5.94 -56.90
N TYR D 15 13.97 5.94 -55.58
CA TYR D 15 13.38 7.08 -54.88
C TYR D 15 14.25 7.64 -53.77
N PHE D 16 15.19 6.86 -53.23
CA PHE D 16 15.97 7.28 -52.08
C PHE D 16 17.47 7.11 -52.26
N SER D 17 17.91 6.69 -53.44
CA SER D 17 19.33 6.75 -53.79
C SER D 17 19.57 7.26 -55.21
N ARG D 18 18.52 7.55 -55.97
CA ARG D 18 18.53 8.21 -57.28
C ARG D 18 19.27 7.42 -58.35
N ASN D 19 19.61 6.15 -58.10
CA ASN D 19 20.29 5.32 -59.09
C ASN D 19 19.27 4.44 -59.81
N ALA D 20 18.39 5.11 -60.56
CA ALA D 20 17.36 4.42 -61.35
C ALA D 20 18.03 3.84 -62.58
N LYS D 21 18.62 2.65 -62.42
CA LYS D 21 19.41 2.01 -63.45
C LYS D 21 18.70 0.77 -63.97
N ILE D 22 18.69 0.60 -65.29
CA ILE D 22 18.08 -0.55 -65.94
C ILE D 22 19.21 -1.42 -66.48
N THR D 23 19.24 -2.68 -66.06
CA THR D 23 20.29 -3.62 -66.42
C THR D 23 19.71 -4.71 -67.31
N CYS D 24 20.31 -4.88 -68.50
CA CYS D 24 19.92 -5.92 -69.44
C CYS D 24 21.07 -6.94 -69.44
N LEU D 25 21.02 -7.88 -68.50
CA LEU D 25 22.12 -8.81 -68.28
C LEU D 25 22.10 -9.92 -69.32
N VAL D 26 23.26 -10.18 -69.92
CA VAL D 26 23.44 -11.27 -70.89
C VAL D 26 24.52 -12.18 -70.34
N SER D 27 24.12 -13.29 -69.71
CA SER D 27 25.08 -14.16 -69.05
C SER D 27 25.58 -15.27 -69.97
N SER D 28 24.75 -15.71 -70.91
CA SER D 28 25.07 -16.85 -71.77
C SER D 28 25.57 -16.33 -73.12
N MET D 29 26.88 -16.36 -73.32
CA MET D 29 27.48 -15.96 -74.59
C MET D 29 28.68 -16.85 -74.89
N LYS D 30 29.01 -16.93 -76.18
CA LYS D 30 30.21 -17.63 -76.63
C LYS D 30 31.14 -16.78 -77.46
N THR D 31 30.68 -15.66 -78.01
CA THR D 31 31.50 -14.77 -78.82
C THR D 31 31.31 -13.33 -78.34
N ILE D 32 32.35 -12.53 -78.51
CA ILE D 32 32.29 -11.11 -78.19
C ILE D 32 32.50 -10.21 -79.41
N GLU D 33 33.10 -10.70 -80.47
CA GLU D 33 33.27 -9.90 -81.68
C GLU D 33 31.94 -9.78 -82.43
N ASN D 34 31.78 -8.63 -83.09
CA ASN D 34 30.55 -8.27 -83.81
C ASN D 34 29.32 -8.35 -82.90
N PHE D 35 29.49 -7.88 -81.66
CA PHE D 35 28.44 -7.94 -80.65
C PHE D 35 28.25 -6.55 -80.06
N ASP D 36 27.00 -6.10 -79.99
CA ASP D 36 26.70 -4.80 -79.42
C ASP D 36 25.28 -4.82 -78.88
N ILE D 37 24.99 -3.88 -77.98
CA ILE D 37 23.67 -3.71 -77.39
C ILE D 37 23.18 -2.30 -77.75
N SER D 38 21.99 -2.22 -78.30
CA SER D 38 21.40 -0.94 -78.69
C SER D 38 20.16 -0.70 -77.83
N TRP D 39 20.28 0.24 -76.89
CA TRP D 39 19.16 0.65 -76.07
C TRP D 39 18.29 1.65 -76.82
N GLU D 40 16.99 1.63 -76.52
CA GLU D 40 16.06 2.59 -77.10
C GLU D 40 14.86 2.73 -76.17
N ARG D 41 14.13 3.83 -76.34
CA ARG D 41 12.98 4.15 -75.52
C ARG D 41 11.78 4.44 -76.41
N GLU D 42 10.58 4.17 -75.88
CA GLU D 42 9.35 4.52 -76.58
C GLU D 42 9.23 6.02 -76.74
N LYS D 43 9.66 6.79 -75.75
CA LYS D 43 9.63 8.25 -75.79
C LYS D 43 11.03 8.78 -76.08
N ALA D 44 11.08 9.90 -76.81
CA ALA D 44 12.36 10.51 -77.14
C ALA D 44 13.04 11.05 -75.89
N GLY D 45 14.34 10.78 -75.78
CA GLY D 45 15.08 11.23 -74.62
C GLY D 45 16.52 10.75 -74.67
N ASN D 46 17.24 11.02 -73.60
CA ASN D 46 18.63 10.62 -73.49
C ASN D 46 18.75 9.11 -73.33
N LEU D 47 19.93 8.58 -73.69
CA LEU D 47 20.24 7.16 -73.56
C LEU D 47 21.67 7.06 -73.04
N GLU D 48 21.80 7.04 -71.71
CA GLU D 48 23.11 6.90 -71.06
C GLU D 48 23.54 5.43 -71.10
N PHE D 49 23.97 5.02 -72.29
CA PHE D 49 24.28 3.62 -72.57
C PHE D 49 25.68 3.31 -72.07
N VAL D 50 25.77 2.52 -70.99
CA VAL D 50 27.03 2.12 -70.39
C VAL D 50 27.08 0.60 -70.34
N THR D 51 28.18 0.03 -70.81
CA THR D 51 28.35 -1.42 -70.91
C THR D 51 29.58 -1.86 -70.12
N GLU D 52 29.40 -2.84 -69.26
CA GLU D 52 30.50 -3.39 -68.48
C GLU D 52 31.44 -4.20 -69.37
N ASP D 53 32.68 -4.34 -68.91
CA ASP D 53 33.64 -5.18 -69.62
C ASP D 53 33.21 -6.65 -69.53
N PRO D 54 33.39 -7.42 -70.60
CA PRO D 54 33.01 -8.84 -70.56
C PRO D 54 33.86 -9.62 -69.58
N VAL D 55 33.20 -10.51 -68.84
CA VAL D 55 33.84 -11.33 -67.81
C VAL D 55 33.42 -12.77 -67.98
N LEU D 56 34.18 -13.67 -67.35
CA LEU D 56 33.93 -15.10 -67.40
C LEU D 56 33.03 -15.46 -66.22
N HIS D 57 31.74 -15.67 -66.50
CA HIS D 57 30.77 -16.07 -65.48
C HIS D 57 30.00 -17.29 -65.97
N ASP D 58 29.06 -17.73 -65.14
CA ASP D 58 28.21 -18.92 -65.37
C ASP D 58 29.13 -20.11 -65.57
N ASN D 59 28.93 -20.95 -66.60
CA ASN D 59 29.81 -22.09 -66.85
C ASN D 59 30.91 -21.70 -67.84
N GLY D 60 31.69 -20.69 -67.45
CA GLY D 60 32.78 -20.22 -68.27
C GLY D 60 32.39 -19.34 -69.43
N THR D 61 31.13 -18.93 -69.52
CA THR D 61 30.64 -18.13 -70.63
C THR D 61 30.94 -16.66 -70.41
N TYR D 62 30.88 -15.90 -71.50
CA TYR D 62 31.06 -14.45 -71.42
C TYR D 62 29.79 -13.78 -70.92
N SER D 63 29.95 -12.76 -70.08
CA SER D 63 28.83 -12.06 -69.47
C SER D 63 28.97 -10.56 -69.70
N VAL D 64 27.94 -9.95 -70.27
CA VAL D 64 27.89 -8.51 -70.52
C VAL D 64 26.52 -8.00 -70.09
N ALA D 65 26.52 -6.99 -69.22
CA ALA D 65 25.29 -6.33 -68.77
C ALA D 65 25.34 -4.86 -69.16
N SER D 66 24.25 -4.35 -69.73
CA SER D 66 24.17 -2.97 -70.17
C SER D 66 23.39 -2.15 -69.14
N ILE D 67 24.01 -1.09 -68.64
CA ILE D 67 23.43 -0.24 -67.60
C ILE D 67 22.96 1.05 -68.25
N LEU D 68 21.68 1.38 -68.06
CA LEU D 68 21.07 2.57 -68.62
C LEU D 68 20.61 3.48 -67.49
N SER D 69 21.02 4.74 -67.53
CA SER D 69 20.62 5.73 -66.55
C SER D 69 19.34 6.41 -67.04
N VAL D 70 18.26 6.28 -66.28
CA VAL D 70 16.94 6.76 -66.68
C VAL D 70 16.37 7.59 -65.53
N CYS D 71 15.70 8.70 -65.88
CA CYS D 71 14.98 9.48 -64.89
C CYS D 71 13.94 8.63 -64.18
N ALA D 72 13.86 8.80 -62.85
CA ALA D 72 12.94 8.00 -62.06
C ALA D 72 11.48 8.32 -62.37
N GLU D 73 11.18 9.58 -62.70
CA GLU D 73 9.82 9.91 -63.15
C GLU D 73 9.53 9.31 -64.51
N ASP D 74 10.55 9.19 -65.36
CA ASP D 74 10.34 8.60 -66.68
C ASP D 74 10.07 7.10 -66.59
N TRP D 75 10.73 6.41 -65.66
CA TRP D 75 10.50 4.98 -65.50
C TRP D 75 9.08 4.68 -65.04
N GLU D 76 8.55 5.50 -64.13
CA GLU D 76 7.20 5.30 -63.62
C GLU D 76 6.14 5.90 -64.52
N SER D 77 6.53 6.56 -65.62
CA SER D 77 5.56 7.13 -66.55
C SER D 77 4.82 6.07 -67.36
N GLY D 78 5.33 4.84 -67.41
CA GLY D 78 4.68 3.76 -68.12
C GLY D 78 5.26 3.39 -69.45
N ASP D 79 6.37 4.02 -69.86
CA ASP D 79 7.00 3.67 -71.12
C ASP D 79 7.72 2.33 -71.01
N LYS D 80 8.02 1.75 -72.16
CA LYS D 80 8.67 0.45 -72.23
C LYS D 80 10.08 0.61 -72.77
N PHE D 81 11.05 0.03 -72.06
CA PHE D 81 12.45 0.09 -72.43
C PHE D 81 12.86 -1.27 -72.98
N SER D 82 13.40 -1.30 -74.19
CA SER D 82 13.78 -2.53 -74.84
C SER D 82 15.27 -2.51 -75.17
N CYS D 83 15.98 -3.54 -74.70
CA CYS D 83 17.39 -3.74 -75.03
C CYS D 83 17.49 -4.75 -76.15
N THR D 84 18.25 -4.40 -77.19
CA THR D 84 18.41 -5.24 -78.37
C THR D 84 19.85 -5.72 -78.42
N VAL D 85 20.10 -6.90 -77.87
CA VAL D 85 21.42 -7.52 -77.94
C VAL D 85 21.51 -8.33 -79.23
N ARG D 86 22.72 -8.42 -79.78
CA ARG D 86 22.92 -9.10 -81.06
C ARG D 86 24.37 -9.49 -81.18
N SER D 87 24.63 -10.79 -81.36
CA SER D 87 25.98 -11.29 -81.53
C SER D 87 26.01 -12.38 -82.60
N GLN D 88 27.13 -13.10 -82.70
CA GLN D 88 27.22 -14.21 -83.64
C GLN D 88 26.35 -15.39 -83.23
N ASP D 89 25.97 -15.47 -81.95
CA ASP D 89 25.12 -16.55 -81.45
C ASP D 89 23.63 -16.25 -81.60
N LEU D 90 23.28 -15.08 -82.14
CA LEU D 90 21.87 -14.67 -82.21
C LEU D 90 21.38 -14.76 -83.65
N PRO D 91 20.56 -15.76 -83.99
CA PRO D 91 19.89 -15.73 -85.31
C PRO D 91 18.93 -14.57 -85.45
N SER D 92 18.30 -14.16 -84.35
CA SER D 92 17.41 -13.01 -84.33
C SER D 92 17.67 -12.28 -83.01
N PRO D 93 17.90 -10.97 -83.04
CA PRO D 93 18.11 -10.22 -81.80
C PRO D 93 16.86 -10.25 -80.91
N VAL D 94 17.08 -10.31 -79.61
CA VAL D 94 16.00 -10.40 -78.63
C VAL D 94 15.67 -8.98 -78.17
N LYS D 95 14.47 -8.52 -78.51
CA LYS D 95 14.00 -7.19 -78.11
C LYS D 95 13.07 -7.35 -76.91
N LYS D 96 13.68 -7.57 -75.75
CA LYS D 96 12.93 -7.73 -74.52
C LYS D 96 12.58 -6.37 -73.94
N THR D 97 11.28 -6.09 -73.82
CA THR D 97 10.82 -4.80 -73.31
C THR D 97 10.75 -4.83 -71.78
N ILE D 98 11.17 -3.74 -71.16
CA ILE D 98 11.16 -3.58 -69.71
C ILE D 98 10.30 -2.38 -69.38
N PHE D 99 9.32 -2.58 -68.49
CA PHE D 99 8.47 -1.50 -68.01
C PHE D 99 8.00 -1.85 -66.61
N LYS D 100 7.51 -0.84 -65.90
CA LYS D 100 7.02 -1.03 -64.53
C LYS D 100 5.71 -1.81 -64.59
N GLN D 101 5.79 -3.11 -64.35
CA GLN D 101 4.60 -3.96 -64.42
C GLN D 101 3.67 -3.69 -63.25
N ASN D 102 2.37 -3.65 -63.54
CA ASN D 102 1.37 -3.55 -62.49
C ASN D 102 1.22 -4.90 -61.79
N GLU D 103 1.01 -4.86 -60.47
CA GLU D 103 0.87 -6.05 -59.65
C GLU D 103 -0.38 -5.93 -58.78
N GLY D 104 -1.49 -5.56 -59.40
CA GLY D 104 -2.71 -5.31 -58.67
C GLY D 104 -2.73 -3.91 -58.09
N THR D 105 -3.83 -3.59 -57.42
CA THR D 105 -3.94 -2.29 -56.77
C THR D 105 -2.97 -2.22 -55.59
N PRO D 106 -2.20 -1.14 -55.45
CA PRO D 106 -1.24 -1.04 -54.35
C PRO D 106 -1.96 -0.96 -53.00
N LYS D 107 -1.36 -1.60 -52.00
CA LYS D 107 -1.85 -1.56 -50.63
C LYS D 107 -0.68 -1.28 -49.71
N ALA D 108 -0.85 -0.34 -48.79
CA ALA D 108 0.24 0.09 -47.93
C ALA D 108 0.58 -0.99 -46.93
N PRO D 109 1.85 -1.32 -46.73
CA PRO D 109 2.22 -2.34 -45.75
C PRO D 109 1.97 -1.86 -44.33
N ASP D 110 1.85 -2.82 -43.43
CA ASP D 110 1.61 -2.56 -42.01
C ASP D 110 2.81 -3.05 -41.24
N VAL D 111 3.67 -2.13 -40.83
CA VAL D 111 4.88 -2.49 -40.10
C VAL D 111 4.52 -2.84 -38.66
N TYR D 112 4.93 -4.02 -38.23
CA TYR D 112 4.72 -4.49 -36.86
C TYR D 112 6.05 -4.99 -36.33
N LEU D 113 6.75 -4.15 -35.57
CA LEU D 113 8.05 -4.54 -35.05
C LEU D 113 7.82 -5.43 -33.83
N LEU D 114 8.32 -6.66 -33.90
CA LEU D 114 8.20 -7.59 -32.79
C LEU D 114 9.33 -7.37 -31.80
N PRO D 115 9.04 -7.17 -30.52
CA PRO D 115 10.10 -7.11 -29.52
C PRO D 115 10.68 -8.50 -29.30
N PRO D 116 11.86 -8.60 -28.68
CA PRO D 116 12.42 -9.92 -28.38
C PRO D 116 11.55 -10.70 -27.42
N SER D 117 11.60 -12.02 -27.54
CA SER D 117 10.80 -12.90 -26.70
C SER D 117 11.32 -12.89 -25.26
N ALA D 118 10.58 -13.58 -24.39
CA ALA D 118 10.95 -13.63 -22.98
C ALA D 118 12.20 -14.47 -22.73
N GLN D 119 12.66 -15.24 -23.73
CA GLN D 119 13.82 -16.10 -23.56
C GLN D 119 15.09 -15.37 -24.02
N GLU D 120 15.36 -14.26 -23.33
CA GLU D 120 16.62 -13.54 -23.51
C GLU D 120 17.72 -14.08 -22.61
N LEU D 121 17.34 -14.69 -21.48
CA LEU D 121 18.33 -15.23 -20.55
C LEU D 121 19.10 -16.39 -21.16
N ILE D 122 18.45 -17.25 -21.93
CA ILE D 122 19.16 -18.24 -22.73
C ILE D 122 19.58 -17.61 -24.05
N GLN D 123 20.80 -17.93 -24.48
CA GLN D 123 21.42 -17.36 -25.68
C GLN D 123 21.44 -15.83 -25.61
N GLN D 124 22.22 -15.35 -24.63
CA GLN D 124 22.30 -13.92 -24.38
C GLN D 124 22.87 -13.17 -25.57
N GLU D 125 23.88 -13.74 -26.22
CA GLU D 125 24.40 -13.16 -27.45
C GLU D 125 23.40 -13.36 -28.58
N MET D 126 23.37 -12.40 -29.50
CA MET D 126 22.54 -12.42 -30.71
C MET D 126 21.04 -12.54 -30.38
N VAL D 127 20.53 -11.53 -29.71
CA VAL D 127 19.10 -11.41 -29.47
C VAL D 127 18.46 -10.71 -30.67
N THR D 128 17.41 -11.31 -31.22
CA THR D 128 16.87 -10.88 -32.51
C THR D 128 15.63 -10.03 -32.33
N LEU D 129 15.60 -8.89 -33.00
CA LEU D 129 14.41 -8.07 -33.13
C LEU D 129 13.85 -8.24 -34.52
N ILE D 130 12.55 -8.56 -34.62
CA ILE D 130 11.94 -8.97 -35.87
C ILE D 130 10.95 -7.89 -36.31
N CYS D 131 11.12 -7.43 -37.56
CA CYS D 131 10.24 -6.41 -38.13
C CYS D 131 9.27 -7.10 -39.08
N PHE D 132 8.19 -7.62 -38.51
CA PHE D 132 7.14 -8.26 -39.30
C PHE D 132 6.32 -7.17 -39.98
N VAL D 133 6.60 -6.91 -41.25
CA VAL D 133 5.84 -5.95 -42.04
C VAL D 133 5.07 -6.71 -43.11
N THR D 134 3.76 -6.43 -43.19
CA THR D 134 2.86 -7.23 -43.98
C THR D 134 1.80 -6.34 -44.64
N GLY D 135 1.21 -6.85 -45.72
CA GLY D 135 0.08 -6.21 -46.35
C GLY D 135 0.39 -5.45 -47.62
N PHE D 136 1.61 -5.55 -48.15
CA PHE D 136 1.96 -4.76 -49.34
C PHE D 136 1.72 -5.57 -50.60
N ASN D 137 1.01 -4.97 -51.57
CA ASN D 137 0.66 -5.68 -52.79
C ASN D 137 1.80 -5.73 -53.81
N PRO D 138 2.51 -4.64 -54.12
CA PRO D 138 3.74 -4.81 -54.89
C PRO D 138 4.83 -5.40 -54.01
N LYS D 139 5.53 -6.40 -54.54
CA LYS D 139 6.51 -7.11 -53.73
C LYS D 139 7.82 -6.34 -53.57
N GLU D 140 7.99 -5.23 -54.28
CA GLU D 140 9.20 -4.42 -54.13
C GLU D 140 9.13 -3.62 -52.84
N ILE D 141 9.95 -3.99 -51.86
CA ILE D 141 10.00 -3.32 -50.58
C ILE D 141 11.44 -3.38 -50.07
N PHE D 142 11.89 -2.30 -49.43
CA PHE D 142 13.20 -2.29 -48.80
C PHE D 142 13.03 -1.97 -47.33
N ILE D 143 13.76 -2.70 -46.49
CA ILE D 143 13.73 -2.54 -45.05
C ILE D 143 15.12 -2.20 -44.58
N GLN D 144 15.24 -1.15 -43.76
CA GLN D 144 16.50 -0.79 -43.13
C GLN D 144 16.27 -0.69 -41.63
N TRP D 145 17.38 -0.77 -40.89
CA TRP D 145 17.34 -0.75 -39.44
C TRP D 145 18.19 0.41 -38.92
N MET D 146 17.67 1.11 -37.93
CA MET D 146 18.41 2.19 -37.26
C MET D 146 18.24 2.04 -35.75
N GLN D 147 19.31 2.34 -35.02
CA GLN D 147 19.34 2.22 -33.58
C GLN D 147 19.39 3.59 -32.90
N GLY D 148 18.61 4.54 -33.42
CA GLY D 148 18.56 5.86 -32.85
C GLY D 148 19.09 6.95 -33.75
N GLY D 149 18.91 6.80 -35.05
CA GLY D 149 19.34 7.80 -36.00
C GLY D 149 20.45 7.33 -36.92
N VAL D 150 21.35 6.52 -36.39
CA VAL D 150 22.44 5.97 -37.19
C VAL D 150 21.95 4.67 -37.85
N SER D 151 22.25 4.53 -39.13
CA SER D 151 21.75 3.39 -39.90
C SER D 151 22.59 2.16 -39.61
N ILE D 152 21.92 1.07 -39.24
CA ILE D 152 22.59 -0.21 -39.03
C ILE D 152 22.92 -0.81 -40.39
N SER D 153 24.11 -1.38 -40.51
CA SER D 153 24.59 -1.92 -41.78
C SER D 153 23.77 -3.12 -42.21
N GLU D 154 23.77 -3.38 -43.52
CA GLU D 154 22.98 -4.45 -44.10
C GLU D 154 23.47 -5.84 -43.72
N ASP D 155 24.67 -5.96 -43.14
CA ASP D 155 25.19 -7.24 -42.72
C ASP D 155 24.70 -7.65 -41.33
N LYS D 156 24.00 -6.78 -40.62
CA LYS D 156 23.51 -7.11 -39.29
C LYS D 156 22.04 -7.53 -39.28
N PHE D 157 21.30 -7.29 -40.36
CA PHE D 157 19.94 -7.77 -40.47
C PHE D 157 19.77 -8.51 -41.79
N ILE D 158 18.95 -9.55 -41.79
CA ILE D 158 18.67 -10.34 -42.99
C ILE D 158 17.16 -10.41 -43.18
N ASN D 159 16.71 -10.14 -44.41
CA ASN D 159 15.30 -10.16 -44.76
C ASN D 159 15.00 -11.39 -45.60
N THR D 160 13.81 -11.95 -45.41
CA THR D 160 13.38 -13.09 -46.22
C THR D 160 12.93 -12.61 -47.59
N VAL D 161 12.52 -13.55 -48.43
CA VAL D 161 11.87 -13.21 -49.69
C VAL D 161 10.48 -12.68 -49.35
N PRO D 162 9.91 -11.80 -50.15
CA PRO D 162 8.55 -11.32 -49.86
C PRO D 162 7.53 -12.41 -50.16
N MET D 163 7.31 -13.30 -49.21
CA MET D 163 6.41 -14.41 -49.43
C MET D 163 4.96 -13.94 -49.50
N LYS D 164 4.23 -14.45 -50.49
CA LYS D 164 2.85 -14.03 -50.69
C LYS D 164 1.96 -14.54 -49.57
N SER D 165 1.08 -13.66 -49.08
CA SER D 165 0.14 -14.04 -48.04
C SER D 165 -0.90 -15.03 -48.59
N ASP D 166 -1.26 -16.00 -47.76
CA ASP D 166 -2.15 -17.06 -48.22
C ASP D 166 -3.57 -16.55 -48.40
N GLY D 167 -4.15 -16.84 -49.57
CA GLY D 167 -5.53 -16.49 -49.83
C GLY D 167 -5.79 -15.03 -50.13
N GLU D 168 -4.75 -14.19 -50.19
CA GLU D 168 -4.92 -12.77 -50.43
C GLU D 168 -3.95 -12.33 -51.51
N GLN D 169 -4.12 -11.09 -51.97
CA GLN D 169 -3.22 -10.47 -52.93
C GLN D 169 -2.01 -9.82 -52.26
N THR D 170 -2.05 -9.65 -50.94
CA THR D 170 -1.00 -8.98 -50.20
C THR D 170 0.20 -9.91 -49.99
N TYR D 171 1.28 -9.33 -49.51
CA TYR D 171 2.52 -10.05 -49.23
C TYR D 171 2.92 -9.82 -47.77
N PHE D 172 3.95 -10.54 -47.33
CA PHE D 172 4.50 -10.33 -46.00
C PHE D 172 5.97 -10.72 -46.01
N ILE D 173 6.75 -10.05 -45.17
CA ILE D 173 8.20 -10.21 -45.14
C ILE D 173 8.67 -9.90 -43.72
N TYR D 174 9.74 -10.56 -43.31
CA TYR D 174 10.33 -10.38 -41.99
C TYR D 174 11.73 -9.77 -42.12
N SER D 175 12.16 -9.13 -41.03
CA SER D 175 13.50 -8.53 -40.96
C SER D 175 14.01 -8.72 -39.54
N LYS D 176 14.74 -9.81 -39.32
CA LYS D 176 15.35 -10.03 -38.01
C LYS D 176 16.64 -9.23 -37.89
N LEU D 177 16.87 -8.69 -36.71
CA LEU D 177 18.08 -7.93 -36.42
C LEU D 177 18.79 -8.60 -35.25
N ALA D 178 19.87 -9.32 -35.54
CA ALA D 178 20.62 -10.02 -34.50
C ALA D 178 21.58 -9.04 -33.84
N ILE D 179 21.31 -8.70 -32.58
CA ILE D 179 22.17 -7.80 -31.81
C ILE D 179 22.49 -8.45 -30.48
N PRO D 180 23.63 -8.12 -29.85
CA PRO D 180 23.86 -8.57 -28.48
C PRO D 180 22.86 -7.96 -27.52
N ALA D 181 22.58 -8.70 -26.45
CA ALA D 181 21.60 -8.25 -25.46
C ALA D 181 22.11 -7.06 -24.64
N ALA D 182 23.41 -6.80 -24.65
CA ALA D 182 23.95 -5.63 -23.98
C ALA D 182 23.43 -4.35 -24.61
N LYS D 183 23.32 -4.32 -25.94
CA LYS D 183 22.72 -3.18 -26.62
C LYS D 183 21.25 -3.05 -26.29
N TRP D 184 20.51 -4.17 -26.27
CA TRP D 184 19.08 -4.12 -25.97
C TRP D 184 18.83 -3.72 -24.52
N ASN D 185 19.66 -4.21 -23.59
CA ASN D 185 19.51 -3.85 -22.19
C ASN D 185 19.99 -2.43 -21.89
N GLN D 186 20.72 -1.80 -22.81
CA GLN D 186 21.14 -0.42 -22.61
C GLN D 186 19.97 0.54 -22.64
N GLY D 187 18.91 0.19 -23.35
CA GLY D 187 17.72 1.03 -23.43
C GLY D 187 17.61 1.90 -24.65
N ASP D 188 18.48 1.73 -25.64
CA ASP D 188 18.39 2.54 -26.85
C ASP D 188 17.17 2.15 -27.68
N VAL D 189 16.73 3.07 -28.52
CA VAL D 189 15.54 2.88 -29.33
C VAL D 189 15.96 2.31 -30.68
N PHE D 190 15.47 1.12 -31.00
CA PHE D 190 15.69 0.50 -32.30
C PHE D 190 14.49 0.77 -33.19
N THR D 191 14.75 1.27 -34.40
CA THR D 191 13.70 1.61 -35.33
C THR D 191 13.85 0.78 -36.59
N CYS D 192 12.75 0.16 -37.03
CA CYS D 192 12.71 -0.54 -38.31
C CYS D 192 12.04 0.39 -39.31
N VAL D 193 12.84 0.98 -40.17
CA VAL D 193 12.33 1.86 -41.22
C VAL D 193 12.04 1.02 -42.46
N VAL D 194 10.84 1.19 -43.01
CA VAL D 194 10.33 0.35 -44.09
C VAL D 194 9.91 1.24 -45.24
N GLY D 195 10.41 0.95 -46.43
CA GLY D 195 10.10 1.77 -47.59
C GLY D 195 9.34 1.03 -48.67
N HIS D 196 8.13 1.49 -48.97
CA HIS D 196 7.30 0.84 -49.96
C HIS D 196 6.60 1.91 -50.79
N GLU D 197 6.24 1.54 -52.03
CA GLU D 197 5.62 2.49 -52.94
C GLU D 197 4.23 2.91 -52.47
N ALA D 198 3.45 1.98 -51.94
CA ALA D 198 2.05 2.24 -51.65
C ALA D 198 1.83 3.08 -50.40
N LEU D 199 2.88 3.37 -49.63
CA LEU D 199 2.76 4.20 -48.45
C LEU D 199 2.43 5.65 -48.85
N PRO D 200 1.76 6.40 -47.98
CA PRO D 200 1.41 7.80 -48.35
C PRO D 200 2.62 8.66 -48.59
N LEU D 201 3.53 8.74 -47.63
CA LEU D 201 4.92 9.08 -47.89
C LEU D 201 5.72 7.80 -47.82
N TYR D 202 6.66 7.63 -48.75
CA TYR D 202 7.19 6.33 -49.11
C TYR D 202 8.03 5.68 -47.99
N ILE D 203 8.15 6.33 -46.84
CA ILE D 203 8.91 5.83 -45.70
C ILE D 203 7.99 5.78 -44.49
N THR D 204 7.99 4.63 -43.80
CA THR D 204 7.39 4.52 -42.48
C THR D 204 8.36 3.77 -41.58
N GLN D 205 8.18 3.94 -40.27
CA GLN D 205 9.07 3.31 -39.31
C GLN D 205 8.32 3.06 -38.01
N GLN D 206 8.76 2.02 -37.30
CA GLN D 206 8.24 1.70 -35.98
C GLN D 206 9.40 1.59 -35.00
N SER D 207 9.16 2.02 -33.76
CA SER D 207 10.20 2.11 -32.75
C SER D 207 9.91 1.14 -31.61
N ILE D 208 10.96 0.79 -30.87
CA ILE D 208 10.85 -0.08 -29.71
C ILE D 208 12.01 0.24 -28.77
N ASP D 209 11.81 -0.08 -27.49
CA ASP D 209 12.89 -0.02 -26.51
C ASP D 209 12.50 -0.92 -25.34
N LYS D 210 13.38 -0.99 -24.35
CA LYS D 210 13.13 -1.82 -23.19
C LYS D 210 12.07 -1.16 -22.31
N ASN E 1 -11.04 76.87 7.71
CA ASN E 1 -11.13 77.19 6.28
C ASN E 1 -10.02 76.52 5.49
N LEU E 2 -10.18 75.22 5.24
CA LEU E 2 -9.23 74.44 4.44
C LEU E 2 -9.84 74.26 3.06
N GLN E 3 -9.49 75.14 2.14
CA GLN E 3 -10.09 75.13 0.81
C GLN E 3 -9.49 74.04 -0.06
N VAL E 4 -8.19 74.12 -0.33
CA VAL E 4 -7.56 73.28 -1.34
C VAL E 4 -7.27 71.91 -0.77
N TYR E 5 -7.93 70.90 -1.33
CA TYR E 5 -7.58 69.48 -1.13
C TYR E 5 -7.18 68.93 -2.49
N PRO E 6 -5.89 68.93 -2.81
CA PRO E 6 -5.45 68.32 -4.07
C PRO E 6 -5.48 66.80 -4.01
N LEU E 7 -5.29 66.19 -5.17
CA LEU E 7 -5.21 64.74 -5.27
C LEU E 7 -4.34 64.36 -6.46
N THR E 8 -3.86 63.13 -6.45
CA THR E 8 -3.04 62.58 -7.51
C THR E 8 -3.71 61.35 -8.11
N PRO E 9 -3.52 61.09 -9.41
CA PRO E 9 -4.02 59.84 -10.00
C PRO E 9 -3.23 58.65 -9.46
N THR E 10 -3.94 57.55 -9.21
CA THR E 10 -3.31 56.36 -8.68
C THR E 10 -2.55 55.64 -9.80
N PHE E 11 -2.03 54.45 -9.50
CA PHE E 11 -1.33 53.70 -10.54
C PHE E 11 -2.30 53.03 -11.50
N HIS E 12 -3.51 52.71 -11.05
CA HIS E 12 -4.44 51.98 -11.90
C HIS E 12 -4.98 52.84 -13.04
N ASP E 13 -5.29 54.11 -12.76
CA ASP E 13 -5.79 54.99 -13.80
C ASP E 13 -4.69 55.71 -14.56
N LEU E 14 -3.43 55.47 -14.20
CA LEU E 14 -2.32 56.10 -14.93
C LEU E 14 -1.82 55.21 -16.06
N TYR E 15 -1.76 53.90 -15.85
CA TYR E 15 -1.21 52.99 -16.83
C TYR E 15 -2.22 52.02 -17.41
N PHE E 16 -3.22 51.62 -16.63
CA PHE E 16 -4.13 50.56 -17.04
C PHE E 16 -5.57 51.03 -17.23
N SER E 17 -5.84 52.31 -17.00
CA SER E 17 -7.11 52.91 -17.37
C SER E 17 -6.94 54.22 -18.13
N ARG E 18 -5.73 54.78 -18.16
CA ARG E 18 -5.33 55.95 -18.94
C ARG E 18 -6.09 57.22 -18.57
N ASN E 19 -6.78 57.23 -17.43
CA ASN E 19 -7.51 58.42 -16.98
C ASN E 19 -6.67 59.18 -15.97
N ALA E 20 -5.54 59.70 -16.46
CA ALA E 20 -4.65 60.52 -15.65
C ALA E 20 -5.31 61.87 -15.45
N LYS E 21 -6.05 62.01 -14.35
CA LYS E 21 -6.92 63.16 -14.12
C LYS E 21 -6.57 63.76 -12.76
N ILE E 22 -5.74 64.79 -12.76
CA ILE E 22 -5.48 65.55 -11.54
C ILE E 22 -6.67 66.46 -11.28
N THR E 23 -7.09 66.52 -10.02
CA THR E 23 -8.28 67.27 -9.61
C THR E 23 -7.96 68.15 -8.41
N CYS E 24 -8.33 69.43 -8.49
CA CYS E 24 -8.17 70.38 -7.40
C CYS E 24 -9.52 70.52 -6.70
N LEU E 25 -9.76 69.68 -5.71
CA LEU E 25 -11.03 69.68 -4.99
C LEU E 25 -11.03 70.76 -3.93
N VAL E 26 -11.87 71.77 -4.11
CA VAL E 26 -12.04 72.85 -3.15
C VAL E 26 -13.28 72.51 -2.34
N SER E 27 -13.08 71.81 -1.22
CA SER E 27 -14.21 71.23 -0.49
C SER E 27 -15.02 72.27 0.25
N SER E 28 -14.34 73.20 0.93
CA SER E 28 -15.00 74.19 1.78
C SER E 28 -14.97 75.55 1.10
N MET E 29 -16.14 76.17 0.96
CA MET E 29 -16.27 77.47 0.33
C MET E 29 -17.42 78.23 0.98
N LYS E 30 -17.39 79.55 0.84
CA LYS E 30 -18.45 80.42 1.35
C LYS E 30 -19.21 81.14 0.26
N THR E 31 -18.52 81.61 -0.79
CA THR E 31 -19.14 82.31 -1.89
C THR E 31 -18.94 81.53 -3.19
N ILE E 32 -19.84 81.75 -4.14
CA ILE E 32 -19.74 81.14 -5.46
C ILE E 32 -19.48 82.16 -6.55
N GLU E 33 -19.60 83.45 -6.26
CA GLU E 33 -19.30 84.50 -7.22
C GLU E 33 -17.85 84.96 -7.06
N ASN E 34 -17.29 85.47 -8.17
CA ASN E 34 -15.91 85.98 -8.22
C ASN E 34 -14.90 84.92 -7.79
N PHE E 35 -15.16 83.67 -8.16
CA PHE E 35 -14.30 82.54 -7.83
C PHE E 35 -14.07 81.70 -9.07
N ASP E 36 -12.79 81.42 -9.36
CA ASP E 36 -12.44 80.56 -10.48
C ASP E 36 -11.05 79.97 -10.22
N ILE E 37 -10.77 78.86 -10.89
CA ILE E 37 -9.49 78.18 -10.80
C ILE E 37 -8.86 78.16 -12.19
N SER E 38 -7.56 78.41 -12.24
CA SER E 38 -6.81 78.36 -13.49
C SER E 38 -5.76 77.27 -13.39
N TRP E 39 -5.71 76.40 -14.41
CA TRP E 39 -4.77 75.29 -14.45
C TRP E 39 -3.58 75.68 -15.31
N GLU E 40 -2.38 75.54 -14.77
CA GLU E 40 -1.16 75.95 -15.46
C GLU E 40 -0.11 74.85 -15.33
N ARG E 41 0.80 74.81 -16.30
CA ARG E 41 1.89 73.85 -16.33
C ARG E 41 3.23 74.58 -16.34
N GLU E 42 4.29 73.84 -16.01
CA GLU E 42 5.64 74.33 -16.16
C GLU E 42 6.27 73.92 -17.49
N LYS E 43 5.52 73.21 -18.34
CA LYS E 43 5.95 72.84 -19.67
C LYS E 43 4.83 73.11 -20.66
N ALA E 44 5.22 73.34 -21.91
CA ALA E 44 4.24 73.58 -22.97
C ALA E 44 3.53 72.29 -23.35
N GLY E 45 2.24 72.41 -23.64
CA GLY E 45 1.47 71.24 -24.01
C GLY E 45 -0.02 71.58 -24.08
N ASN E 46 -0.83 70.58 -23.76
CA ASN E 46 -2.28 70.72 -23.80
C ASN E 46 -2.84 71.07 -22.44
N LEU E 47 -3.94 71.83 -22.45
CA LEU E 47 -4.64 72.26 -21.23
C LEU E 47 -6.11 71.89 -21.39
N GLU E 48 -6.46 70.66 -21.01
CA GLU E 48 -7.86 70.20 -21.05
C GLU E 48 -8.54 70.62 -19.74
N PHE E 49 -8.80 71.92 -19.65
CA PHE E 49 -9.25 72.55 -18.41
C PHE E 49 -10.74 72.33 -18.26
N VAL E 50 -11.13 71.46 -17.32
CA VAL E 50 -12.53 71.13 -17.06
C VAL E 50 -12.82 71.39 -15.59
N THR E 51 -13.96 72.02 -15.31
CA THR E 51 -14.39 72.28 -13.95
C THR E 51 -15.80 71.75 -13.72
N GLU E 52 -16.07 71.35 -12.48
CA GLU E 52 -17.39 70.91 -12.07
C GLU E 52 -18.13 72.03 -11.37
N ASP E 53 -19.46 71.99 -11.45
CA ASP E 53 -20.29 72.94 -10.72
C ASP E 53 -20.20 72.65 -9.22
N PRO E 54 -20.28 73.69 -8.39
CA PRO E 54 -20.24 73.48 -6.94
C PRO E 54 -21.45 72.71 -6.44
N VAL E 55 -21.24 71.90 -5.39
CA VAL E 55 -22.28 71.08 -4.81
C VAL E 55 -22.27 71.28 -3.30
N LEU E 56 -23.42 71.01 -2.68
CA LEU E 56 -23.59 71.23 -1.25
C LEU E 56 -23.05 70.02 -0.49
N HIS E 57 -21.78 70.08 -0.10
CA HIS E 57 -21.13 69.03 0.66
C HIS E 57 -20.56 69.62 1.95
N ASP E 58 -19.87 68.76 2.71
CA ASP E 58 -19.20 69.10 3.97
C ASP E 58 -20.24 69.64 4.95
N ASN E 59 -20.00 70.73 5.65
CA ASN E 59 -20.95 71.28 6.62
C ASN E 59 -21.86 72.31 5.93
N GLY E 60 -22.53 71.86 4.87
CA GLY E 60 -23.40 72.75 4.12
C GLY E 60 -22.68 73.78 3.28
N THR E 61 -21.44 73.51 2.89
CA THR E 61 -20.66 74.43 2.09
C THR E 61 -20.62 73.97 0.64
N TYR E 62 -19.91 74.73 -0.20
CA TYR E 62 -19.82 74.46 -1.62
C TYR E 62 -18.51 73.74 -1.93
N SER E 63 -18.60 72.59 -2.59
CA SER E 63 -17.44 71.79 -2.97
C SER E 63 -17.26 71.86 -4.48
N VAL E 64 -16.09 72.31 -4.92
CA VAL E 64 -15.78 72.52 -6.32
C VAL E 64 -14.60 71.63 -6.70
N ALA E 65 -14.72 70.91 -7.80
CA ALA E 65 -13.66 70.05 -8.31
C ALA E 65 -13.32 70.48 -9.74
N SER E 66 -12.03 70.56 -10.03
CA SER E 66 -11.53 70.97 -11.34
C SER E 66 -10.62 69.87 -11.87
N ILE E 67 -11.08 69.15 -12.89
CA ILE E 67 -10.39 67.98 -13.41
C ILE E 67 -9.61 68.38 -14.66
N LEU E 68 -8.32 68.08 -14.67
CA LEU E 68 -7.45 68.35 -15.82
C LEU E 68 -7.01 67.02 -16.42
N SER E 69 -7.29 66.84 -17.71
CA SER E 69 -6.89 65.64 -18.43
C SER E 69 -5.44 65.80 -18.88
N VAL E 70 -4.56 64.94 -18.40
CA VAL E 70 -3.14 65.03 -18.68
C VAL E 70 -2.63 63.70 -19.22
N CYS E 71 -1.56 63.77 -20.00
CA CYS E 71 -0.87 62.57 -20.43
C CYS E 71 -0.18 61.92 -19.24
N ALA E 72 -0.13 60.59 -19.24
CA ALA E 72 0.55 59.88 -18.16
C ALA E 72 2.06 60.00 -18.27
N GLU E 73 2.57 60.28 -19.46
CA GLU E 73 4.01 60.45 -19.64
C GLU E 73 4.50 61.74 -18.97
N ASP E 74 3.70 62.80 -19.02
CA ASP E 74 4.09 64.05 -18.39
C ASP E 74 3.99 63.96 -16.87
N TRP E 75 3.04 63.17 -16.36
CA TRP E 75 2.89 63.03 -14.91
C TRP E 75 4.06 62.26 -14.31
N GLU E 76 4.50 61.18 -14.96
CA GLU E 76 5.60 60.37 -14.45
C GLU E 76 6.95 61.05 -14.61
N SER E 77 7.04 62.11 -15.41
CA SER E 77 8.28 62.82 -15.61
C SER E 77 8.53 63.89 -14.54
N GLY E 78 7.61 64.05 -13.60
CA GLY E 78 7.79 65.04 -12.56
C GLY E 78 7.41 66.45 -12.93
N ASP E 79 6.52 66.62 -13.91
CA ASP E 79 6.09 67.95 -14.30
C ASP E 79 5.23 68.58 -13.21
N LYS E 80 5.58 69.81 -12.82
CA LYS E 80 4.87 70.50 -11.76
C LYS E 80 3.48 70.92 -12.25
N PHE E 81 2.46 70.65 -11.43
CA PHE E 81 1.08 70.99 -11.76
C PHE E 81 0.45 71.68 -10.57
N SER E 82 0.05 72.93 -10.76
CA SER E 82 -0.49 73.75 -9.68
C SER E 82 -1.84 74.30 -10.08
N CYS E 83 -2.83 74.17 -9.21
CA CYS E 83 -4.14 74.77 -9.39
C CYS E 83 -4.19 76.07 -8.61
N THR E 84 -4.60 77.14 -9.28
CA THR E 84 -4.61 78.48 -8.70
C THR E 84 -6.05 78.87 -8.40
N VAL E 85 -6.51 78.56 -7.19
CA VAL E 85 -7.83 78.99 -6.75
C VAL E 85 -7.73 80.45 -6.27
N ARG E 86 -8.85 81.16 -6.39
CA ARG E 86 -8.90 82.57 -6.00
C ARG E 86 -10.35 82.98 -5.85
N SER E 87 -10.68 83.56 -4.69
CA SER E 87 -12.05 83.97 -4.40
C SER E 87 -12.00 85.14 -3.43
N GLN E 88 -13.19 85.67 -3.11
CA GLN E 88 -13.29 86.76 -2.14
C GLN E 88 -12.93 86.31 -0.73
N ASP E 89 -13.04 85.01 -0.44
CA ASP E 89 -12.70 84.49 0.88
C ASP E 89 -11.20 84.32 1.09
N LEU E 90 -10.41 84.38 0.02
CA LEU E 90 -8.96 84.22 0.12
C LEU E 90 -8.28 85.55 -0.11
N PRO E 91 -7.56 86.09 0.87
CA PRO E 91 -6.78 87.32 0.61
C PRO E 91 -5.71 87.16 -0.45
N SER E 92 -5.12 85.97 -0.56
CA SER E 92 -4.14 85.65 -1.59
C SER E 92 -4.49 84.30 -2.20
N PRO E 93 -4.24 84.11 -3.49
CA PRO E 93 -4.47 82.80 -4.10
C PRO E 93 -3.53 81.75 -3.54
N VAL E 94 -4.05 80.53 -3.42
CA VAL E 94 -3.28 79.39 -2.92
C VAL E 94 -2.84 78.57 -4.13
N LYS E 95 -1.53 78.44 -4.31
CA LYS E 95 -0.94 77.73 -5.44
C LYS E 95 -0.19 76.53 -4.89
N LYS E 96 -0.90 75.42 -4.72
CA LYS E 96 -0.32 74.19 -4.20
C LYS E 96 0.10 73.30 -5.37
N THR E 97 1.37 72.89 -5.37
CA THR E 97 1.92 72.13 -6.48
C THR E 97 1.64 70.64 -6.33
N ILE E 98 1.26 70.00 -7.42
CA ILE E 98 1.04 68.56 -7.47
C ILE E 98 1.98 67.98 -8.51
N PHE E 99 2.81 67.02 -8.09
CA PHE E 99 3.72 66.33 -8.99
C PHE E 99 4.07 65.00 -8.37
N LYS E 100 4.68 64.12 -9.18
CA LYS E 100 5.05 62.78 -8.73
C LYS E 100 6.22 62.90 -7.76
N GLN E 101 5.95 62.77 -6.47
CA GLN E 101 6.98 62.86 -5.45
C GLN E 101 7.64 61.51 -5.26
N ASN E 102 8.97 61.47 -5.36
CA ASN E 102 9.71 60.26 -5.06
C ASN E 102 9.71 60.01 -3.55
N GLU E 103 9.75 58.73 -3.17
CA GLU E 103 9.71 58.34 -1.77
C GLU E 103 10.81 57.29 -1.55
N GLY E 104 12.02 57.61 -2.01
CA GLY E 104 13.13 56.71 -1.88
C GLY E 104 13.22 55.72 -3.03
N THR E 105 14.09 54.73 -2.85
CA THR E 105 14.30 53.71 -3.87
C THR E 105 13.12 52.75 -3.87
N PRO E 106 12.40 52.61 -4.99
CA PRO E 106 11.24 51.71 -5.01
C PRO E 106 11.65 50.25 -4.88
N LYS E 107 10.82 49.48 -4.18
CA LYS E 107 11.05 48.06 -3.95
C LYS E 107 9.86 47.28 -4.48
N ALA E 108 10.14 46.18 -5.17
CA ALA E 108 9.08 45.41 -5.80
C ALA E 108 8.25 44.68 -4.75
N PRO E 109 6.93 44.77 -4.80
CA PRO E 109 6.10 44.04 -3.85
C PRO E 109 6.20 42.54 -4.04
N ASP E 110 5.97 41.82 -2.95
CA ASP E 110 5.99 40.36 -2.94
C ASP E 110 4.57 39.86 -2.68
N VAL E 111 3.87 39.49 -3.75
CA VAL E 111 2.49 39.03 -3.64
C VAL E 111 2.45 37.63 -3.04
N TYR E 112 1.59 37.44 -2.05
CA TYR E 112 1.46 36.15 -1.36
C TYR E 112 -0.02 35.89 -1.11
N LEU E 113 -0.61 35.03 -1.93
CA LEU E 113 -2.01 34.67 -1.78
C LEU E 113 -2.14 33.52 -0.79
N LEU E 114 -3.07 33.66 0.16
CA LEU E 114 -3.19 32.72 1.27
C LEU E 114 -4.52 31.99 1.21
N PRO E 115 -4.53 30.66 1.20
CA PRO E 115 -5.79 29.92 1.26
C PRO E 115 -6.41 30.01 2.63
N PRO E 116 -7.73 29.83 2.74
CA PRO E 116 -8.36 29.76 4.06
C PRO E 116 -7.90 28.55 4.84
N SER E 117 -7.92 28.67 6.16
CA SER E 117 -7.41 27.63 7.04
C SER E 117 -8.47 26.53 7.24
N ALA E 118 -8.22 25.65 8.20
CA ALA E 118 -8.88 24.35 8.28
C ALA E 118 -10.35 24.41 8.69
N GLN E 119 -10.82 25.48 9.31
CA GLN E 119 -12.19 25.52 9.80
C GLN E 119 -13.16 26.08 8.75
N GLU E 120 -13.19 25.45 7.58
CA GLU E 120 -13.98 25.92 6.45
C GLU E 120 -15.42 25.45 6.48
N LEU E 121 -15.93 25.06 7.65
CA LEU E 121 -17.31 24.58 7.76
C LEU E 121 -18.32 25.67 7.41
N ILE E 122 -18.10 26.89 7.89
CA ILE E 122 -19.00 28.01 7.65
C ILE E 122 -18.79 28.53 6.23
N GLN E 123 -19.68 29.41 5.78
CA GLN E 123 -19.80 29.71 4.36
C GLN E 123 -19.10 31.00 3.91
N GLN E 124 -19.06 32.05 4.72
CA GLN E 124 -18.57 33.33 4.20
C GLN E 124 -17.29 33.84 4.83
N GLU E 125 -17.29 34.06 6.14
CA GLU E 125 -16.23 34.85 6.76
C GLU E 125 -14.91 34.09 6.87
N MET E 126 -14.97 32.76 7.03
CA MET E 126 -13.75 31.97 6.97
C MET E 126 -13.25 31.86 5.54
N VAL E 127 -14.15 31.63 4.58
CA VAL E 127 -13.73 31.39 3.22
C VAL E 127 -13.46 32.75 2.59
N THR E 128 -12.24 33.26 2.81
CA THR E 128 -11.84 34.60 2.40
C THR E 128 -10.36 34.51 2.06
N LEU E 129 -10.05 34.45 0.77
CA LEU E 129 -8.65 34.43 0.34
C LEU E 129 -8.02 35.79 0.61
N ILE E 130 -6.91 35.79 1.34
CA ILE E 130 -6.24 37.01 1.74
C ILE E 130 -5.00 37.18 0.86
N CYS E 131 -4.95 38.27 0.12
CA CYS E 131 -3.82 38.55 -0.76
C CYS E 131 -2.82 39.45 -0.04
N PHE E 132 -2.13 38.85 0.93
CA PHE E 132 -1.09 39.56 1.65
C PHE E 132 0.06 39.87 0.71
N VAL E 133 0.22 41.14 0.36
CA VAL E 133 1.33 41.59 -0.46
C VAL E 133 2.09 42.66 0.33
N THR E 134 3.41 42.50 0.41
CA THR E 134 4.24 43.30 1.29
C THR E 134 5.54 43.66 0.60
N GLY E 135 6.18 44.71 1.09
CA GLY E 135 7.50 45.10 0.63
C GLY E 135 7.54 46.17 -0.45
N PHE E 136 6.41 46.72 -0.85
CA PHE E 136 6.40 47.75 -1.89
C PHE E 136 6.73 49.09 -1.24
N ASN E 137 7.72 49.80 -1.79
CA ASN E 137 8.21 51.01 -1.13
C ASN E 137 7.29 52.20 -1.40
N PRO E 138 6.88 52.50 -2.64
CA PRO E 138 5.81 53.50 -2.80
C PRO E 138 4.48 52.92 -2.36
N LYS E 139 3.69 53.76 -1.68
CA LYS E 139 2.42 53.31 -1.12
C LYS E 139 1.27 53.58 -2.09
N GLU E 140 1.45 53.08 -3.31
CA GLU E 140 0.46 53.31 -4.36
C GLU E 140 0.13 52.00 -5.06
N ILE E 141 -0.15 50.97 -4.27
CA ILE E 141 -0.57 49.67 -4.79
C ILE E 141 -1.98 49.78 -5.34
N PHE E 142 -2.35 48.84 -6.20
CA PHE E 142 -3.75 48.60 -6.54
C PHE E 142 -3.89 47.09 -6.77
N ILE E 143 -4.90 46.51 -6.12
CA ILE E 143 -5.08 45.07 -6.12
C ILE E 143 -6.43 44.74 -6.75
N GLN E 144 -6.43 43.79 -7.69
CA GLN E 144 -7.65 43.35 -8.34
C GLN E 144 -7.73 41.84 -8.20
N TRP E 145 -8.92 41.30 -8.44
CA TRP E 145 -9.17 39.88 -8.29
C TRP E 145 -9.83 39.33 -9.54
N MET E 146 -9.46 38.09 -9.88
CA MET E 146 -10.03 37.39 -11.02
C MET E 146 -10.24 35.92 -10.71
N GLN E 147 -11.43 35.38 -11.01
CA GLN E 147 -11.68 33.95 -10.90
C GLN E 147 -11.35 33.25 -12.22
N GLY E 148 -10.19 33.60 -12.77
CA GLY E 148 -9.73 33.05 -14.02
C GLY E 148 -10.22 33.90 -15.17
N GLY E 149 -9.36 34.75 -15.72
CA GLY E 149 -9.74 35.59 -16.84
C GLY E 149 -10.73 36.70 -16.50
N VAL E 150 -11.90 36.33 -15.99
CA VAL E 150 -12.96 37.29 -15.71
C VAL E 150 -12.65 38.01 -14.39
N SER E 151 -12.88 39.32 -14.38
CA SER E 151 -12.53 40.13 -13.21
C SER E 151 -13.60 40.02 -12.15
N ILE E 152 -13.17 39.74 -10.91
CA ILE E 152 -14.08 39.79 -9.77
C ILE E 152 -14.46 41.25 -9.52
N SER E 153 -15.73 41.48 -9.17
CA SER E 153 -16.23 42.83 -8.96
C SER E 153 -15.53 43.50 -7.79
N GLU E 154 -15.57 44.84 -7.79
CA GLU E 154 -14.78 45.64 -6.87
C GLU E 154 -15.46 45.83 -5.52
N ASP E 155 -16.49 45.02 -5.23
CA ASP E 155 -17.14 45.06 -3.93
C ASP E 155 -17.10 43.73 -3.20
N LYS E 156 -16.71 42.64 -3.86
CA LYS E 156 -16.54 41.37 -3.17
C LYS E 156 -15.28 41.35 -2.32
N PHE E 157 -14.32 42.23 -2.58
CA PHE E 157 -13.08 42.29 -1.83
C PHE E 157 -12.85 43.70 -1.29
N ILE E 158 -12.27 43.78 -0.11
CA ILE E 158 -11.96 45.06 0.54
C ILE E 158 -10.48 45.10 0.87
N ASN E 159 -9.81 46.18 0.46
CA ASN E 159 -8.41 46.38 0.72
C ASN E 159 -8.24 47.11 2.05
N THR E 160 -7.00 47.17 2.52
CA THR E 160 -6.71 47.96 3.71
C THR E 160 -5.94 49.22 3.33
N VAL E 161 -5.52 49.96 4.35
CA VAL E 161 -4.68 51.13 4.13
C VAL E 161 -3.23 50.68 4.05
N PRO E 162 -2.48 51.07 3.00
CA PRO E 162 -1.06 50.70 2.92
C PRO E 162 -0.27 51.32 4.05
N MET E 163 0.22 50.49 4.97
CA MET E 163 0.89 50.95 6.17
C MET E 163 2.29 50.34 6.25
N LYS E 164 3.20 51.10 6.86
CA LYS E 164 4.62 50.75 6.86
C LYS E 164 4.89 49.56 7.76
N SER E 165 5.64 48.58 7.24
CA SER E 165 6.22 47.56 8.10
C SER E 165 7.31 48.21 8.94
N ASP E 166 7.12 48.21 10.26
CA ASP E 166 8.02 48.92 11.17
C ASP E 166 9.46 48.40 11.10
N GLY E 167 10.37 49.27 10.63
CA GLY E 167 11.75 48.90 10.45
C GLY E 167 12.32 49.39 9.13
N GLU E 168 11.48 49.47 8.11
CA GLU E 168 11.89 49.93 6.78
C GLU E 168 10.85 50.92 6.28
N GLN E 169 11.00 51.33 5.02
CA GLN E 169 9.99 52.14 4.33
C GLN E 169 9.13 51.30 3.40
N THR E 170 9.09 49.99 3.63
CA THR E 170 8.37 49.05 2.78
C THR E 170 6.99 48.80 3.40
N TYR E 171 5.94 49.07 2.64
CA TYR E 171 4.58 48.99 3.15
C TYR E 171 4.06 47.56 3.02
N PHE E 172 2.84 47.35 3.52
CA PHE E 172 2.16 46.06 3.38
C PHE E 172 0.67 46.30 3.43
N ILE E 173 -0.08 45.46 2.71
CA ILE E 173 -1.52 45.61 2.54
C ILE E 173 -2.13 44.24 2.30
N TYR E 174 -3.36 44.05 2.81
CA TYR E 174 -4.11 42.83 2.60
C TYR E 174 -5.31 43.12 1.72
N SER E 175 -5.96 42.04 1.29
CA SER E 175 -7.26 42.13 0.59
C SER E 175 -7.94 40.78 0.72
N LYS E 176 -9.01 40.74 1.51
CA LYS E 176 -9.80 39.52 1.69
C LYS E 176 -10.87 39.44 0.61
N LEU E 177 -11.07 38.25 0.06
CA LEU E 177 -12.08 38.02 -0.97
C LEU E 177 -13.22 37.21 -0.35
N ALA E 178 -14.28 37.90 0.05
CA ALA E 178 -15.43 37.25 0.66
C ALA E 178 -16.18 36.43 -0.38
N ILE E 179 -16.07 35.11 -0.30
CA ILE E 179 -16.71 34.21 -1.26
C ILE E 179 -17.48 33.13 -0.50
N PRO E 180 -18.53 32.55 -1.07
CA PRO E 180 -19.19 31.41 -0.43
C PRO E 180 -18.28 30.18 -0.40
N ALA E 181 -18.55 29.31 0.56
CA ALA E 181 -17.76 28.09 0.72
C ALA E 181 -17.93 27.14 -0.46
N ALA E 182 -19.13 27.10 -1.05
CA ALA E 182 -19.37 26.21 -2.18
C ALA E 182 -18.57 26.63 -3.41
N LYS E 183 -18.36 27.94 -3.57
CA LYS E 183 -17.57 28.43 -4.70
C LYS E 183 -16.12 27.99 -4.61
N TRP E 184 -15.55 28.01 -3.40
CA TRP E 184 -14.16 27.60 -3.21
C TRP E 184 -14.00 26.10 -3.40
N ASN E 185 -15.03 25.33 -3.05
CA ASN E 185 -14.96 23.87 -3.13
C ASN E 185 -15.04 23.35 -4.56
N GLN E 186 -15.34 24.20 -5.54
CA GLN E 186 -15.39 23.78 -6.93
C GLN E 186 -14.02 23.44 -7.50
N GLY E 187 -12.94 23.86 -6.84
CA GLY E 187 -11.61 23.68 -7.37
C GLY E 187 -11.19 24.75 -8.37
N ASP E 188 -12.01 25.77 -8.57
CA ASP E 188 -11.67 26.84 -9.50
C ASP E 188 -10.51 27.68 -8.98
N VAL E 189 -9.70 28.18 -9.91
CA VAL E 189 -8.50 28.92 -9.54
C VAL E 189 -8.87 30.38 -9.32
N PHE E 190 -8.57 30.89 -8.12
CA PHE E 190 -8.71 32.30 -7.82
C PHE E 190 -7.35 32.96 -7.98
N THR E 191 -7.29 34.01 -8.78
CA THR E 191 -6.05 34.72 -9.07
C THR E 191 -6.13 36.12 -8.47
N CYS E 192 -5.18 36.44 -7.59
CA CYS E 192 -5.01 37.79 -7.08
C CYS E 192 -3.99 38.49 -7.96
N VAL E 193 -4.44 39.50 -8.69
CA VAL E 193 -3.58 40.27 -9.58
C VAL E 193 -3.26 41.61 -8.92
N VAL E 194 -1.98 41.95 -8.88
CA VAL E 194 -1.46 43.08 -8.12
C VAL E 194 -0.63 43.95 -9.05
N GLY E 195 -0.90 45.25 -9.05
CA GLY E 195 -0.15 46.15 -9.90
C GLY E 195 0.58 47.24 -9.13
N HIS E 196 1.87 47.42 -9.43
CA HIS E 196 2.67 48.40 -8.72
C HIS E 196 3.77 48.91 -9.64
N GLU E 197 4.17 50.16 -9.41
CA GLU E 197 5.13 50.83 -10.27
C GLU E 197 6.57 50.39 -10.01
N ALA E 198 6.83 49.64 -8.96
CA ALA E 198 8.16 49.10 -8.70
C ALA E 198 8.35 47.70 -9.25
N LEU E 199 7.32 47.12 -9.85
CA LEU E 199 7.43 45.79 -10.41
C LEU E 199 8.20 45.86 -11.73
N PRO E 200 8.86 44.76 -12.14
CA PRO E 200 9.56 44.78 -13.44
C PRO E 200 8.60 44.98 -14.61
N LEU E 201 7.51 44.24 -14.63
CA LEU E 201 6.34 44.56 -15.43
C LEU E 201 5.19 44.81 -14.46
N TYR E 202 4.43 45.86 -14.71
CA TYR E 202 3.56 46.46 -13.70
C TYR E 202 2.36 45.61 -13.30
N ILE E 203 2.30 44.35 -13.69
CA ILE E 203 1.27 43.41 -13.24
C ILE E 203 1.95 42.15 -12.71
N THR E 204 1.55 41.73 -11.51
CA THR E 204 1.96 40.45 -10.96
C THR E 204 0.73 39.75 -10.40
N GLN E 205 0.53 38.50 -10.79
CA GLN E 205 -0.64 37.74 -10.40
C GLN E 205 -0.22 36.47 -9.66
N GLN E 206 -0.89 36.20 -8.56
CA GLN E 206 -0.68 34.99 -7.78
C GLN E 206 -1.95 34.16 -7.80
N SER E 207 -1.82 32.88 -8.15
CA SER E 207 -2.96 32.01 -8.36
C SER E 207 -2.86 30.80 -7.44
N ILE E 208 -3.91 30.56 -6.67
CA ILE E 208 -4.04 29.35 -5.86
C ILE E 208 -5.43 28.78 -6.07
N ASP E 209 -5.57 27.50 -5.73
CA ASP E 209 -6.85 26.82 -5.74
C ASP E 209 -6.82 25.74 -4.65
N LYS E 210 -7.92 25.01 -4.54
CA LYS E 210 -7.98 23.90 -3.58
C LYS E 210 -7.04 22.79 -4.04
N SER E 211 -6.16 22.36 -3.13
CA SER E 211 -5.06 21.43 -3.41
C SER E 211 -4.18 21.97 -4.54
N SER E 212 -3.57 23.12 -4.27
CA SER E 212 -2.77 23.83 -5.27
C SER E 212 -1.46 23.13 -5.59
N GLY E 213 -1.04 22.16 -4.79
CA GLY E 213 0.20 21.44 -5.05
C GLY E 213 0.09 20.44 -6.17
N ASN F 1 12.61 54.33 -55.43
CA ASN F 1 12.24 55.61 -54.84
C ASN F 1 11.05 55.46 -53.90
N LEU F 2 11.18 54.57 -52.91
CA LEU F 2 10.19 54.39 -51.86
C LEU F 2 10.65 55.20 -50.66
N GLN F 3 10.17 56.45 -50.58
CA GLN F 3 10.69 57.36 -49.57
C GLN F 3 10.13 57.08 -48.18
N VAL F 4 8.82 57.24 -48.01
CA VAL F 4 8.23 57.29 -46.69
C VAL F 4 8.03 55.88 -46.14
N TYR F 5 8.59 55.63 -44.94
CA TYR F 5 8.39 54.39 -44.21
C TYR F 5 7.80 54.72 -42.85
N PRO F 6 6.46 54.77 -42.76
CA PRO F 6 5.83 54.98 -41.44
C PRO F 6 6.06 53.79 -40.53
N LEU F 7 6.17 54.08 -39.22
CA LEU F 7 6.39 53.05 -38.21
C LEU F 7 5.54 53.38 -37.00
N THR F 8 4.53 52.55 -36.74
CA THR F 8 3.70 52.72 -35.55
C THR F 8 4.48 52.30 -34.31
N PRO F 9 4.22 52.93 -33.16
CA PRO F 9 4.86 52.48 -31.92
C PRO F 9 4.34 51.12 -31.49
N THR F 10 5.27 50.27 -31.05
CA THR F 10 4.90 48.95 -30.57
C THR F 10 4.16 49.06 -29.24
N PHE F 11 3.42 48.01 -28.91
CA PHE F 11 2.62 48.02 -27.69
C PHE F 11 3.50 48.04 -26.44
N HIS F 12 4.66 47.38 -26.50
CA HIS F 12 5.58 47.36 -25.37
C HIS F 12 6.09 48.77 -25.06
N ASP F 13 6.41 49.55 -26.08
CA ASP F 13 6.82 50.93 -25.88
C ASP F 13 5.65 51.85 -25.58
N LEU F 14 4.42 51.43 -25.91
CA LEU F 14 3.27 52.28 -25.69
C LEU F 14 2.91 52.37 -24.21
N TYR F 15 2.90 51.23 -23.52
CA TYR F 15 2.43 51.17 -22.14
C TYR F 15 3.55 50.87 -21.16
N PHE F 16 4.28 49.77 -21.35
CA PHE F 16 5.19 49.26 -20.34
C PHE F 16 6.61 49.76 -20.52
N SER F 17 6.85 50.68 -21.45
CA SER F 17 8.13 51.37 -21.55
C SER F 17 7.99 52.88 -21.69
N ARG F 18 6.81 53.39 -22.04
CA ARG F 18 6.45 54.80 -22.19
C ARG F 18 7.24 55.52 -23.27
N ASN F 19 8.02 54.81 -24.07
CA ASN F 19 8.79 55.42 -25.16
C ASN F 19 8.02 55.27 -26.47
N ALA F 20 6.84 55.90 -26.49
CA ALA F 20 5.97 55.85 -27.66
C ALA F 20 6.48 56.84 -28.70
N LYS F 21 7.06 56.32 -29.78
CA LYS F 21 7.68 57.14 -30.81
C LYS F 21 7.10 56.80 -32.17
N ILE F 22 6.76 57.83 -32.94
CA ILE F 22 6.30 57.69 -34.32
C ILE F 22 7.40 58.24 -35.22
N THR F 23 7.84 57.43 -36.18
CA THR F 23 8.95 57.77 -37.06
C THR F 23 8.52 57.67 -38.52
N CYS F 24 8.82 58.71 -39.29
CA CYS F 24 8.70 58.67 -40.75
C CYS F 24 10.10 58.53 -41.33
N LEU F 25 10.57 57.28 -41.42
CA LEU F 25 11.89 57.02 -41.96
C LEU F 25 11.88 57.20 -43.46
N VAL F 26 12.85 57.98 -43.97
CA VAL F 26 12.98 58.19 -45.41
C VAL F 26 14.28 57.53 -45.86
N SER F 27 14.20 56.26 -46.27
CA SER F 27 15.41 55.49 -46.55
C SER F 27 16.06 55.93 -47.86
N SER F 28 15.26 56.13 -48.90
CA SER F 28 15.77 56.46 -50.22
C SER F 28 15.70 57.97 -50.45
N MET F 29 16.85 58.59 -50.71
CA MET F 29 16.92 60.02 -50.96
C MET F 29 18.03 60.28 -51.96
N LYS F 30 17.91 61.42 -52.65
CA LYS F 30 18.91 61.83 -53.64
C LYS F 30 19.70 63.05 -53.19
N THR F 31 19.02 64.15 -52.86
CA THR F 31 19.68 65.38 -52.44
C THR F 31 19.14 65.80 -51.08
N ILE F 32 20.04 66.12 -50.15
CA ILE F 32 19.64 66.55 -48.81
C ILE F 32 19.34 68.04 -48.74
N GLU F 33 19.75 68.82 -49.73
CA GLU F 33 19.51 70.25 -49.72
C GLU F 33 18.04 70.56 -50.00
N ASN F 34 17.56 71.66 -49.40
CA ASN F 34 16.18 72.13 -49.52
C ASN F 34 15.17 71.06 -49.13
N PHE F 35 15.48 70.34 -48.05
CA PHE F 35 14.66 69.23 -47.59
C PHE F 35 14.32 69.43 -46.12
N ASP F 36 13.04 69.34 -45.79
CA ASP F 36 12.57 69.39 -44.42
C ASP F 36 11.23 68.70 -44.33
N ILE F 37 10.89 68.27 -43.12
CA ILE F 37 9.63 67.57 -42.85
C ILE F 37 8.86 68.39 -41.81
N SER F 38 7.60 68.68 -42.11
CA SER F 38 6.73 69.45 -41.23
C SER F 38 5.66 68.52 -40.67
N TRP F 39 5.84 68.08 -39.43
CA TRP F 39 4.86 67.23 -38.77
C TRP F 39 3.60 68.01 -38.42
N GLU F 40 2.49 67.29 -38.31
CA GLU F 40 1.24 67.90 -37.90
C GLU F 40 0.38 66.85 -37.23
N ARG F 41 -0.60 67.31 -36.46
CA ARG F 41 -1.53 66.45 -35.75
C ARG F 41 -2.96 66.85 -36.08
N GLU F 42 -3.87 65.87 -36.00
CA GLU F 42 -5.29 66.16 -36.25
C GLU F 42 -5.86 67.03 -35.14
N LYS F 43 -5.61 66.66 -33.88
CA LYS F 43 -5.99 67.47 -32.74
C LYS F 43 -4.80 68.31 -32.29
N ALA F 44 -5.09 69.49 -31.74
CA ALA F 44 -4.04 70.39 -31.29
C ALA F 44 -3.26 69.77 -30.13
N GLY F 45 -1.94 69.93 -30.16
CA GLY F 45 -1.11 69.37 -29.12
C GLY F 45 0.36 69.65 -29.40
N ASN F 46 1.19 69.12 -28.51
CA ASN F 46 2.63 69.30 -28.63
C ASN F 46 3.19 68.50 -29.80
N LEU F 47 4.23 69.05 -30.42
CA LEU F 47 4.91 68.42 -31.56
C LEU F 47 6.38 68.23 -31.18
N GLU F 48 6.68 67.10 -30.55
CA GLU F 48 8.04 66.78 -30.12
C GLU F 48 8.84 66.34 -31.34
N PHE F 49 9.36 67.31 -32.09
CA PHE F 49 10.00 67.04 -33.36
C PHE F 49 11.50 66.90 -33.16
N VAL F 50 12.06 65.79 -33.65
CA VAL F 50 13.51 65.60 -33.68
C VAL F 50 13.83 64.70 -34.88
N THR F 51 14.92 65.02 -35.57
CA THR F 51 15.35 64.29 -36.76
C THR F 51 16.81 63.89 -36.58
N GLU F 52 17.09 62.59 -36.69
CA GLU F 52 18.46 62.12 -36.61
C GLU F 52 19.20 62.42 -37.92
N ASP F 53 20.52 62.46 -37.82
CA ASP F 53 21.36 62.82 -38.97
C ASP F 53 21.27 61.75 -40.06
N PRO F 54 21.32 62.15 -41.32
CA PRO F 54 21.23 61.18 -42.42
C PRO F 54 22.40 60.20 -42.43
N VAL F 55 22.09 58.95 -42.78
CA VAL F 55 23.08 57.88 -42.82
C VAL F 55 22.94 57.16 -44.16
N LEU F 56 24.02 56.45 -44.53
CA LEU F 56 24.08 55.74 -45.81
C LEU F 56 23.51 54.34 -45.63
N HIS F 57 22.30 54.13 -46.14
CA HIS F 57 21.65 52.82 -46.12
C HIS F 57 21.12 52.53 -47.52
N ASP F 58 20.51 51.35 -47.66
CA ASP F 58 19.88 50.85 -48.92
C ASP F 58 20.97 50.82 -50.00
N ASN F 59 20.68 51.29 -51.20
CA ASN F 59 21.65 51.31 -52.29
C ASN F 59 22.34 52.66 -52.38
N GLY F 60 23.06 53.01 -51.32
CA GLY F 60 23.80 54.26 -51.29
C GLY F 60 22.96 55.50 -51.15
N THR F 61 21.78 55.39 -50.55
CA THR F 61 20.88 56.53 -50.39
C THR F 61 20.88 57.01 -48.95
N TYR F 62 20.73 58.32 -48.78
CA TYR F 62 20.70 58.90 -47.44
C TYR F 62 19.38 58.59 -46.75
N SER F 63 19.47 58.15 -45.49
CA SER F 63 18.30 57.73 -44.72
C SER F 63 18.02 58.77 -43.65
N VAL F 64 16.85 59.39 -43.72
CA VAL F 64 16.42 60.42 -42.78
C VAL F 64 15.18 59.92 -42.04
N ALA F 65 15.25 59.92 -40.72
CA ALA F 65 14.13 59.50 -39.89
C ALA F 65 13.80 60.62 -38.90
N SER F 66 12.52 60.97 -38.82
CA SER F 66 12.04 62.01 -37.91
C SER F 66 11.23 61.35 -36.81
N ILE F 67 11.76 61.37 -35.59
CA ILE F 67 11.12 60.76 -34.43
C ILE F 67 10.23 61.79 -33.77
N LEU F 68 8.97 61.43 -33.52
CA LEU F 68 8.05 62.30 -32.80
C LEU F 68 7.49 61.55 -31.60
N SER F 69 7.54 62.17 -30.43
CA SER F 69 7.06 61.57 -29.20
C SER F 69 5.57 61.79 -29.07
N VAL F 70 4.84 60.72 -28.82
CA VAL F 70 3.39 60.75 -28.71
C VAL F 70 2.97 60.28 -27.33
N CYS F 71 1.93 60.91 -26.79
CA CYS F 71 1.24 60.36 -25.65
C CYS F 71 0.57 59.05 -26.04
N ALA F 72 0.60 58.07 -25.14
CA ALA F 72 -0.13 56.84 -25.40
C ALA F 72 -1.63 57.06 -25.36
N GLU F 73 -2.09 58.06 -24.62
CA GLU F 73 -3.50 58.44 -24.67
C GLU F 73 -3.85 59.18 -25.94
N ASP F 74 -2.85 59.78 -26.59
CA ASP F 74 -3.07 60.47 -27.86
C ASP F 74 -2.83 59.57 -29.07
N TRP F 75 -2.48 58.32 -28.86
CA TRP F 75 -2.38 57.35 -29.94
C TRP F 75 -3.41 56.24 -29.83
N GLU F 76 -3.79 55.85 -28.61
CA GLU F 76 -4.85 54.86 -28.42
C GLU F 76 -6.20 55.43 -28.85
N SER F 77 -6.42 56.74 -28.67
CA SER F 77 -7.70 57.35 -28.97
C SER F 77 -8.03 57.37 -30.46
N GLY F 78 -7.04 57.13 -31.32
CA GLY F 78 -7.26 57.14 -32.75
C GLY F 78 -6.93 58.44 -33.46
N ASP F 79 -6.22 59.34 -32.81
CA ASP F 79 -5.84 60.60 -33.45
C ASP F 79 -4.85 60.35 -34.57
N LYS F 80 -5.14 60.92 -35.74
CA LYS F 80 -4.33 60.71 -36.93
C LYS F 80 -3.18 61.70 -36.96
N PHE F 81 -1.96 61.20 -37.02
CA PHE F 81 -0.75 62.01 -37.08
C PHE F 81 -0.08 61.78 -38.42
N SER F 82 0.18 62.86 -39.15
CA SER F 82 0.71 62.76 -40.50
C SER F 82 1.97 63.60 -40.64
N CYS F 83 3.01 63.01 -41.22
CA CYS F 83 4.23 63.72 -41.57
C CYS F 83 4.14 64.20 -43.01
N THR F 84 4.56 65.44 -43.25
CA THR F 84 4.52 66.04 -44.58
C THR F 84 5.96 66.29 -45.02
N VAL F 85 6.55 65.27 -45.65
CA VAL F 85 7.92 65.38 -46.14
C VAL F 85 7.95 66.25 -47.38
N ARG F 86 9.10 66.85 -47.66
CA ARG F 86 9.27 67.72 -48.82
C ARG F 86 10.75 67.80 -49.15
N SER F 87 11.12 67.30 -50.33
CA SER F 87 12.51 67.29 -50.76
C SER F 87 12.57 67.69 -52.23
N GLN F 88 13.79 67.75 -52.77
CA GLN F 88 13.96 68.09 -54.18
C GLN F 88 13.58 66.92 -55.08
N ASP F 89 13.67 65.69 -54.56
CA ASP F 89 13.32 64.53 -55.37
C ASP F 89 11.81 64.44 -55.60
N LEU F 90 11.02 64.76 -54.58
CA LEU F 90 9.58 64.61 -54.68
C LEU F 90 8.98 65.80 -55.43
N PRO F 91 8.26 65.57 -56.53
CA PRO F 91 7.52 66.67 -57.16
C PRO F 91 6.43 67.25 -56.27
N SER F 92 5.82 66.43 -55.43
CA SER F 92 4.77 66.85 -54.51
C SER F 92 5.05 66.30 -53.12
N PRO F 93 4.67 67.03 -52.08
CA PRO F 93 4.85 66.52 -50.71
C PRO F 93 3.98 65.29 -50.45
N VAL F 94 4.48 64.42 -49.58
CA VAL F 94 3.79 63.18 -49.23
C VAL F 94 3.25 63.34 -47.81
N LYS F 95 1.93 63.21 -47.68
CA LYS F 95 1.24 63.31 -46.39
C LYS F 95 0.76 61.90 -46.04
N LYS F 96 1.62 61.14 -45.37
CA LYS F 96 1.30 59.77 -44.97
C LYS F 96 0.66 59.80 -43.58
N THR F 97 -0.51 59.18 -43.46
CA THR F 97 -1.26 59.18 -42.20
C THR F 97 -0.80 58.01 -41.33
N ILE F 98 -0.42 58.33 -40.09
CA ILE F 98 -0.02 57.33 -39.10
C ILE F 98 -1.00 57.43 -37.94
N PHE F 99 -1.67 56.32 -37.64
CA PHE F 99 -2.65 56.27 -36.56
C PHE F 99 -2.89 54.82 -36.21
N LYS F 100 -3.50 54.60 -35.04
CA LYS F 100 -3.82 53.26 -34.58
C LYS F 100 -5.12 52.84 -35.25
N GLN F 101 -5.00 52.17 -36.40
CA GLN F 101 -6.18 51.73 -37.13
C GLN F 101 -6.80 50.52 -36.45
N ASN F 102 -8.10 50.34 -36.69
CA ASN F 102 -8.81 49.19 -36.15
C ASN F 102 -8.55 47.96 -37.02
N GLU F 103 -8.32 46.82 -36.36
CA GLU F 103 -8.11 45.56 -37.03
C GLU F 103 -9.29 44.61 -36.92
N GLY F 104 -10.15 44.81 -35.94
CA GLY F 104 -11.28 43.95 -35.71
C GLY F 104 -11.65 43.97 -34.24
N THR F 105 -12.51 43.05 -33.85
CA THR F 105 -12.86 42.91 -32.45
C THR F 105 -11.67 42.32 -31.71
N PRO F 106 -11.10 43.02 -30.73
CA PRO F 106 -9.86 42.54 -30.09
C PRO F 106 -10.13 41.35 -29.18
N LYS F 107 -9.52 40.22 -29.52
CA LYS F 107 -9.69 38.98 -28.78
C LYS F 107 -8.47 38.75 -27.90
N ALA F 108 -8.71 38.33 -26.66
CA ALA F 108 -7.61 38.14 -25.72
C ALA F 108 -6.82 36.89 -26.09
N PRO F 109 -5.49 36.97 -26.16
CA PRO F 109 -4.70 35.78 -26.49
C PRO F 109 -4.76 34.73 -25.41
N ASP F 110 -4.58 33.48 -25.81
CA ASP F 110 -4.57 32.34 -24.91
C ASP F 110 -3.13 31.84 -24.80
N VAL F 111 -2.49 32.13 -23.67
CA VAL F 111 -1.09 31.79 -23.46
C VAL F 111 -1.02 30.33 -23.01
N TYR F 112 -0.37 29.48 -23.80
CA TYR F 112 -0.05 28.11 -23.41
C TYR F 112 1.46 27.97 -23.45
N LEU F 113 2.07 27.76 -22.29
CA LEU F 113 3.51 27.56 -22.23
C LEU F 113 3.75 26.05 -22.35
N LEU F 114 4.74 25.68 -23.14
CA LEU F 114 4.96 24.26 -23.34
C LEU F 114 6.23 23.82 -22.65
N PRO F 115 6.21 22.72 -21.91
CA PRO F 115 7.45 22.15 -21.36
C PRO F 115 8.29 21.55 -22.47
N PRO F 116 9.58 21.33 -22.22
CA PRO F 116 10.41 20.67 -23.24
C PRO F 116 9.96 19.23 -23.47
N SER F 117 10.21 18.74 -24.68
CA SER F 117 9.74 17.43 -25.10
C SER F 117 10.50 16.33 -24.36
N ALA F 118 10.10 15.08 -24.64
CA ALA F 118 10.78 13.93 -24.06
C ALA F 118 12.19 13.75 -24.62
N GLN F 119 12.45 14.48 -25.70
CA GLN F 119 13.81 14.48 -26.28
C GLN F 119 14.57 15.64 -25.64
N GLU F 120 14.46 15.74 -24.31
CA GLU F 120 15.27 16.76 -23.60
C GLU F 120 16.59 16.08 -23.22
N LEU F 121 16.92 14.95 -23.85
CA LEU F 121 18.13 14.21 -23.40
C LEU F 121 19.36 14.41 -24.30
N ILE F 122 19.36 13.75 -25.45
CA ILE F 122 20.50 13.83 -26.40
C ILE F 122 20.91 15.30 -26.56
N GLN F 123 19.93 16.17 -26.73
CA GLN F 123 20.21 17.61 -26.96
C GLN F 123 20.23 18.29 -25.59
N GLN F 124 21.32 18.99 -25.31
CA GLN F 124 21.42 19.75 -24.03
C GLN F 124 21.59 21.22 -24.39
N GLU F 125 21.91 22.08 -23.42
CA GLU F 125 22.14 23.52 -23.69
C GLU F 125 20.97 24.10 -24.48
N MET F 126 19.88 23.35 -24.63
CA MET F 126 18.81 23.86 -25.51
C MET F 126 17.45 23.27 -25.13
N VAL F 127 17.27 22.78 -23.90
CA VAL F 127 15.89 22.37 -23.56
C VAL F 127 15.09 23.63 -23.91
N THR F 128 14.14 23.55 -24.83
CA THR F 128 13.45 24.76 -25.30
C THR F 128 12.08 24.80 -24.71
N LEU F 129 11.70 25.91 -24.13
CA LEU F 129 10.34 26.05 -23.57
C LEU F 129 9.58 26.88 -24.59
N ILE F 130 8.46 26.38 -25.11
CA ILE F 130 7.78 27.16 -26.18
C ILE F 130 6.56 27.85 -25.58
N CYS F 131 6.42 29.14 -25.82
CA CYS F 131 5.27 29.91 -25.35
C CYS F 131 4.30 30.07 -26.52
N PHE F 132 3.55 29.00 -26.79
CA PHE F 132 2.50 29.07 -27.80
C PHE F 132 1.38 29.94 -27.27
N VAL F 133 1.30 31.17 -27.76
CA VAL F 133 0.23 32.09 -27.42
C VAL F 133 -0.55 32.40 -28.69
N THR F 134 -1.87 32.22 -28.62
CA THR F 134 -2.71 32.20 -29.80
C THR F 134 -4.05 32.84 -29.51
N GLY F 135 -4.72 33.27 -30.57
CA GLY F 135 -6.07 33.78 -30.49
C GLY F 135 -6.18 35.29 -30.48
N PHE F 136 -5.07 36.02 -30.42
CA PHE F 136 -5.16 37.48 -30.34
C PHE F 136 -5.48 38.05 -31.70
N ASN F 137 -6.47 38.94 -31.74
CA ASN F 137 -6.92 39.48 -33.03
C ASN F 137 -6.02 40.61 -33.54
N PRO F 138 -5.65 41.63 -32.76
CA PRO F 138 -4.62 42.54 -33.24
C PRO F 138 -3.25 41.90 -33.08
N LYS F 139 -2.45 41.95 -34.15
CA LYS F 139 -1.16 41.28 -34.19
C LYS F 139 -0.06 42.03 -33.44
N GLU F 140 -0.40 43.05 -32.66
CA GLU F 140 0.59 43.78 -31.86
C GLU F 140 0.76 43.06 -30.54
N ILE F 141 1.88 42.35 -30.40
CA ILE F 141 2.19 41.53 -29.24
C ILE F 141 3.60 41.87 -28.79
N PHE F 142 3.90 41.55 -27.53
CA PHE F 142 5.28 41.46 -27.08
C PHE F 142 5.37 40.35 -26.05
N ILE F 143 6.39 39.52 -26.19
CA ILE F 143 6.59 38.37 -25.31
C ILE F 143 7.98 38.48 -24.69
N GLN F 144 8.03 38.37 -23.37
CA GLN F 144 9.30 38.32 -22.64
C GLN F 144 9.29 37.06 -21.79
N TRP F 145 10.46 36.70 -21.28
CA TRP F 145 10.63 35.53 -20.44
C TRP F 145 11.22 35.94 -19.10
N MET F 146 10.74 35.33 -18.02
CA MET F 146 11.20 35.62 -16.68
C MET F 146 11.55 34.31 -15.98
N GLN F 147 12.79 34.19 -15.53
CA GLN F 147 13.22 33.05 -14.71
C GLN F 147 13.07 33.46 -13.25
N GLY F 148 12.02 32.97 -12.60
CA GLY F 148 11.72 33.42 -11.26
C GLY F 148 11.23 34.86 -11.28
N GLY F 149 12.07 35.78 -10.82
CA GLY F 149 11.72 37.19 -10.85
C GLY F 149 12.54 37.98 -11.85
N VAL F 150 13.75 37.53 -12.12
CA VAL F 150 14.65 38.24 -13.03
C VAL F 150 14.24 37.93 -14.48
N SER F 151 14.28 38.94 -15.33
CA SER F 151 13.85 38.79 -16.71
C SER F 151 14.96 38.20 -17.56
N ILE F 152 14.57 37.38 -18.53
CA ILE F 152 15.50 36.82 -19.50
C ILE F 152 15.76 37.84 -20.59
N SER F 153 17.02 37.96 -21.00
CA SER F 153 17.39 38.93 -22.02
C SER F 153 16.79 38.54 -23.37
N GLU F 154 16.66 39.54 -24.24
CA GLU F 154 16.02 39.35 -25.54
C GLU F 154 16.85 38.52 -26.50
N ASP F 155 18.12 38.26 -26.19
CA ASP F 155 18.96 37.44 -27.05
C ASP F 155 18.78 35.96 -26.82
N LYS F 156 18.13 35.56 -25.72
CA LYS F 156 17.95 34.15 -25.40
C LYS F 156 16.63 33.59 -25.90
N PHE F 157 15.74 34.41 -26.43
CA PHE F 157 14.51 33.93 -27.05
C PHE F 157 14.33 34.57 -28.41
N ILE F 158 13.70 33.83 -29.32
CA ILE F 158 13.39 34.33 -30.65
C ILE F 158 11.92 34.08 -30.93
N ASN F 159 11.24 35.07 -31.49
CA ASN F 159 9.81 35.03 -31.74
C ASN F 159 9.53 35.01 -33.23
N THR F 160 8.52 34.23 -33.63
CA THR F 160 8.11 34.22 -35.01
C THR F 160 7.34 35.50 -35.34
N VAL F 161 7.03 35.68 -36.63
CA VAL F 161 6.15 36.76 -37.03
C VAL F 161 4.73 36.36 -36.64
N PRO F 162 3.85 37.31 -36.33
CA PRO F 162 2.45 36.95 -36.04
C PRO F 162 1.78 36.36 -37.28
N MET F 163 1.41 35.09 -37.18
CA MET F 163 0.86 34.34 -38.29
C MET F 163 -0.63 34.17 -38.10
N LYS F 164 -1.40 34.46 -39.17
CA LYS F 164 -2.85 34.37 -39.10
C LYS F 164 -3.30 32.92 -38.97
N SER F 165 -4.33 32.71 -38.15
CA SER F 165 -4.90 31.38 -37.99
C SER F 165 -5.64 30.97 -39.26
N ASP F 166 -5.63 29.67 -39.54
CA ASP F 166 -6.24 29.12 -40.76
C ASP F 166 -7.75 29.10 -40.57
N GLY F 167 -8.44 30.06 -41.18
CA GLY F 167 -9.88 30.14 -41.10
C GLY F 167 -10.44 31.08 -40.06
N GLU F 168 -9.65 32.04 -39.58
CA GLU F 168 -10.11 32.97 -38.55
C GLU F 168 -9.31 34.26 -38.66
N GLN F 169 -9.83 35.31 -38.02
CA GLN F 169 -9.13 36.58 -37.95
C GLN F 169 -8.09 36.62 -36.84
N THR F 170 -8.08 35.62 -35.97
CA THR F 170 -7.12 35.56 -34.88
C THR F 170 -5.74 35.16 -35.40
N TYR F 171 -4.73 35.41 -34.57
CA TYR F 171 -3.33 35.16 -34.91
C TYR F 171 -2.73 34.16 -33.93
N PHE F 172 -1.52 33.71 -34.24
CA PHE F 172 -0.74 32.92 -33.31
C PHE F 172 0.73 33.23 -33.54
N ILE F 173 1.49 33.26 -32.44
CA ILE F 173 2.91 33.57 -32.48
C ILE F 173 3.62 32.65 -31.49
N TYR F 174 4.85 32.29 -31.83
CA TYR F 174 5.64 31.32 -31.07
C TYR F 174 6.81 32.03 -30.42
N SER F 175 7.13 31.63 -29.19
CA SER F 175 8.29 32.14 -28.47
C SER F 175 8.99 30.98 -27.80
N LYS F 176 10.24 30.72 -28.21
CA LYS F 176 11.01 29.61 -27.68
C LYS F 176 12.17 30.14 -26.85
N LEU F 177 12.46 29.45 -25.75
CA LEU F 177 13.58 29.80 -24.88
C LEU F 177 14.60 28.68 -24.93
N ALA F 178 15.83 29.02 -25.31
CA ALA F 178 16.91 28.04 -25.40
C ALA F 178 17.77 28.13 -24.14
N ILE F 179 17.23 27.58 -23.05
CA ILE F 179 17.93 27.55 -21.76
C ILE F 179 18.87 26.35 -21.73
N PRO F 180 19.90 26.35 -20.87
CA PRO F 180 20.74 25.16 -20.74
C PRO F 180 19.96 23.98 -20.15
N ALA F 181 20.41 22.78 -20.51
CA ALA F 181 19.77 21.57 -20.00
C ALA F 181 19.94 21.43 -18.49
N ALA F 182 21.07 21.93 -17.97
CA ALA F 182 21.28 21.90 -16.52
C ALA F 182 20.34 22.86 -15.80
N LYS F 183 19.99 23.97 -16.47
CA LYS F 183 19.10 24.96 -15.85
C LYS F 183 17.70 24.40 -15.64
N TRP F 184 17.22 23.58 -16.60
CA TRP F 184 15.86 23.07 -16.52
C TRP F 184 15.69 22.06 -15.39
N ASN F 185 16.74 21.31 -15.08
CA ASN F 185 16.66 20.26 -14.07
C ASN F 185 16.77 20.78 -12.64
N GLN F 186 17.09 22.06 -12.46
CA GLN F 186 17.17 22.62 -11.11
C GLN F 186 15.80 22.70 -10.46
N GLY F 187 14.75 22.91 -11.25
CA GLY F 187 13.42 23.12 -10.71
C GLY F 187 12.98 24.56 -10.61
N ASP F 188 13.78 25.50 -11.14
CA ASP F 188 13.41 26.90 -11.10
C ASP F 188 12.20 27.17 -12.00
N VAL F 189 11.34 28.07 -11.56
CA VAL F 189 10.11 28.38 -12.28
C VAL F 189 10.44 29.31 -13.44
N PHE F 190 10.11 28.89 -14.65
CA PHE F 190 10.29 29.70 -15.84
C PHE F 190 8.95 30.27 -16.25
N THR F 191 8.89 31.59 -16.38
CA THR F 191 7.65 32.30 -16.63
C THR F 191 7.72 33.00 -17.98
N CYS F 192 6.74 32.73 -18.84
CA CYS F 192 6.55 33.46 -20.08
C CYS F 192 5.47 34.50 -19.88
N VAL F 193 5.84 35.77 -20.07
CA VAL F 193 4.91 36.87 -19.94
C VAL F 193 4.52 37.36 -21.33
N VAL F 194 3.21 37.55 -21.55
CA VAL F 194 2.67 37.92 -22.83
C VAL F 194 1.87 39.21 -22.67
N GLY F 195 2.20 40.23 -23.45
CA GLY F 195 1.55 41.52 -23.35
C GLY F 195 0.74 41.81 -24.61
N HIS F 196 -0.54 42.12 -24.39
CA HIS F 196 -1.45 42.36 -25.50
C HIS F 196 -2.49 43.39 -25.10
N GLU F 197 -3.03 44.10 -26.09
CA GLU F 197 -4.04 45.12 -25.83
C GLU F 197 -5.34 44.51 -25.31
N ALA F 198 -5.76 43.40 -25.90
CA ALA F 198 -7.08 42.82 -25.60
C ALA F 198 -7.13 42.07 -24.29
N LEU F 199 -5.99 41.87 -23.62
CA LEU F 199 -6.00 41.29 -22.30
C LEU F 199 -6.64 42.28 -21.32
N PRO F 200 -7.34 41.77 -20.27
CA PRO F 200 -8.01 42.68 -19.32
C PRO F 200 -7.03 43.60 -18.63
N LEU F 201 -6.01 43.01 -18.00
CA LEU F 201 -4.79 43.71 -17.64
C LEU F 201 -3.71 43.24 -18.60
N TYR F 202 -2.99 44.19 -19.20
CA TYR F 202 -2.24 43.93 -20.43
C TYR F 202 -1.15 42.88 -20.26
N ILE F 203 -0.69 42.63 -19.05
CA ILE F 203 0.30 41.60 -18.77
C ILE F 203 -0.42 40.34 -18.32
N THR F 204 -0.15 39.23 -19.01
CA THR F 204 -0.62 37.92 -18.61
C THR F 204 0.53 36.95 -18.76
N GLN F 205 0.81 36.18 -17.70
CA GLN F 205 1.98 35.33 -17.67
C GLN F 205 1.60 33.91 -17.26
N GLN F 206 2.33 32.93 -17.80
CA GLN F 206 2.17 31.54 -17.45
C GLN F 206 3.52 30.97 -17.06
N SER F 207 3.51 29.96 -16.19
CA SER F 207 4.75 29.43 -15.65
C SER F 207 4.59 27.97 -15.29
N ILE F 208 5.67 27.21 -15.42
CA ILE F 208 5.74 25.80 -15.04
C ILE F 208 7.09 25.54 -14.39
N ASP F 209 7.32 24.28 -14.04
CA ASP F 209 8.61 23.83 -13.53
C ASP F 209 8.83 22.41 -14.03
N LYS F 210 9.81 21.73 -13.45
CA LYS F 210 10.08 20.34 -13.80
C LYS F 210 9.09 19.41 -13.10
N ASN G 1 -20.46 30.31 69.62
CA ASN G 1 -20.48 31.77 69.64
C ASN G 1 -19.33 32.36 68.81
N LEU G 2 -19.19 31.87 67.58
CA LEU G 2 -18.19 32.37 66.63
C LEU G 2 -18.89 33.29 65.65
N GLN G 3 -18.63 34.59 65.76
CA GLN G 3 -19.37 35.57 64.97
C GLN G 3 -18.80 35.73 63.57
N VAL G 4 -17.55 36.18 63.48
CA VAL G 4 -17.01 36.69 62.22
C VAL G 4 -16.60 35.52 61.33
N TYR G 5 -17.17 35.46 60.12
CA TYR G 5 -16.76 34.52 59.08
C TYR G 5 -16.66 35.28 57.77
N PRO G 6 -15.51 35.88 57.49
CA PRO G 6 -15.35 36.68 56.27
C PRO G 6 -15.35 35.80 55.02
N LEU G 7 -15.44 36.47 53.88
CA LEU G 7 -15.47 35.80 52.57
C LEU G 7 -14.61 36.59 51.59
N THR G 8 -13.47 36.02 51.22
CA THR G 8 -12.65 36.60 50.17
C THR G 8 -13.34 36.40 48.81
N PRO G 9 -13.17 37.32 47.87
CA PRO G 9 -13.72 37.10 46.53
C PRO G 9 -12.89 36.08 45.76
N THR G 10 -13.59 35.22 45.03
CA THR G 10 -12.90 34.23 44.21
C THR G 10 -12.33 34.89 42.96
N PHE G 11 -11.75 34.09 42.08
CA PHE G 11 -11.15 34.64 40.87
C PHE G 11 -12.18 34.95 39.79
N HIS G 12 -13.33 34.25 39.81
CA HIS G 12 -14.31 34.45 38.75
C HIS G 12 -15.03 35.78 38.89
N ASP G 13 -15.46 36.14 40.10
CA ASP G 13 -16.19 37.38 40.29
C ASP G 13 -15.28 38.60 40.40
N LEU G 14 -13.96 38.39 40.45
CA LEU G 14 -13.05 39.51 40.64
C LEU G 14 -12.56 40.11 39.33
N TYR G 15 -12.21 39.28 38.34
CA TYR G 15 -11.69 39.81 37.08
C TYR G 15 -12.60 39.57 35.90
N PHE G 16 -13.42 38.51 35.91
CA PHE G 16 -14.19 38.13 34.73
C PHE G 16 -15.69 38.22 34.95
N SER G 17 -16.13 38.61 36.13
CA SER G 17 -17.52 38.94 36.39
C SER G 17 -17.71 40.30 37.04
N ARG G 18 -16.64 40.91 37.55
CA ARG G 18 -16.58 42.26 38.11
C ARG G 18 -17.46 42.43 39.35
N ASN G 19 -17.90 41.34 39.97
CA ASN G 19 -18.68 41.42 41.21
C ASN G 19 -17.77 41.20 42.41
N ALA G 20 -16.89 42.18 42.63
CA ALA G 20 -15.95 42.14 43.75
C ALA G 20 -16.72 42.41 45.03
N LYS G 21 -17.16 41.34 45.69
CA LYS G 21 -18.01 41.42 46.87
C LYS G 21 -17.23 40.97 48.09
N ILE G 22 -16.92 41.92 48.97
CA ILE G 22 -16.31 41.62 50.25
C ILE G 22 -17.43 41.37 51.26
N THR G 23 -17.47 40.15 51.81
CA THR G 23 -18.53 39.76 52.73
C THR G 23 -17.93 39.47 54.10
N CYS G 24 -18.55 40.04 55.14
CA CYS G 24 -18.20 39.77 56.53
C CYS G 24 -19.44 39.16 57.18
N LEU G 25 -19.58 37.85 57.07
CA LEU G 25 -20.77 37.16 57.53
C LEU G 25 -20.72 36.94 59.03
N VAL G 26 -21.78 37.33 59.73
CA VAL G 26 -21.92 37.11 61.16
C VAL G 26 -22.91 35.96 61.31
N SER G 27 -22.37 34.74 61.39
CA SER G 27 -23.22 33.55 61.39
C SER G 27 -23.92 33.37 62.75
N SER G 28 -23.24 33.69 63.84
CA SER G 28 -23.79 33.51 65.18
C SER G 28 -24.23 34.86 65.73
N MET G 29 -25.54 34.98 66.01
CA MET G 29 -26.07 36.19 66.62
C MET G 29 -27.33 35.82 67.39
N LYS G 30 -27.45 36.31 68.62
CA LYS G 30 -28.57 35.98 69.48
C LYS G 30 -29.59 37.12 69.61
N THR G 31 -29.13 38.37 69.54
CA THR G 31 -30.02 39.52 69.68
C THR G 31 -29.84 40.46 68.50
N ILE G 32 -30.95 41.01 68.02
CA ILE G 32 -30.94 41.98 66.92
C ILE G 32 -30.94 43.41 67.42
N GLU G 33 -30.87 43.63 68.73
CA GLU G 33 -30.87 44.96 69.31
C GLU G 33 -29.45 45.41 69.60
N ASN G 34 -29.17 46.69 69.30
CA ASN G 34 -27.86 47.31 69.47
C ASN G 34 -26.78 46.57 68.70
N PHE G 35 -27.14 46.04 67.53
CA PHE G 35 -26.23 45.30 66.67
C PHE G 35 -26.14 46.00 65.33
N ASP G 36 -24.92 46.29 64.89
CA ASP G 36 -24.71 46.96 63.61
C ASP G 36 -23.34 46.56 63.08
N ILE G 37 -23.18 46.70 61.77
CA ILE G 37 -21.93 46.41 61.08
C ILE G 37 -21.41 47.71 60.50
N SER G 38 -20.19 48.09 60.88
CA SER G 38 -19.57 49.33 60.44
C SER G 38 -18.41 48.99 59.52
N TRP G 39 -18.57 49.28 58.24
CA TRP G 39 -17.52 49.05 57.26
C TRP G 39 -16.58 50.24 57.18
N GLU G 40 -15.28 49.97 57.21
CA GLU G 40 -14.28 51.01 57.05
C GLU G 40 -13.11 50.46 56.27
N ARG G 41 -12.40 51.37 55.59
CA ARG G 41 -11.24 51.02 54.78
C ARG G 41 -10.07 51.92 55.16
N GLU G 42 -8.86 51.37 55.09
CA GLU G 42 -7.67 52.16 55.41
C GLU G 42 -7.36 53.18 54.33
N LYS G 43 -7.87 52.97 53.11
CA LYS G 43 -7.68 53.91 52.01
C LYS G 43 -9.01 54.53 51.66
N ALA G 44 -9.01 55.85 51.42
CA ALA G 44 -10.24 56.58 51.16
C ALA G 44 -10.84 56.17 49.81
N GLY G 45 -12.14 55.94 49.80
CA GLY G 45 -12.80 55.54 48.57
C GLY G 45 -14.30 55.44 48.77
N ASN G 46 -14.93 54.68 47.89
CA ASN G 46 -16.37 54.47 47.96
C ASN G 46 -16.73 53.54 49.11
N LEU G 47 -18.03 53.48 49.42
CA LEU G 47 -18.53 52.59 50.46
C LEU G 47 -19.94 52.15 50.05
N GLU G 48 -20.02 51.01 49.38
CA GLU G 48 -21.30 50.42 49.00
C GLU G 48 -21.76 49.50 50.13
N PHE G 49 -22.39 50.12 51.12
CA PHE G 49 -22.74 49.41 52.36
C PHE G 49 -24.07 48.69 52.15
N VAL G 50 -23.99 47.40 51.87
CA VAL G 50 -25.17 46.54 51.72
C VAL G 50 -25.08 45.44 52.76
N THR G 51 -26.14 45.28 53.55
CA THR G 51 -26.18 44.26 54.59
C THR G 51 -27.45 43.43 54.42
N GLU G 52 -27.29 42.11 54.42
CA GLU G 52 -28.41 41.21 54.24
C GLU G 52 -29.23 41.10 55.53
N ASP G 53 -30.51 40.80 55.37
CA ASP G 53 -31.40 40.65 56.52
C ASP G 53 -31.03 39.39 57.30
N PRO G 54 -31.17 39.41 58.63
CA PRO G 54 -30.89 38.22 59.42
C PRO G 54 -31.88 37.10 59.13
N VAL G 55 -31.36 35.86 59.14
CA VAL G 55 -32.16 34.66 58.91
C VAL G 55 -31.81 33.64 59.98
N LEU G 56 -32.69 32.65 60.13
CA LEU G 56 -32.51 31.61 61.13
C LEU G 56 -31.63 30.51 60.54
N HIS G 57 -30.38 30.45 61.00
CA HIS G 57 -29.42 29.43 60.58
C HIS G 57 -28.66 28.94 61.81
N ASP G 58 -27.79 27.96 61.59
CA ASP G 58 -26.98 27.29 62.62
C ASP G 58 -27.93 26.70 63.65
N ASN G 59 -27.66 26.85 64.95
CA ASN G 59 -28.53 26.34 66.00
C ASN G 59 -29.47 27.44 66.51
N GLY G 60 -30.32 27.91 65.61
CA GLY G 60 -31.30 28.93 65.95
C GLY G 60 -30.77 30.33 66.06
N THR G 61 -29.54 30.57 65.61
CA THR G 61 -28.95 31.91 65.67
C THR G 61 -29.33 32.72 64.43
N TYR G 62 -28.96 34.00 64.47
CA TYR G 62 -29.19 34.90 63.35
C TYR G 62 -27.93 35.02 62.50
N SER G 63 -28.09 34.85 61.19
CA SER G 63 -27.00 34.97 60.24
C SER G 63 -27.15 36.29 59.48
N VAL G 64 -26.21 37.21 59.69
CA VAL G 64 -26.20 38.52 59.06
C VAL G 64 -24.96 38.63 58.20
N ALA G 65 -25.15 38.94 56.91
CA ALA G 65 -24.06 39.08 55.96
C ALA G 65 -24.04 40.51 55.42
N SER G 66 -22.84 41.08 55.34
CA SER G 66 -22.65 42.43 54.83
C SER G 66 -21.72 42.37 53.62
N ILE G 67 -22.29 42.40 52.43
CA ILE G 67 -21.52 42.38 51.19
C ILE G 67 -21.06 43.80 50.88
N LEU G 68 -19.80 43.92 50.49
CA LEU G 68 -19.19 45.22 50.18
C LEU G 68 -18.73 45.22 48.73
N SER G 69 -19.27 46.14 47.94
CA SER G 69 -18.90 46.27 46.53
C SER G 69 -17.75 47.27 46.42
N VAL G 70 -16.58 46.79 46.04
CA VAL G 70 -15.39 47.63 45.89
C VAL G 70 -14.81 47.42 44.50
N CYS G 71 -14.00 48.39 44.09
CA CYS G 71 -13.18 48.22 42.90
C CYS G 71 -12.11 47.18 43.18
N ALA G 72 -11.94 46.23 42.26
CA ALA G 72 -11.03 45.13 42.52
C ALA G 72 -9.57 45.54 42.33
N GLU G 73 -9.31 46.66 41.64
CA GLU G 73 -7.96 47.21 41.63
C GLU G 73 -7.57 47.67 43.02
N ASP G 74 -8.53 48.27 43.73
CA ASP G 74 -8.33 48.62 45.13
C ASP G 74 -8.10 47.39 45.99
N TRP G 75 -8.78 46.29 45.66
CA TRP G 75 -8.58 45.04 46.41
C TRP G 75 -7.23 44.41 46.09
N GLU G 76 -6.84 44.40 44.81
CA GLU G 76 -5.60 43.76 44.40
C GLU G 76 -4.36 44.47 44.91
N SER G 77 -4.44 45.78 45.17
CA SER G 77 -3.29 46.58 45.54
C SER G 77 -2.85 46.40 46.99
N GLY G 78 -3.37 45.38 47.69
CA GLY G 78 -3.02 45.16 49.07
C GLY G 78 -3.74 46.05 50.06
N ASP G 79 -4.72 46.83 49.60
CA ASP G 79 -5.46 47.70 50.50
C ASP G 79 -6.40 46.88 51.38
N LYS G 80 -6.53 47.31 52.63
CA LYS G 80 -7.14 46.51 53.68
C LYS G 80 -8.59 46.94 53.90
N PHE G 81 -9.50 45.96 53.92
CA PHE G 81 -10.90 46.17 54.25
C PHE G 81 -11.20 45.48 55.57
N SER G 82 -11.72 46.22 56.53
CA SER G 82 -11.97 45.69 57.86
C SER G 82 -13.43 45.93 58.25
N CYS G 83 -14.10 44.86 58.67
CA CYS G 83 -15.46 44.93 59.19
C CYS G 83 -15.40 45.00 60.71
N THR G 84 -16.08 45.99 61.27
CA THR G 84 -16.11 46.19 62.73
C THR G 84 -17.55 46.01 63.19
N VAL G 85 -17.91 44.77 63.48
CA VAL G 85 -19.23 44.45 64.01
C VAL G 85 -19.21 44.62 65.53
N ARG G 86 -20.38 44.87 66.10
CA ARG G 86 -20.49 45.13 67.53
C ARG G 86 -21.94 44.93 67.95
N SER G 87 -22.15 44.17 69.03
CA SER G 87 -23.48 43.92 69.57
C SER G 87 -23.36 43.78 71.08
N GLN G 88 -24.51 43.50 71.71
CA GLN G 88 -24.49 43.26 73.16
C GLN G 88 -23.85 41.91 73.50
N ASP G 89 -23.84 40.98 72.55
CA ASP G 89 -23.16 39.70 72.77
C ASP G 89 -21.65 39.87 72.84
N LEU G 90 -21.11 40.88 72.18
CA LEU G 90 -19.68 41.12 72.18
C LEU G 90 -19.35 42.20 73.20
N PRO G 91 -18.62 41.89 74.27
CA PRO G 91 -18.18 42.96 75.19
C PRO G 91 -17.27 43.98 74.53
N SER G 92 -16.47 43.57 73.55
CA SER G 92 -15.65 44.44 72.75
C SER G 92 -15.85 44.09 71.28
N PRO G 93 -15.89 45.09 70.39
CA PRO G 93 -16.08 44.79 68.97
C PRO G 93 -14.88 44.04 68.39
N VAL G 94 -15.16 43.20 67.40
CA VAL G 94 -14.14 42.41 66.73
C VAL G 94 -13.89 43.00 65.36
N LYS G 95 -12.64 43.41 65.12
CA LYS G 95 -12.22 43.99 63.85
C LYS G 95 -11.42 42.94 63.09
N LYS G 96 -12.01 42.40 62.02
CA LYS G 96 -11.36 41.39 61.20
C LYS G 96 -10.96 42.05 59.88
N THR G 97 -9.70 42.47 59.82
CA THR G 97 -9.16 43.13 58.63
C THR G 97 -8.87 42.10 57.55
N ILE G 98 -9.39 42.34 56.34
CA ILE G 98 -9.29 41.42 55.23
C ILE G 98 -8.53 42.10 54.10
N PHE G 99 -7.50 41.42 53.59
CA PHE G 99 -6.76 41.90 52.44
C PHE G 99 -6.18 40.70 51.70
N LYS G 100 -5.76 40.93 50.46
CA LYS G 100 -5.21 39.87 49.62
C LYS G 100 -3.87 39.41 50.19
N GLN G 101 -3.84 38.20 50.74
CA GLN G 101 -2.63 37.67 51.35
C GLN G 101 -1.76 37.01 50.30
N ASN G 102 -0.47 37.35 50.30
CA ASN G 102 0.47 36.69 49.42
C ASN G 102 0.69 35.25 49.87
N GLU G 103 0.73 34.34 48.91
CA GLU G 103 0.85 32.90 49.18
C GLU G 103 2.04 32.33 48.40
N GLY G 104 3.19 32.99 48.52
CA GLY G 104 4.37 32.58 47.78
C GLY G 104 4.42 33.19 46.40
N THR G 105 5.48 32.87 45.69
CA THR G 105 5.63 33.36 44.32
C THR G 105 4.59 32.70 43.41
N PRO G 106 3.84 33.47 42.63
CA PRO G 106 2.78 32.88 41.80
C PRO G 106 3.38 32.09 40.64
N LYS G 107 2.91 30.86 40.49
CA LYS G 107 3.32 29.98 39.40
C LYS G 107 2.10 29.67 38.55
N ALA G 108 2.27 29.74 37.24
CA ALA G 108 1.14 29.56 36.32
C ALA G 108 0.69 28.10 36.32
N PRO G 109 -0.60 27.83 36.41
CA PRO G 109 -1.07 26.44 36.35
C PRO G 109 -0.88 25.83 34.97
N ASP G 110 -0.69 24.52 34.95
CA ASP G 110 -0.48 23.76 33.73
C ASP G 110 -1.72 22.91 33.47
N VAL G 111 -2.45 23.23 32.41
CA VAL G 111 -3.72 22.58 32.11
C VAL G 111 -3.43 21.29 31.33
N TYR G 112 -3.88 20.17 31.87
CA TYR G 112 -3.88 18.91 31.14
C TYR G 112 -5.29 18.32 31.21
N LEU G 113 -5.89 18.06 30.07
CA LEU G 113 -7.22 17.48 30.03
C LEU G 113 -7.08 16.02 29.61
N LEU G 114 -7.79 15.14 30.30
CA LEU G 114 -7.70 13.70 30.04
C LEU G 114 -8.96 13.20 29.37
N PRO G 115 -8.89 12.69 28.15
CA PRO G 115 -10.07 12.09 27.52
C PRO G 115 -10.36 10.73 28.13
N PRO G 116 -11.59 10.24 27.99
CA PRO G 116 -11.90 8.87 28.41
C PRO G 116 -11.09 7.85 27.62
N SER G 117 -10.68 6.79 28.30
CA SER G 117 -9.96 5.70 27.66
C SER G 117 -10.98 4.67 27.14
N ALA G 118 -10.52 3.47 26.81
CA ALA G 118 -11.32 2.46 26.12
C ALA G 118 -12.53 1.99 26.91
N GLN G 119 -12.60 2.27 28.22
CA GLN G 119 -13.76 1.90 29.02
C GLN G 119 -14.81 3.01 29.01
N GLU G 120 -15.24 3.40 27.81
CA GLU G 120 -16.34 4.34 27.63
C GLU G 120 -17.67 3.64 27.36
N LEU G 121 -17.71 2.31 27.57
CA LEU G 121 -18.83 1.49 27.10
C LEU G 121 -20.14 1.87 27.76
N ILE G 122 -20.12 2.15 29.07
CA ILE G 122 -21.34 2.56 29.74
C ILE G 122 -21.68 4.01 29.37
N GLN G 123 -22.95 4.36 29.55
CA GLN G 123 -23.49 5.60 28.99
C GLN G 123 -23.09 6.85 29.75
N GLN G 124 -22.78 6.75 31.05
CA GLN G 124 -22.56 7.94 31.85
C GLN G 124 -21.16 8.03 32.43
N GLU G 125 -20.76 7.11 33.33
CA GLU G 125 -19.47 7.27 34.08
C GLU G 125 -18.24 7.15 33.17
N MET G 126 -17.06 7.57 33.63
CA MET G 126 -15.82 7.56 32.81
C MET G 126 -16.00 8.67 31.76
N VAL G 127 -17.14 8.68 31.05
CA VAL G 127 -17.33 9.61 29.95
C VAL G 127 -17.04 11.02 30.43
N THR G 128 -17.01 11.20 31.76
CA THR G 128 -16.53 12.43 32.38
C THR G 128 -15.11 12.75 31.92
N LEU G 129 -14.90 14.01 31.55
CA LEU G 129 -13.60 14.50 31.12
C LEU G 129 -12.93 15.18 32.29
N ILE G 130 -11.74 14.71 32.67
CA ILE G 130 -11.04 15.22 33.84
C ILE G 130 -10.04 16.27 33.40
N CYS G 131 -10.19 17.48 33.93
CA CYS G 131 -9.33 18.61 33.58
C CYS G 131 -8.29 18.77 34.68
N PHE G 132 -7.29 17.90 34.65
CA PHE G 132 -6.22 17.92 35.65
C PHE G 132 -5.32 19.12 35.41
N VAL G 133 -5.49 20.17 36.19
CA VAL G 133 -4.65 21.35 36.12
C VAL G 133 -3.88 21.46 37.44
N THR G 134 -2.57 21.68 37.33
CA THR G 134 -1.67 21.58 38.47
C THR G 134 -0.61 22.66 38.39
N GLY G 135 0.17 22.77 39.47
CA GLY G 135 1.32 23.65 39.48
C GLY G 135 1.04 25.11 39.75
N PHE G 136 -0.11 25.46 40.33
CA PHE G 136 -0.44 26.84 40.63
C PHE G 136 -0.23 27.11 42.12
N ASN G 137 0.53 28.15 42.42
CA ASN G 137 0.87 28.42 43.82
C ASN G 137 -0.24 29.16 44.58
N PRO G 138 -0.87 30.21 44.04
CA PRO G 138 -2.09 30.71 44.70
C PRO G 138 -3.24 29.74 44.49
N LYS G 139 -3.88 29.34 45.59
CA LYS G 139 -4.93 28.32 45.53
C LYS G 139 -6.23 28.84 44.93
N GLU G 140 -6.37 30.16 44.77
CA GLU G 140 -7.59 30.71 44.21
C GLU G 140 -7.63 30.47 42.70
N ILE G 141 -8.65 29.74 42.24
CA ILE G 141 -8.71 29.30 40.85
C ILE G 141 -10.17 28.95 40.54
N PHE G 142 -10.60 29.28 39.33
CA PHE G 142 -11.92 28.87 38.87
C PHE G 142 -11.76 28.12 37.56
N ILE G 143 -12.55 27.06 37.39
CA ILE G 143 -12.50 26.20 36.22
C ILE G 143 -13.87 26.19 35.56
N GLN G 144 -13.90 26.46 34.26
CA GLN G 144 -15.13 26.46 33.49
C GLN G 144 -15.00 25.52 32.30
N TRP G 145 -16.15 25.12 31.77
CA TRP G 145 -16.22 24.25 30.60
C TRP G 145 -17.11 24.89 29.55
N MET G 146 -16.75 24.72 28.29
CA MET G 146 -17.65 25.01 27.18
C MET G 146 -17.69 23.85 26.20
N GLN G 147 -18.91 23.54 25.73
CA GLN G 147 -19.10 22.69 24.55
C GLN G 147 -19.04 23.58 23.32
N GLY G 148 -17.83 23.73 22.81
CA GLY G 148 -17.59 24.50 21.60
C GLY G 148 -17.65 25.99 21.86
N GLY G 149 -18.85 26.52 22.06
CA GLY G 149 -19.01 27.92 22.37
C GLY G 149 -20.00 28.21 23.48
N VAL G 150 -20.78 27.21 23.88
CA VAL G 150 -21.83 27.40 24.88
C VAL G 150 -21.29 26.96 26.24
N SER G 151 -21.53 27.80 27.26
CA SER G 151 -20.99 27.54 28.59
C SER G 151 -21.77 26.42 29.26
N ILE G 152 -21.04 25.41 29.74
CA ILE G 152 -21.66 24.33 30.49
C ILE G 152 -22.10 24.84 31.85
N SER G 153 -23.30 24.42 32.27
CA SER G 153 -23.83 24.85 33.56
C SER G 153 -22.98 24.30 34.70
N GLU G 154 -23.02 25.02 35.83
CA GLU G 154 -22.14 24.71 36.95
C GLU G 154 -22.45 23.36 37.59
N ASP G 155 -23.71 22.90 37.50
CA ASP G 155 -24.07 21.64 38.14
C ASP G 155 -23.55 20.43 37.38
N LYS G 156 -23.27 20.58 36.08
CA LYS G 156 -22.87 19.44 35.28
C LYS G 156 -21.44 18.99 35.58
N PHE G 157 -20.57 19.91 35.95
CA PHE G 157 -19.18 19.58 36.28
C PHE G 157 -18.91 19.90 37.74
N ILE G 158 -18.18 19.02 38.41
CA ILE G 158 -17.85 19.16 39.83
C ILE G 158 -16.34 19.19 39.98
N ASN G 159 -15.85 20.19 40.70
CA ASN G 159 -14.43 20.33 41.01
C ASN G 159 -14.14 19.78 42.40
N THR G 160 -12.86 19.72 42.73
CA THR G 160 -12.42 19.30 44.05
C THR G 160 -11.82 20.48 44.80
N VAL G 161 -11.49 20.25 46.06
CA VAL G 161 -10.71 21.23 46.81
C VAL G 161 -9.29 21.27 46.24
N PRO G 162 -8.65 22.43 46.14
CA PRO G 162 -7.27 22.47 45.63
C PRO G 162 -6.29 21.86 46.60
N MET G 163 -6.13 20.54 46.54
CA MET G 163 -5.21 19.83 47.41
C MET G 163 -3.77 20.28 47.16
N LYS G 164 -3.02 20.46 48.24
CA LYS G 164 -1.63 20.87 48.15
C LYS G 164 -0.76 19.68 47.79
N SER G 165 0.06 19.83 46.75
CA SER G 165 0.95 18.75 46.33
C SER G 165 2.07 18.56 47.35
N ASP G 166 2.35 17.30 47.68
CA ASP G 166 3.37 17.00 48.67
C ASP G 166 4.77 17.26 48.11
N GLY G 167 5.66 17.76 48.97
CA GLY G 167 7.01 18.04 48.55
C GLY G 167 7.16 19.25 47.66
N GLU G 168 6.13 20.07 47.54
CA GLU G 168 6.18 21.25 46.69
C GLU G 168 5.23 22.31 47.25
N GLN G 169 5.46 23.55 46.84
CA GLN G 169 4.64 24.67 47.29
C GLN G 169 3.39 24.82 46.43
N THR G 170 3.42 24.37 45.18
CA THR G 170 2.30 24.53 44.27
C THR G 170 1.17 23.56 44.62
N TYR G 171 0.01 23.81 44.02
CA TYR G 171 -1.21 23.07 44.29
C TYR G 171 -1.61 22.25 43.07
N PHE G 172 -2.72 21.52 43.19
CA PHE G 172 -3.31 20.82 42.07
C PHE G 172 -4.79 20.59 42.35
N ILE G 173 -5.55 20.40 41.27
CA ILE G 173 -7.01 20.30 41.36
C ILE G 173 -7.49 19.58 40.10
N TYR G 174 -8.61 18.87 40.23
CA TYR G 174 -9.24 18.19 39.11
C TYR G 174 -10.61 18.80 38.84
N SER G 175 -11.16 18.46 37.67
CA SER G 175 -12.49 18.94 37.28
C SER G 175 -13.06 17.92 36.30
N LYS G 176 -14.04 17.14 36.76
CA LYS G 176 -14.72 16.17 35.90
C LYS G 176 -16.06 16.74 35.45
N LEU G 177 -16.45 16.40 34.22
CA LEU G 177 -17.70 16.88 33.64
C LEU G 177 -18.50 15.68 33.16
N ALA G 178 -19.52 15.31 33.93
CA ALA G 178 -20.34 14.14 33.62
C ALA G 178 -21.24 14.44 32.43
N ILE G 179 -21.01 13.75 31.31
CA ILE G 179 -21.77 13.94 30.09
C ILE G 179 -22.26 12.58 29.60
N PRO G 180 -23.32 12.55 28.81
CA PRO G 180 -23.71 11.28 28.16
C PRO G 180 -22.66 10.82 27.17
N ALA G 181 -22.60 9.50 26.99
CA ALA G 181 -21.63 8.90 26.06
C ALA G 181 -21.93 9.23 24.62
N ALA G 182 -23.18 9.56 24.29
CA ALA G 182 -23.52 9.92 22.92
C ALA G 182 -22.88 11.25 22.53
N LYS G 183 -22.75 12.17 23.48
CA LYS G 183 -22.15 13.48 23.20
C LYS G 183 -20.68 13.35 22.82
N TRP G 184 -19.96 12.42 23.48
CA TRP G 184 -18.53 12.25 23.21
C TRP G 184 -18.28 11.68 21.81
N ASN G 185 -19.19 10.83 21.32
CA ASN G 185 -18.99 10.19 20.03
C ASN G 185 -19.40 11.05 18.85
N GLN G 186 -20.00 12.22 19.08
CA GLN G 186 -20.38 13.10 17.98
C GLN G 186 -19.18 13.78 17.33
N GLY G 187 -18.02 13.80 17.99
CA GLY G 187 -16.85 14.46 17.47
C GLY G 187 -16.76 15.93 17.79
N ASP G 188 -17.72 16.48 18.52
CA ASP G 188 -17.69 17.88 18.89
C ASP G 188 -16.63 18.13 19.97
N VAL G 189 -16.11 19.35 19.98
CA VAL G 189 -14.97 19.69 20.82
C VAL G 189 -15.45 20.02 22.25
N PHE G 190 -14.65 19.62 23.22
CA PHE G 190 -14.87 19.97 24.62
C PHE G 190 -13.68 20.78 25.12
N THR G 191 -13.97 21.92 25.77
CA THR G 191 -12.94 22.84 26.22
C THR G 191 -13.02 23.00 27.73
N CYS G 192 -11.86 22.99 28.38
CA CYS G 192 -11.73 23.31 29.80
C CYS G 192 -10.99 24.63 29.93
N VAL G 193 -11.59 25.58 30.64
CA VAL G 193 -11.00 26.90 30.87
C VAL G 193 -10.56 26.97 32.32
N VAL G 194 -9.30 27.33 32.54
CA VAL G 194 -8.73 27.47 33.87
C VAL G 194 -8.33 28.93 34.06
N GLY G 195 -8.92 29.58 35.06
CA GLY G 195 -8.65 30.97 35.35
C GLY G 195 -7.83 31.11 36.62
N HIS G 196 -6.72 31.82 36.51
CA HIS G 196 -5.76 31.92 37.60
C HIS G 196 -4.99 33.22 37.47
N GLU G 197 -4.47 33.69 38.61
CA GLU G 197 -3.83 35.00 38.68
C GLU G 197 -2.36 34.96 38.27
N ALA G 198 -1.82 33.79 37.96
CA ALA G 198 -0.42 33.67 37.56
C ALA G 198 -0.24 33.36 36.08
N LEU G 199 -1.33 33.19 35.35
CA LEU G 199 -1.24 32.94 33.92
C LEU G 199 -0.84 34.22 33.19
N PRO G 200 -0.22 34.12 32.00
CA PRO G 200 0.09 35.34 31.24
C PRO G 200 -1.13 36.18 30.92
N LEU G 201 -2.12 35.58 30.27
CA LEU G 201 -3.48 36.11 30.23
C LEU G 201 -4.36 35.12 30.98
N TYR G 202 -5.17 35.62 31.91
CA TYR G 202 -5.66 34.80 33.02
C TYR G 202 -6.55 33.65 32.58
N ILE G 203 -7.06 33.66 31.35
CA ILE G 203 -7.80 32.52 30.81
C ILE G 203 -6.86 31.70 29.94
N THR G 204 -6.75 30.42 30.26
CA THR G 204 -6.00 29.47 29.45
C THR G 204 -6.83 28.22 29.29
N GLN G 205 -6.97 27.76 28.05
CA GLN G 205 -7.87 26.65 27.75
C GLN G 205 -7.14 25.59 26.93
N GLN G 206 -7.61 24.35 27.07
CA GLN G 206 -7.19 23.25 26.23
C GLN G 206 -8.42 22.53 25.71
N SER G 207 -8.42 22.23 24.42
CA SER G 207 -9.60 21.69 23.74
C SER G 207 -9.32 20.28 23.25
N ILE G 208 -10.36 19.46 23.19
CA ILE G 208 -10.21 18.07 22.78
C ILE G 208 -11.55 17.59 22.23
N ASP G 209 -11.50 16.58 21.37
CA ASP G 209 -12.68 15.85 20.93
C ASP G 209 -12.27 14.39 20.75
N LYS G 210 -13.18 13.57 20.24
CA LYS G 210 -12.82 12.19 19.90
C LYS G 210 -11.87 12.21 18.70
N SER G 211 -10.92 11.28 18.70
CA SER G 211 -9.81 11.23 17.73
C SER G 211 -9.06 12.57 17.71
N SER G 212 -8.48 12.91 18.86
CA SER G 212 -7.83 14.20 19.03
C SER G 212 -6.56 14.34 18.21
N GLY G 213 -5.93 13.23 17.82
CA GLY G 213 -4.72 13.27 17.02
C GLY G 213 -4.95 13.70 15.59
N ASN H 1 -6.90 75.25 16.07
CA ASN H 1 -6.94 75.32 17.52
C ASN H 1 -7.82 74.20 18.11
N LEU H 2 -7.39 72.96 17.91
CA LEU H 2 -8.08 71.78 18.44
C LEU H 2 -7.35 71.37 19.71
N GLN H 3 -7.92 71.74 20.86
CA GLN H 3 -7.21 71.59 22.12
C GLN H 3 -7.33 70.18 22.70
N VAL H 4 -8.55 69.77 23.04
CA VAL H 4 -8.76 68.61 23.91
C VAL H 4 -9.09 67.38 23.07
N TYR H 5 -8.30 66.32 23.25
CA TYR H 5 -8.57 65.02 22.65
C TYR H 5 -8.84 64.01 23.76
N PRO H 6 -10.09 63.65 24.02
CA PRO H 6 -10.38 62.68 25.09
C PRO H 6 -10.17 61.25 24.60
N LEU H 7 -9.22 60.55 25.22
CA LEU H 7 -8.87 59.19 24.83
C LEU H 7 -9.57 58.20 25.77
N THR H 8 -10.36 57.31 25.18
CA THR H 8 -11.01 56.27 25.97
C THR H 8 -9.97 55.20 26.37
N PRO H 9 -10.15 54.58 27.53
CA PRO H 9 -9.27 53.47 27.91
C PRO H 9 -9.41 52.28 26.97
N THR H 10 -8.28 51.67 26.65
CA THR H 10 -8.28 50.50 25.80
C THR H 10 -8.77 49.28 26.57
N PHE H 11 -9.19 48.26 25.82
CA PHE H 11 -9.65 47.03 26.46
C PHE H 11 -8.50 46.26 27.09
N HIS H 12 -7.32 46.31 26.46
CA HIS H 12 -6.17 45.60 27.00
C HIS H 12 -5.71 46.19 28.33
N ASP H 13 -6.01 47.47 28.56
CA ASP H 13 -5.71 48.09 29.85
C ASP H 13 -6.89 48.03 30.81
N LEU H 14 -8.11 47.81 30.31
CA LEU H 14 -9.30 47.82 31.15
C LEU H 14 -9.46 46.57 31.98
N TYR H 15 -9.45 45.40 31.31
CA TYR H 15 -9.59 44.11 32.00
C TYR H 15 -8.26 43.40 32.15
N PHE H 16 -7.54 43.13 31.05
CA PHE H 16 -6.35 42.21 31.10
C PHE H 16 -5.06 42.79 31.69
N SER H 17 -5.07 44.06 32.04
CA SER H 17 -3.99 44.72 32.81
C SER H 17 -4.65 45.39 34.00
N ARG H 18 -5.98 45.54 34.04
CA ARG H 18 -6.62 46.09 35.26
C ARG H 18 -6.08 47.50 35.64
N ASN H 19 -6.04 48.46 34.72
CA ASN H 19 -5.71 49.91 34.95
C ASN H 19 -6.58 50.68 33.96
N ALA H 20 -7.63 51.34 34.44
CA ALA H 20 -8.53 52.08 33.54
C ALA H 20 -8.11 53.55 33.53
N LYS H 21 -7.38 53.95 32.49
CA LYS H 21 -6.88 55.32 32.41
C LYS H 21 -7.77 56.14 31.48
N ILE H 22 -8.47 57.12 32.04
CA ILE H 22 -9.22 58.09 31.25
C ILE H 22 -8.37 59.35 31.16
N THR H 23 -7.92 59.69 29.96
CA THR H 23 -6.98 60.78 29.74
C THR H 23 -7.61 61.87 28.89
N CYS H 24 -7.49 63.11 29.34
CA CYS H 24 -7.90 64.29 28.58
C CYS H 24 -6.63 65.00 28.13
N LEU H 25 -6.31 64.89 26.85
CA LEU H 25 -5.07 65.46 26.30
C LEU H 25 -5.37 66.81 25.67
N VAL H 26 -4.86 67.87 26.30
CA VAL H 26 -4.94 69.22 25.73
C VAL H 26 -3.77 69.32 24.74
N SER H 27 -4.07 69.02 23.47
CA SER H 27 -3.01 68.85 22.48
C SER H 27 -2.34 70.19 22.15
N SER H 28 -3.13 71.22 21.88
CA SER H 28 -2.60 72.53 21.50
C SER H 28 -2.90 73.53 22.60
N MET H 29 -1.86 74.18 23.11
CA MET H 29 -2.01 75.19 24.14
C MET H 29 -0.96 76.27 23.93
N LYS H 30 -1.38 77.53 24.07
CA LYS H 30 -0.50 78.66 23.78
C LYS H 30 0.15 79.27 25.02
N THR H 31 -0.49 79.16 26.19
CA THR H 31 0.03 79.74 27.42
C THR H 31 -0.03 78.73 28.55
N ILE H 32 0.82 78.93 29.55
CA ILE H 32 0.83 78.09 30.73
C ILE H 32 0.18 78.76 31.94
N GLU H 33 0.11 80.08 31.97
CA GLU H 33 -0.49 80.77 33.10
C GLU H 33 -2.00 80.65 33.08
N ASN H 34 -2.59 80.60 34.29
CA ASN H 34 -4.04 80.52 34.50
C ASN H 34 -4.64 79.31 33.79
N PHE H 35 -3.91 78.20 33.79
CA PHE H 35 -4.31 76.98 33.10
C PHE H 35 -4.41 75.84 34.10
N ASP H 36 -5.55 75.16 34.10
CA ASP H 36 -5.76 74.01 34.97
C ASP H 36 -6.85 73.13 34.37
N ILE H 37 -6.86 71.87 34.80
CA ILE H 37 -7.84 70.89 34.37
C ILE H 37 -8.53 70.32 35.60
N SER H 38 -9.86 70.39 35.62
CA SER H 38 -10.66 69.93 36.75
C SER H 38 -11.46 68.70 36.31
N TRP H 39 -11.31 67.61 37.04
CA TRP H 39 -12.05 66.39 36.76
C TRP H 39 -13.38 66.40 37.52
N GLU H 40 -14.33 65.64 37.00
CA GLU H 40 -15.64 65.50 37.63
C GLU H 40 -16.29 64.20 37.19
N ARG H 41 -16.98 63.55 38.12
CA ARG H 41 -17.69 62.31 37.86
C ARG H 41 -19.15 62.49 38.22
N GLU H 42 -20.04 61.90 37.40
CA GLU H 42 -21.47 61.98 37.69
C GLU H 42 -21.87 61.11 38.86
N LYS H 43 -21.02 60.17 39.27
CA LYS H 43 -21.23 59.36 40.45
C LYS H 43 -20.17 59.71 41.49
N ALA H 44 -20.59 59.81 42.74
CA ALA H 44 -19.66 60.13 43.83
C ALA H 44 -18.63 59.02 43.99
N GLY H 45 -17.37 59.40 44.13
CA GLY H 45 -16.31 58.43 44.25
C GLY H 45 -14.96 59.11 44.30
N ASN H 46 -13.91 58.30 44.19
CA ASN H 46 -12.55 58.81 44.26
C ASN H 46 -12.18 59.53 42.96
N LEU H 47 -11.26 60.49 43.08
CA LEU H 47 -10.80 61.28 41.94
C LEU H 47 -9.29 61.41 42.02
N GLU H 48 -8.57 60.49 41.36
CA GLU H 48 -7.11 60.52 41.34
C GLU H 48 -6.66 61.39 40.17
N PHE H 49 -6.72 62.71 40.39
CA PHE H 49 -6.34 63.67 39.36
C PHE H 49 -4.83 63.71 39.25
N VAL H 50 -4.30 63.19 38.13
CA VAL H 50 -2.87 63.22 37.84
C VAL H 50 -2.69 63.92 36.50
N THR H 51 -1.81 64.91 36.47
CA THR H 51 -1.53 65.67 35.26
C THR H 51 -0.03 65.69 35.00
N GLU H 52 0.34 65.97 33.76
CA GLU H 52 1.73 66.01 33.33
C GLU H 52 2.17 67.44 33.08
N ASP H 53 3.47 67.64 33.04
CA ASP H 53 4.04 68.95 32.73
C ASP H 53 3.81 69.29 31.26
N PRO H 54 3.64 70.56 30.94
CA PRO H 54 3.53 70.95 29.53
C PRO H 54 4.82 70.69 28.76
N VAL H 55 4.67 70.24 27.52
CA VAL H 55 5.80 69.93 26.65
C VAL H 55 5.55 70.58 25.29
N LEU H 56 6.63 70.82 24.56
CA LEU H 56 6.58 71.49 23.27
C LEU H 56 6.25 70.45 22.20
N HIS H 57 4.97 70.36 21.84
CA HIS H 57 4.50 69.42 20.83
C HIS H 57 3.72 70.18 19.75
N ASP H 58 3.22 69.43 18.77
CA ASP H 58 2.46 69.94 17.62
C ASP H 58 3.33 70.96 16.91
N ASN H 59 2.86 72.19 16.68
CA ASN H 59 3.67 73.23 16.04
C ASN H 59 4.38 74.08 17.10
N GLY H 60 5.11 73.38 17.97
CA GLY H 60 5.83 74.05 19.04
C GLY H 60 4.96 74.58 20.15
N THR H 61 3.74 74.10 20.29
CA THR H 61 2.81 74.54 21.33
C THR H 61 2.87 73.59 22.52
N TYR H 62 2.16 73.99 23.58
CA TYR H 62 2.13 73.20 24.80
C TYR H 62 1.13 72.07 24.70
N SER H 63 1.50 70.90 25.23
CA SER H 63 0.65 69.72 25.23
C SER H 63 0.60 69.14 26.62
N VAL H 64 -0.59 69.16 27.24
CA VAL H 64 -0.80 68.68 28.60
C VAL H 64 -1.88 67.62 28.58
N ALA H 65 -1.65 66.51 29.28
CA ALA H 65 -2.62 65.43 29.39
C ALA H 65 -2.92 65.19 30.86
N SER H 66 -4.21 65.12 31.20
CA SER H 66 -4.65 64.86 32.56
C SER H 66 -5.15 63.42 32.64
N ILE H 67 -4.54 62.63 33.52
CA ILE H 67 -4.81 61.20 33.65
C ILE H 67 -5.62 60.97 34.91
N LEU H 68 -6.77 60.30 34.76
CA LEU H 68 -7.64 59.96 35.88
C LEU H 68 -7.65 58.45 36.08
N SER H 69 -7.52 58.04 37.34
CA SER H 69 -7.58 56.63 37.70
C SER H 69 -9.03 56.28 38.04
N VAL H 70 -9.65 55.44 37.22
CA VAL H 70 -11.04 55.02 37.42
C VAL H 70 -11.07 53.51 37.55
N CYS H 71 -12.15 53.01 38.15
CA CYS H 71 -12.35 51.58 38.28
C CYS H 71 -12.87 51.00 36.97
N ALA H 72 -12.47 49.75 36.71
CA ALA H 72 -12.98 49.07 35.53
C ALA H 72 -14.47 48.78 35.63
N GLU H 73 -14.97 48.60 36.85
CA GLU H 73 -16.42 48.49 37.06
C GLU H 73 -17.09 49.85 36.89
N ASP H 74 -16.39 50.93 37.26
CA ASP H 74 -16.98 52.26 37.19
C ASP H 74 -17.18 52.72 35.74
N TRP H 75 -16.19 52.49 34.89
CA TRP H 75 -16.32 52.90 33.50
C TRP H 75 -17.33 52.04 32.75
N GLU H 76 -17.41 50.75 33.09
CA GLU H 76 -18.32 49.85 32.39
C GLU H 76 -19.73 49.88 32.95
N SER H 77 -19.97 50.60 34.04
CA SER H 77 -21.32 50.76 34.56
C SER H 77 -22.12 51.81 33.79
N GLY H 78 -21.49 52.54 32.88
CA GLY H 78 -22.16 53.59 32.15
C GLY H 78 -22.04 54.97 32.75
N ASP H 79 -21.14 55.16 33.73
CA ASP H 79 -20.98 56.45 34.37
C ASP H 79 -20.34 57.46 33.42
N LYS H 80 -20.64 58.73 33.65
CA LYS H 80 -20.13 59.82 32.83
C LYS H 80 -18.97 60.49 33.56
N PHE H 81 -17.81 60.54 32.92
CA PHE H 81 -16.61 61.14 33.49
C PHE H 81 -16.25 62.36 32.65
N SER H 82 -16.17 63.51 33.30
CA SER H 82 -15.99 64.78 32.60
C SER H 82 -14.74 65.51 33.10
N CYS H 83 -13.99 66.05 32.15
CA CYS H 83 -12.86 66.94 32.44
C CYS H 83 -13.21 68.33 31.92
N THR H 84 -12.92 69.35 32.71
CA THR H 84 -13.26 70.74 32.37
C THR H 84 -11.98 71.56 32.32
N VAL H 85 -11.48 71.80 31.11
CA VAL H 85 -10.30 72.63 30.93
C VAL H 85 -10.70 74.09 30.95
N ARG H 86 -9.76 74.95 31.33
CA ARG H 86 -10.00 76.39 31.40
C ARG H 86 -8.66 77.12 31.38
N SER H 87 -8.51 78.05 30.45
CA SER H 87 -7.28 78.80 30.31
C SER H 87 -7.60 80.13 29.62
N GLN H 88 -6.55 80.92 29.37
CA GLN H 88 -6.73 82.22 28.74
C GLN H 88 -7.04 82.10 27.24
N ASP H 89 -6.57 81.02 26.60
CA ASP H 89 -6.85 80.82 25.19
C ASP H 89 -8.33 80.54 24.95
N LEU H 90 -8.96 79.79 25.85
CA LEU H 90 -10.36 79.42 25.69
C LEU H 90 -11.25 80.40 26.42
N PRO H 91 -12.08 81.17 25.72
CA PRO H 91 -13.03 82.06 26.42
C PRO H 91 -14.06 81.30 27.26
N SER H 92 -14.43 80.10 26.85
CA SER H 92 -15.39 79.29 27.58
C SER H 92 -14.85 77.89 27.78
N PRO H 93 -15.08 77.28 28.95
CA PRO H 93 -14.63 75.90 29.15
C PRO H 93 -15.41 74.92 28.30
N VAL H 94 -14.75 73.81 27.97
CA VAL H 94 -15.34 72.72 27.22
C VAL H 94 -15.43 71.52 28.15
N LYS H 95 -16.65 71.13 28.51
CA LYS H 95 -16.88 70.00 29.41
C LYS H 95 -16.87 68.72 28.58
N LYS H 96 -15.68 68.14 28.42
CA LYS H 96 -15.53 66.92 27.64
C LYS H 96 -15.89 65.72 28.52
N THR H 97 -17.00 65.07 28.20
CA THR H 97 -17.52 63.96 28.99
C THR H 97 -17.12 62.64 28.33
N ILE H 98 -16.53 61.74 29.12
CA ILE H 98 -16.06 60.45 28.64
C ILE H 98 -16.89 59.36 29.29
N PHE H 99 -17.45 58.48 28.47
CA PHE H 99 -18.22 57.34 28.96
C PHE H 99 -18.12 56.23 27.93
N LYS H 100 -18.54 55.03 28.35
CA LYS H 100 -18.50 53.86 27.47
C LYS H 100 -19.71 53.91 26.55
N GLN H 101 -19.48 54.28 25.29
CA GLN H 101 -20.56 54.38 24.31
C GLN H 101 -20.96 52.99 23.83
N ASN H 102 -22.23 52.64 24.01
CA ASN H 102 -22.74 51.41 23.42
C ASN H 102 -22.85 51.56 21.90
N GLU H 103 -22.65 50.44 21.21
CA GLU H 103 -22.61 50.44 19.75
C GLU H 103 -23.48 49.25 19.29
N GLY H 104 -24.66 49.16 19.86
CA GLY H 104 -25.56 48.08 19.52
C GLY H 104 -25.14 46.77 20.18
N THR H 105 -25.57 45.67 19.56
CA THR H 105 -25.30 44.35 20.10
C THR H 105 -23.86 43.95 19.80
N PRO H 106 -23.05 43.68 20.82
CA PRO H 106 -21.69 43.20 20.56
C PRO H 106 -21.69 41.79 19.98
N LYS H 107 -20.72 41.54 19.12
CA LYS H 107 -20.56 40.24 18.47
C LYS H 107 -19.18 39.70 18.76
N ALA H 108 -19.10 38.42 19.11
CA ALA H 108 -17.82 37.82 19.47
C ALA H 108 -16.96 37.65 18.22
N PRO H 109 -15.69 38.04 18.25
CA PRO H 109 -14.83 37.87 17.08
C PRO H 109 -14.53 36.40 16.82
N ASP H 110 -14.30 36.09 15.54
CA ASP H 110 -14.00 34.73 15.10
C ASP H 110 -12.54 34.70 14.66
N VAL H 111 -11.70 34.09 15.49
CA VAL H 111 -10.26 34.08 15.27
C VAL H 111 -9.91 33.00 14.26
N TYR H 112 -9.19 33.39 13.21
CA TYR H 112 -8.68 32.44 12.23
C TYR H 112 -7.19 32.68 12.05
N LEU H 113 -6.40 31.64 12.26
CA LEU H 113 -4.95 31.73 12.16
C LEU H 113 -4.50 31.15 10.83
N LEU H 114 -3.73 31.93 10.07
CA LEU H 114 -3.35 31.54 8.73
C LEU H 114 -1.92 31.02 8.72
N PRO H 115 -1.70 29.73 8.47
CA PRO H 115 -0.33 29.26 8.28
C PRO H 115 0.22 29.74 6.95
N PRO H 116 1.54 29.90 6.84
CA PRO H 116 2.13 30.27 5.56
C PRO H 116 1.94 29.18 4.52
N SER H 117 1.67 29.59 3.28
CA SER H 117 1.58 28.67 2.16
C SER H 117 2.98 28.43 1.59
N ALA H 118 3.05 27.78 0.43
CA ALA H 118 4.27 27.26 -0.19
C ALA H 118 5.28 28.35 -0.64
N GLN H 119 5.17 29.63 -0.30
CA GLN H 119 6.14 30.63 -0.70
C GLN H 119 7.04 31.07 0.46
N GLU H 120 7.21 30.23 1.48
CA GLU H 120 8.00 30.58 2.66
C GLU H 120 9.50 30.38 2.47
N LEU H 121 9.95 30.29 1.21
CA LEU H 121 11.34 29.93 0.92
C LEU H 121 12.32 30.96 1.45
N ILE H 122 12.01 32.25 1.32
CA ILE H 122 12.89 33.29 1.83
C ILE H 122 12.80 33.35 3.35
N GLN H 123 13.83 33.95 3.96
CA GLN H 123 14.06 33.76 5.39
C GLN H 123 13.11 34.56 6.29
N GLN H 124 12.66 35.73 5.85
CA GLN H 124 11.87 36.59 6.73
C GLN H 124 10.44 36.79 6.22
N GLU H 125 10.26 37.28 5.00
CA GLU H 125 8.93 37.54 4.49
C GLU H 125 8.24 36.24 4.10
N MET H 126 6.91 36.26 4.17
CA MET H 126 5.98 35.15 3.93
C MET H 126 6.06 34.08 5.01
N VAL H 127 7.04 34.18 5.91
CA VAL H 127 7.03 33.36 7.13
C VAL H 127 6.10 33.99 8.16
N THR H 128 5.65 35.23 7.91
CA THR H 128 4.76 35.94 8.83
C THR H 128 3.44 35.20 9.01
N LEU H 129 3.06 35.00 10.26
CA LEU H 129 1.80 34.34 10.60
C LEU H 129 0.72 35.40 10.77
N ILE H 130 -0.33 35.30 9.97
CA ILE H 130 -1.39 36.30 9.93
C ILE H 130 -2.58 35.79 10.72
N CYS H 131 -3.04 36.60 11.67
CA CYS H 131 -4.17 36.25 12.53
C CYS H 131 -5.40 37.00 12.05
N PHE H 132 -6.07 36.45 11.04
CA PHE H 132 -7.27 37.05 10.51
C PHE H 132 -8.41 36.80 11.48
N VAL H 133 -8.68 37.77 12.33
CA VAL H 133 -9.81 37.73 13.25
C VAL H 133 -10.83 38.76 12.80
N THR H 134 -12.10 38.34 12.74
CA THR H 134 -13.14 39.15 12.14
C THR H 134 -14.47 38.89 12.84
N GLY H 135 -15.39 39.84 12.66
CA GLY H 135 -16.74 39.70 13.15
C GLY H 135 -17.06 40.47 14.41
N PHE H 136 -16.07 41.05 15.07
CA PHE H 136 -16.32 41.74 16.33
C PHE H 136 -17.05 43.05 16.07
N ASN H 137 -18.14 43.29 16.82
CA ASN H 137 -18.97 44.45 16.57
C ASN H 137 -18.44 45.73 17.21
N PRO H 138 -17.96 45.73 18.47
CA PRO H 138 -17.23 46.91 18.94
C PRO H 138 -15.79 46.91 18.46
N LYS H 139 -15.26 48.11 18.23
CA LYS H 139 -13.91 48.27 17.70
C LYS H 139 -12.83 47.95 18.74
N GLU H 140 -13.16 47.94 20.02
CA GLU H 140 -12.17 47.79 21.08
C GLU H 140 -11.73 46.33 21.14
N ILE H 141 -10.62 46.01 20.46
CA ILE H 141 -10.03 44.69 20.47
C ILE H 141 -8.54 44.84 20.73
N PHE H 142 -7.93 43.77 21.23
CA PHE H 142 -6.47 43.70 21.35
C PHE H 142 -6.02 42.30 21.00
N ILE H 143 -4.89 42.21 20.30
CA ILE H 143 -4.31 40.93 19.88
C ILE H 143 -2.88 40.88 20.38
N GLN H 144 -2.53 39.79 21.07
CA GLN H 144 -1.16 39.49 21.44
C GLN H 144 -0.75 38.15 20.84
N TRP H 145 0.53 37.85 20.93
CA TRP H 145 1.09 36.65 20.35
C TRP H 145 1.91 35.91 21.40
N MET H 146 1.79 34.59 21.41
CA MET H 146 2.61 33.74 22.27
C MET H 146 3.12 32.56 21.45
N GLN H 147 4.34 32.12 21.78
CA GLN H 147 4.99 31.02 21.08
C GLN H 147 5.07 29.77 21.95
N GLY H 148 4.02 29.53 22.74
CA GLY H 148 4.00 28.38 23.62
C GLY H 148 3.85 28.76 25.08
N GLY H 149 3.19 29.89 25.34
CA GLY H 149 2.96 30.34 26.69
C GLY H 149 3.62 31.65 27.01
N VAL H 150 4.86 31.83 26.56
CA VAL H 150 5.58 33.08 26.78
C VAL H 150 5.11 34.12 25.78
N SER H 151 4.89 35.34 26.25
CA SER H 151 4.37 36.39 25.39
C SER H 151 5.45 36.87 24.42
N ILE H 152 5.00 37.32 23.25
CA ILE H 152 5.87 37.90 22.24
C ILE H 152 5.71 39.40 22.26
N SER H 153 6.83 40.13 22.21
CA SER H 153 6.82 41.57 22.40
C SER H 153 6.09 42.28 21.26
N GLU H 154 5.70 43.53 21.54
CA GLU H 154 4.88 44.30 20.60
C GLU H 154 5.62 44.68 19.33
N ASP H 155 6.95 44.61 19.32
CA ASP H 155 7.70 44.97 18.12
C ASP H 155 7.65 43.88 17.06
N LYS H 156 7.48 42.62 17.46
CA LYS H 156 7.54 41.53 16.50
C LYS H 156 6.25 41.34 15.73
N PHE H 157 5.15 41.93 16.17
CA PHE H 157 3.88 41.85 15.45
C PHE H 157 3.27 43.23 15.29
N ILE H 158 2.65 43.46 14.15
CA ILE H 158 2.03 44.76 13.84
C ILE H 158 0.59 44.52 13.38
N ASN H 159 -0.34 45.24 14.00
CA ASN H 159 -1.76 45.13 13.69
C ASN H 159 -2.19 46.29 12.82
N THR H 160 -3.35 46.13 12.19
CA THR H 160 -3.93 47.14 11.33
C THR H 160 -5.03 47.90 12.07
N VAL H 161 -5.64 48.84 11.36
CA VAL H 161 -6.83 49.50 11.88
C VAL H 161 -8.00 48.54 11.79
N PRO H 162 -8.88 48.45 12.80
CA PRO H 162 -10.04 47.57 12.68
C PRO H 162 -11.06 48.11 11.68
N MET H 163 -10.84 47.83 10.40
CA MET H 163 -11.72 48.33 9.36
C MET H 163 -13.08 47.66 9.41
N LYS H 164 -14.10 48.39 8.96
CA LYS H 164 -15.46 47.88 8.95
C LYS H 164 -15.69 47.04 7.71
N SER H 165 -16.20 45.83 7.90
CA SER H 165 -16.58 44.99 6.78
C SER H 165 -17.77 45.61 6.05
N ASP H 166 -17.71 45.58 4.71
CA ASP H 166 -18.75 46.22 3.91
C ASP H 166 -20.08 45.48 4.04
N GLY H 167 -21.17 46.25 4.11
CA GLY H 167 -22.50 45.72 4.25
C GLY H 167 -22.90 45.35 5.66
N GLU H 168 -21.95 45.11 6.55
CA GLU H 168 -22.21 44.67 7.91
C GLU H 168 -21.69 45.69 8.90
N GLN H 169 -22.15 45.57 10.14
CA GLN H 169 -21.64 46.38 11.24
C GLN H 169 -20.38 45.79 11.87
N THR H 170 -20.06 44.53 11.56
CA THR H 170 -18.89 43.89 12.14
C THR H 170 -17.61 44.43 11.52
N TYR H 171 -16.52 44.38 12.29
CA TYR H 171 -15.22 44.84 11.86
C TYR H 171 -14.30 43.65 11.61
N PHE H 172 -13.11 43.95 11.09
CA PHE H 172 -12.10 42.93 10.85
C PHE H 172 -10.72 43.55 10.97
N ILE H 173 -9.80 42.81 11.56
CA ILE H 173 -8.44 43.27 11.80
C ILE H 173 -7.47 42.12 11.52
N TYR H 174 -6.33 42.45 10.94
CA TYR H 174 -5.28 41.46 10.68
C TYR H 174 -4.12 41.70 11.63
N SER H 175 -3.55 40.61 12.14
CA SER H 175 -2.37 40.67 12.99
C SER H 175 -1.32 39.73 12.40
N LYS H 176 -0.24 40.31 11.86
CA LYS H 176 0.85 39.54 11.31
C LYS H 176 2.02 39.52 12.29
N LEU H 177 2.69 38.38 12.39
CA LEU H 177 3.84 38.21 13.28
C LEU H 177 5.04 37.76 12.46
N ALA H 178 6.01 38.65 12.30
CA ALA H 178 7.19 38.35 11.50
C ALA H 178 8.18 37.55 12.34
N ILE H 179 8.44 36.31 11.92
CA ILE H 179 9.35 35.42 12.63
C ILE H 179 10.39 34.90 11.64
N PRO H 180 11.55 34.48 12.13
CA PRO H 180 12.51 33.82 11.23
C PRO H 180 11.98 32.48 10.72
N ALA H 181 12.43 32.10 9.52
CA ALA H 181 11.97 30.87 8.90
C ALA H 181 12.39 29.64 9.69
N ALA H 182 13.51 29.72 10.39
CA ALA H 182 13.97 28.59 11.20
C ALA H 182 13.02 28.31 12.36
N LYS H 183 12.44 29.36 12.94
CA LYS H 183 11.50 29.17 14.05
C LYS H 183 10.24 28.45 13.60
N TRP H 184 9.72 28.79 12.41
CA TRP H 184 8.53 28.11 11.92
C TRP H 184 8.81 26.65 11.56
N ASN H 185 10.03 26.37 11.08
CA ASN H 185 10.40 25.00 10.75
C ASN H 185 10.71 24.15 11.96
N GLN H 186 10.87 24.75 13.15
CA GLN H 186 11.09 23.97 14.35
C GLN H 186 9.84 23.22 14.81
N GLY H 187 8.66 23.62 14.32
CA GLY H 187 7.44 22.95 14.70
C GLY H 187 6.83 23.40 16.01
N ASP H 188 7.35 24.44 16.63
CA ASP H 188 6.80 24.94 17.88
C ASP H 188 5.43 25.59 17.65
N VAL H 189 4.60 25.53 18.67
CA VAL H 189 3.23 26.04 18.56
C VAL H 189 3.24 27.56 18.66
N PHE H 190 2.37 28.20 17.89
CA PHE H 190 2.18 29.64 17.93
C PHE H 190 0.72 29.93 18.22
N THR H 191 0.45 30.63 19.32
CA THR H 191 -0.90 30.95 19.74
C THR H 191 -1.14 32.44 19.51
N CYS H 192 -2.17 32.75 18.74
CA CYS H 192 -2.62 34.13 18.56
C CYS H 192 -3.80 34.35 19.49
N VAL H 193 -3.54 34.99 20.62
CA VAL H 193 -4.59 35.31 21.58
C VAL H 193 -5.28 36.59 21.15
N VAL H 194 -6.61 36.56 21.16
CA VAL H 194 -7.44 37.69 20.75
C VAL H 194 -8.36 38.02 21.91
N GLY H 195 -8.27 39.25 22.41
CA GLY H 195 -9.05 39.68 23.55
C GLY H 195 -10.12 40.69 23.14
N HIS H 196 -11.36 40.38 23.48
CA HIS H 196 -12.48 41.21 23.07
C HIS H 196 -13.59 41.10 24.10
N GLU H 197 -14.31 42.20 24.30
CA GLU H 197 -15.31 42.26 25.36
C GLU H 197 -16.57 41.45 25.04
N ALA H 198 -16.76 41.06 23.78
CA ALA H 198 -17.95 40.32 23.40
C ALA H 198 -17.78 38.82 23.44
N LEU H 199 -16.57 38.34 23.74
CA LEU H 199 -16.36 36.91 23.87
C LEU H 199 -17.00 36.40 25.15
N PRO H 200 -17.42 35.12 25.19
CA PRO H 200 -17.97 34.57 26.44
C PRO H 200 -17.02 34.65 27.61
N LEU H 201 -15.73 34.42 27.35
CA LEU H 201 -14.65 34.80 28.24
C LEU H 201 -13.64 35.56 27.41
N TYR H 202 -13.12 36.66 27.97
CA TYR H 202 -12.49 37.70 27.17
C TYR H 202 -11.13 37.31 26.57
N ILE H 203 -10.79 36.03 26.65
CA ILE H 203 -9.61 35.47 25.99
C ILE H 203 -10.04 34.31 25.11
N THR H 204 -9.65 34.35 23.84
CA THR H 204 -9.80 33.22 22.95
C THR H 204 -8.61 33.20 22.00
N GLN H 205 -7.92 32.07 21.94
CA GLN H 205 -6.71 31.95 21.14
C GLN H 205 -6.85 30.79 20.17
N GLN H 206 -6.09 30.87 19.07
CA GLN H 206 -5.98 29.80 18.10
C GLN H 206 -4.51 29.41 17.99
N SER H 207 -4.26 28.11 17.84
CA SER H 207 -2.91 27.57 17.80
C SER H 207 -2.71 26.78 16.53
N ILE H 208 -1.60 27.06 15.82
CA ILE H 208 -1.25 26.32 14.62
C ILE H 208 0.21 25.90 14.69
N ASP H 209 0.54 24.88 13.90
CA ASP H 209 1.91 24.39 13.77
C ASP H 209 2.00 23.64 12.45
N LYS H 210 3.24 23.42 12.02
CA LYS H 210 3.48 22.75 10.74
C LYS H 210 3.11 21.27 10.81
N ASN I 1 -10.67 -47.08 63.12
CA ASN I 1 -10.81 -46.35 64.37
C ASN I 1 -10.09 -45.00 64.31
N LEU I 2 -10.11 -44.38 63.13
CA LEU I 2 -9.50 -43.06 62.93
C LEU I 2 -10.55 -42.02 63.30
N GLN I 3 -10.40 -41.46 64.51
CA GLN I 3 -11.47 -40.66 65.09
C GLN I 3 -11.49 -39.24 64.54
N VAL I 4 -10.43 -38.48 64.77
CA VAL I 4 -10.45 -37.04 64.56
C VAL I 4 -9.94 -36.70 63.17
N TYR I 5 -10.71 -35.89 62.45
CA TYR I 5 -10.33 -35.36 61.15
C TYR I 5 -10.51 -33.84 61.19
N PRO I 6 -9.50 -33.10 61.64
CA PRO I 6 -9.64 -31.65 61.74
C PRO I 6 -9.61 -30.98 60.37
N LEU I 7 -10.28 -29.83 60.29
CA LEU I 7 -10.31 -29.02 59.09
C LEU I 7 -9.82 -27.61 59.42
N THR I 8 -8.63 -27.27 58.90
CA THR I 8 -8.14 -25.91 59.01
C THR I 8 -8.96 -24.98 58.12
N PRO I 9 -9.16 -23.73 58.52
CA PRO I 9 -9.93 -22.80 57.68
C PRO I 9 -9.19 -22.46 56.40
N THR I 10 -9.95 -22.40 55.30
CA THR I 10 -9.38 -22.05 54.01
C THR I 10 -9.04 -20.58 53.96
N PHE I 11 -8.21 -20.21 52.97
CA PHE I 11 -7.82 -18.82 52.81
C PHE I 11 -8.99 -17.95 52.39
N HIS I 12 -9.87 -18.48 51.52
CA HIS I 12 -11.03 -17.72 51.09
C HIS I 12 -11.98 -17.46 52.25
N ASP I 13 -12.15 -18.43 53.14
CA ASP I 13 -13.00 -18.24 54.31
C ASP I 13 -12.27 -17.50 55.43
N LEU I 14 -10.98 -17.23 55.29
CA LEU I 14 -10.24 -16.51 56.31
C LEU I 14 -10.14 -15.02 56.03
N TYR I 15 -10.20 -14.62 54.77
CA TYR I 15 -9.98 -13.22 54.43
C TYR I 15 -11.11 -12.62 53.62
N PHE I 16 -11.73 -13.37 52.73
CA PHE I 16 -12.70 -12.82 51.81
C PHE I 16 -14.12 -13.31 52.05
N SER I 17 -14.31 -14.24 52.99
CA SER I 17 -15.61 -14.52 53.56
C SER I 17 -15.66 -14.28 55.06
N ARG I 18 -14.51 -14.23 55.72
CA ARG I 18 -14.35 -14.00 57.16
C ARG I 18 -15.10 -15.01 58.01
N ASN I 19 -15.38 -16.19 57.46
CA ASN I 19 -16.00 -17.27 58.22
C ASN I 19 -14.92 -18.25 58.67
N ALA I 20 -14.08 -17.76 59.59
CA ALA I 20 -12.95 -18.55 60.10
C ALA I 20 -13.50 -19.57 61.09
N LYS I 21 -13.95 -20.70 60.56
CA LYS I 21 -14.55 -21.77 61.34
C LYS I 21 -13.61 -22.96 61.34
N ILE I 22 -12.93 -23.19 62.46
CA ILE I 22 -12.09 -24.37 62.62
C ILE I 22 -12.96 -25.52 63.13
N THR I 23 -12.81 -26.69 62.52
CA THR I 23 -13.70 -27.81 62.80
C THR I 23 -12.89 -29.10 62.83
N CYS I 24 -13.06 -29.88 63.91
CA CYS I 24 -12.49 -31.22 64.00
C CYS I 24 -13.62 -32.22 63.90
N LEU I 25 -13.90 -32.67 62.67
CA LEU I 25 -14.94 -33.65 62.44
C LEU I 25 -14.51 -35.02 62.97
N VAL I 26 -15.41 -35.69 63.66
CA VAL I 26 -15.15 -37.01 64.24
C VAL I 26 -15.95 -37.99 63.39
N SER I 27 -15.27 -38.59 62.40
CA SER I 27 -15.96 -39.43 61.42
C SER I 27 -16.29 -40.81 61.99
N SER I 28 -15.46 -41.34 62.86
CA SER I 28 -15.60 -42.72 63.36
C SER I 28 -16.20 -42.68 64.76
N MET I 29 -17.52 -42.82 64.83
CA MET I 29 -18.23 -42.95 66.09
C MET I 29 -19.19 -44.13 66.04
N LYS I 30 -19.20 -44.92 67.12
CA LYS I 30 -20.11 -46.04 67.25
C LYS I 30 -21.14 -45.85 68.36
N THR I 31 -20.78 -45.18 69.44
CA THR I 31 -21.70 -44.90 70.54
C THR I 31 -21.65 -43.43 70.88
N ILE I 32 -22.83 -42.82 71.04
CA ILE I 32 -22.94 -41.41 71.42
C ILE I 32 -22.98 -41.20 72.92
N GLU I 33 -23.07 -42.27 73.71
CA GLU I 33 -23.13 -42.14 75.15
C GLU I 33 -21.75 -41.80 75.72
N ASN I 34 -21.75 -40.94 76.74
CA ASN I 34 -20.53 -40.49 77.44
C ASN I 34 -19.53 -39.86 76.48
N PHE I 35 -20.04 -39.13 75.48
CA PHE I 35 -19.23 -38.52 74.44
C PHE I 35 -19.36 -37.01 74.50
N ASP I 36 -18.22 -36.32 74.50
CA ASP I 36 -18.19 -34.87 74.47
C ASP I 36 -16.89 -34.41 73.83
N ILE I 37 -16.91 -33.19 73.30
CA ILE I 37 -15.74 -32.55 72.72
C ILE I 37 -15.49 -31.27 73.49
N SER I 38 -14.30 -31.14 74.08
CA SER I 38 -13.92 -29.99 74.88
C SER I 38 -12.90 -29.17 74.10
N TRP I 39 -13.24 -27.93 73.78
CA TRP I 39 -12.34 -27.06 73.05
C TRP I 39 -11.37 -26.36 73.99
N GLU I 40 -10.16 -26.13 73.50
CA GLU I 40 -9.11 -25.47 74.27
C GLU I 40 -8.26 -24.63 73.32
N ARG I 41 -7.94 -23.41 73.76
CA ARG I 41 -7.13 -22.49 72.98
C ARG I 41 -5.88 -22.11 73.76
N GLU I 42 -4.84 -21.72 73.02
CA GLU I 42 -3.52 -21.50 73.63
C GLU I 42 -3.51 -20.26 74.51
N LYS I 43 -4.02 -19.15 74.00
CA LYS I 43 -4.00 -17.88 74.70
C LYS I 43 -5.40 -17.55 75.22
N ALA I 44 -5.54 -16.36 75.82
CA ALA I 44 -6.84 -15.90 76.27
C ALA I 44 -7.68 -15.47 75.08
N GLY I 45 -8.94 -15.90 75.05
CA GLY I 45 -9.81 -15.55 73.94
C GLY I 45 -11.17 -16.19 74.11
N ASN I 46 -12.02 -15.93 73.12
CA ASN I 46 -13.37 -16.46 73.10
C ASN I 46 -13.35 -17.94 72.74
N LEU I 47 -14.50 -18.60 72.94
CA LEU I 47 -14.64 -20.01 72.61
C LEU I 47 -16.11 -20.22 72.21
N GLU I 48 -16.39 -20.18 70.91
CA GLU I 48 -17.73 -20.37 70.38
C GLU I 48 -17.97 -21.87 70.24
N PHE I 49 -18.61 -22.46 71.25
CA PHE I 49 -18.75 -23.91 71.33
C PHE I 49 -19.99 -24.33 70.56
N VAL I 50 -19.80 -24.86 69.35
CA VAL I 50 -20.87 -25.36 68.51
C VAL I 50 -20.52 -26.78 68.07
N THR I 51 -21.40 -27.73 68.35
CA THR I 51 -21.23 -29.11 67.94
C THR I 51 -22.45 -29.55 67.14
N GLU I 52 -22.22 -30.21 66.01
CA GLU I 52 -23.30 -30.68 65.18
C GLU I 52 -23.95 -31.92 65.78
N ASP I 53 -25.18 -32.18 65.34
CA ASP I 53 -25.89 -33.37 65.78
C ASP I 53 -25.26 -34.61 65.17
N PRO I 54 -25.13 -35.69 65.94
CA PRO I 54 -24.57 -36.94 65.38
C PRO I 54 -25.48 -37.52 64.30
N VAL I 55 -24.89 -37.86 63.17
CA VAL I 55 -25.60 -38.37 62.00
C VAL I 55 -24.90 -39.61 61.48
N LEU I 56 -25.61 -40.38 60.67
CA LEU I 56 -25.12 -41.65 60.15
C LEU I 56 -24.37 -41.41 58.85
N HIS I 57 -23.11 -41.84 58.80
CA HIS I 57 -22.28 -41.73 57.60
C HIS I 57 -21.29 -42.89 57.58
N ASP I 58 -20.29 -42.77 56.72
CA ASP I 58 -19.16 -43.72 56.59
C ASP I 58 -19.73 -45.10 56.27
N ASN I 59 -19.22 -46.16 56.90
CA ASN I 59 -19.77 -47.50 56.74
C ASN I 59 -20.72 -47.83 57.88
N GLY I 60 -21.80 -47.05 57.97
CA GLY I 60 -22.80 -47.28 59.00
C GLY I 60 -22.43 -46.81 60.38
N THR I 61 -21.47 -45.89 60.51
CA THR I 61 -21.05 -45.37 61.78
C THR I 61 -21.54 -43.94 61.98
N TYR I 62 -21.58 -43.51 63.24
CA TYR I 62 -21.99 -42.15 63.55
C TYR I 62 -20.88 -41.17 63.22
N SER I 63 -21.27 -39.94 62.90
CA SER I 63 -20.34 -38.87 62.58
C SER I 63 -20.75 -37.61 63.31
N VAL I 64 -19.81 -37.02 64.06
CA VAL I 64 -20.05 -35.80 64.83
C VAL I 64 -19.01 -34.77 64.42
N ALA I 65 -19.47 -33.54 64.18
CA ALA I 65 -18.59 -32.42 63.85
C ALA I 65 -18.76 -31.31 64.88
N SER I 66 -17.65 -30.71 65.29
CA SER I 66 -17.65 -29.62 66.25
C SER I 66 -17.04 -28.39 65.59
N ILE I 67 -17.82 -27.31 65.51
CA ILE I 67 -17.41 -26.10 64.81
C ILE I 67 -17.04 -25.05 65.84
N LEU I 68 -15.81 -24.54 65.75
CA LEU I 68 -15.34 -23.46 66.60
C LEU I 68 -15.11 -22.23 65.74
N SER I 69 -15.67 -21.10 66.17
CA SER I 69 -15.55 -19.83 65.44
C SER I 69 -14.42 -19.02 66.07
N VAL I 70 -13.31 -18.91 65.35
CA VAL I 70 -12.15 -18.15 65.81
C VAL I 70 -11.99 -16.91 64.95
N CYS I 71 -11.16 -15.99 65.43
CA CYS I 71 -10.83 -14.80 64.66
C CYS I 71 -9.88 -15.14 63.52
N ALA I 72 -9.92 -14.31 62.47
CA ALA I 72 -8.97 -14.50 61.37
C ALA I 72 -7.55 -14.17 61.80
N GLU I 73 -7.39 -13.12 62.62
CA GLU I 73 -6.06 -12.76 63.10
C GLU I 73 -5.54 -13.72 64.16
N ASP I 74 -6.43 -14.44 64.85
CA ASP I 74 -5.99 -15.40 65.85
C ASP I 74 -5.44 -16.66 65.21
N TRP I 75 -6.02 -17.07 64.07
CA TRP I 75 -5.56 -18.27 63.39
C TRP I 75 -4.16 -18.10 62.83
N GLU I 76 -3.86 -16.90 62.33
CA GLU I 76 -2.54 -16.65 61.71
C GLU I 76 -1.51 -16.17 62.71
N SER I 77 -1.87 -15.98 63.98
CA SER I 77 -0.93 -15.56 65.01
C SER I 77 -0.19 -16.73 65.64
N GLY I 78 -0.20 -17.90 65.01
CA GLY I 78 0.44 -19.07 65.57
C GLY I 78 -0.27 -19.69 66.75
N ASP I 79 -1.55 -19.38 66.94
CA ASP I 79 -2.29 -19.94 68.08
C ASP I 79 -2.58 -21.42 67.84
N LYS I 80 -2.56 -22.18 68.93
CA LYS I 80 -2.80 -23.62 68.90
C LYS I 80 -4.16 -23.91 69.49
N PHE I 81 -5.08 -24.38 68.64
CA PHE I 81 -6.42 -24.77 69.05
C PHE I 81 -6.51 -26.29 69.05
N SER I 82 -6.96 -26.86 70.17
CA SER I 82 -7.04 -28.30 70.33
C SER I 82 -8.41 -28.69 70.86
N CYS I 83 -9.00 -29.72 70.26
CA CYS I 83 -10.24 -30.31 70.74
C CYS I 83 -9.96 -31.71 71.25
N THR I 84 -10.59 -32.08 72.36
CA THR I 84 -10.37 -33.35 73.02
C THR I 84 -11.63 -34.19 72.90
N VAL I 85 -11.51 -35.38 72.32
CA VAL I 85 -12.62 -36.31 72.19
C VAL I 85 -12.48 -37.40 73.25
N ARG I 86 -13.61 -37.82 73.81
CA ARG I 86 -13.60 -38.82 74.88
C ARG I 86 -14.98 -39.48 74.91
N SER I 87 -15.03 -40.77 74.56
CA SER I 87 -16.28 -41.51 74.52
C SER I 87 -16.00 -42.94 74.98
N GLN I 88 -16.99 -43.81 74.79
CA GLN I 88 -16.82 -45.22 75.12
C GLN I 88 -15.90 -45.94 74.15
N ASP I 89 -15.79 -45.46 72.91
CA ASP I 89 -14.86 -46.01 71.95
C ASP I 89 -13.45 -45.48 72.12
N LEU I 90 -13.26 -44.47 72.98
CA LEU I 90 -11.94 -43.88 73.18
C LEU I 90 -11.35 -44.41 74.48
N PRO I 91 -10.28 -45.21 74.42
CA PRO I 91 -9.61 -45.60 75.68
C PRO I 91 -8.87 -44.45 76.33
N SER I 92 -8.33 -43.53 75.54
CA SER I 92 -7.65 -42.35 76.02
C SER I 92 -8.06 -41.17 75.15
N PRO I 93 -8.15 -39.97 75.71
CA PRO I 93 -8.48 -38.79 74.90
C PRO I 93 -7.38 -38.49 73.88
N VAL I 94 -7.81 -38.07 72.69
CA VAL I 94 -6.90 -37.73 71.61
C VAL I 94 -6.81 -36.21 71.51
N LYS I 95 -5.63 -35.66 71.81
CA LYS I 95 -5.41 -34.22 71.79
C LYS I 95 -4.89 -33.82 70.42
N LYS I 96 -5.81 -33.69 69.46
CA LYS I 96 -5.48 -33.19 68.14
C LYS I 96 -5.39 -31.67 68.23
N THR I 97 -4.16 -31.16 68.20
CA THR I 97 -3.92 -29.72 68.27
C THR I 97 -3.75 -29.17 66.85
N ILE I 98 -4.46 -28.09 66.57
CA ILE I 98 -4.48 -27.51 65.23
C ILE I 98 -3.89 -26.10 65.30
N PHE I 99 -2.94 -25.83 64.42
CA PHE I 99 -2.35 -24.51 64.30
C PHE I 99 -1.97 -24.29 62.84
N LYS I 100 -1.77 -23.03 62.47
CA LYS I 100 -1.38 -22.69 61.11
C LYS I 100 0.05 -23.14 60.89
N GLN I 101 0.23 -24.25 60.18
CA GLN I 101 1.54 -24.83 59.97
C GLN I 101 2.27 -24.13 58.83
N ASN I 102 3.59 -24.03 58.95
CA ASN I 102 4.41 -23.48 57.89
C ASN I 102 4.56 -24.50 56.76
N GLU I 103 4.72 -23.99 55.55
CA GLU I 103 4.94 -24.81 54.35
C GLU I 103 6.08 -24.23 53.53
N GLY I 104 7.17 -23.88 54.20
CA GLY I 104 8.30 -23.27 53.54
C GLY I 104 8.09 -21.78 53.29
N THR I 105 9.02 -21.20 52.56
CA THR I 105 8.92 -19.79 52.21
C THR I 105 7.84 -19.62 51.14
N PRO I 106 6.81 -18.81 51.38
CA PRO I 106 5.77 -18.63 50.37
C PRO I 106 6.28 -17.91 49.13
N LYS I 107 5.70 -18.27 47.99
CA LYS I 107 6.02 -17.66 46.71
C LYS I 107 4.74 -17.17 46.06
N ALA I 108 4.78 -15.99 45.49
CA ALA I 108 3.59 -15.41 44.88
C ALA I 108 3.27 -16.15 43.58
N PRO I 109 2.04 -16.63 43.40
CA PRO I 109 1.69 -17.32 42.16
C PRO I 109 1.70 -16.39 40.96
N ASP I 110 1.97 -16.97 39.79
CA ASP I 110 2.04 -16.23 38.54
C ASP I 110 0.85 -16.63 37.69
N VAL I 111 -0.07 -15.70 37.47
CA VAL I 111 -1.31 -15.97 36.77
C VAL I 111 -1.07 -15.78 35.27
N TYR I 112 -1.25 -16.84 34.50
CA TYR I 112 -1.18 -16.78 33.04
C TYR I 112 -2.52 -17.29 32.52
N LEU I 113 -3.43 -16.37 32.23
CA LEU I 113 -4.71 -16.77 31.68
C LEU I 113 -4.52 -17.07 30.20
N LEU I 114 -5.08 -18.18 29.74
CA LEU I 114 -4.90 -18.59 28.36
C LEU I 114 -6.18 -18.44 27.57
N PRO I 115 -6.11 -17.89 26.37
CA PRO I 115 -7.32 -17.76 25.54
C PRO I 115 -7.74 -19.12 25.01
N PRO I 116 -8.96 -19.23 24.47
CA PRO I 116 -9.34 -20.46 23.76
C PRO I 116 -8.42 -20.68 22.57
N SER I 117 -8.16 -21.96 22.27
CA SER I 117 -7.21 -22.32 21.23
C SER I 117 -7.76 -21.98 19.86
N ALA I 118 -6.96 -22.29 18.83
CA ALA I 118 -7.35 -22.05 17.45
C ALA I 118 -8.57 -22.88 17.03
N GLN I 119 -8.89 -23.94 17.77
CA GLN I 119 -10.08 -24.75 17.47
C GLN I 119 -11.31 -24.22 18.20
N GLU I 120 -11.54 -22.92 18.07
CA GLU I 120 -12.84 -22.32 18.34
C GLU I 120 -13.63 -22.10 17.06
N LEU I 121 -13.03 -22.40 15.91
CA LEU I 121 -13.70 -22.36 14.62
C LEU I 121 -14.70 -23.50 14.44
N ILE I 122 -14.71 -24.47 15.36
CA ILE I 122 -15.74 -25.51 15.35
C ILE I 122 -17.12 -24.88 15.52
N GLN I 123 -17.23 -23.92 16.45
CA GLN I 123 -18.42 -23.11 16.75
C GLN I 123 -19.52 -23.93 17.39
N GLN I 124 -20.28 -23.29 18.29
CA GLN I 124 -21.32 -23.85 19.16
C GLN I 124 -20.70 -24.78 20.22
N GLU I 125 -19.39 -24.99 20.15
CA GLU I 125 -18.67 -25.71 21.18
C GLU I 125 -18.35 -24.77 22.33
N MET I 126 -18.49 -25.27 23.55
CA MET I 126 -18.23 -24.46 24.73
C MET I 126 -16.72 -24.24 24.83
N VAL I 127 -16.27 -23.06 24.39
CA VAL I 127 -14.86 -22.73 24.45
C VAL I 127 -14.45 -22.53 25.91
N THR I 128 -13.19 -22.86 26.20
CA THR I 128 -12.68 -22.85 27.56
C THR I 128 -11.53 -21.87 27.68
N LEU I 129 -11.61 -20.97 28.65
CA LEU I 129 -10.50 -20.11 29.04
C LEU I 129 -9.80 -20.75 30.23
N ILE I 130 -8.50 -20.98 30.11
CA ILE I 130 -7.74 -21.70 31.12
C ILE I 130 -6.90 -20.70 31.89
N CYS I 131 -7.05 -20.69 33.21
CA CYS I 131 -6.30 -19.80 34.08
C CYS I 131 -5.15 -20.59 34.69
N PHE I 132 -4.12 -20.84 33.89
CA PHE I 132 -2.93 -21.52 34.37
C PHE I 132 -2.19 -20.58 35.30
N VAL I 133 -2.29 -20.84 36.60
CA VAL I 133 -1.56 -20.09 37.60
C VAL I 133 -0.63 -21.05 38.34
N THR I 134 0.63 -20.66 38.47
CA THR I 134 1.69 -21.56 38.89
C THR I 134 2.70 -20.84 39.76
N GLY I 135 3.47 -21.61 40.51
CA GLY I 135 4.57 -21.07 41.27
C GLY I 135 4.22 -20.53 42.63
N PHE I 136 3.30 -21.17 43.35
CA PHE I 136 2.93 -20.75 44.71
C PHE I 136 3.27 -21.85 45.69
N ASN I 137 3.92 -21.48 46.80
CA ASN I 137 4.41 -22.49 47.73
C ASN I 137 3.33 -22.99 48.70
N PRO I 138 2.52 -22.14 49.34
CA PRO I 138 1.37 -22.70 50.07
C PRO I 138 0.28 -23.11 49.10
N LYS I 139 -0.17 -24.36 49.21
CA LYS I 139 -1.14 -24.89 48.26
C LYS I 139 -2.54 -24.34 48.46
N GLU I 140 -2.79 -23.63 49.55
CA GLU I 140 -4.11 -23.06 49.82
C GLU I 140 -4.32 -21.85 48.92
N ILE I 141 -5.06 -22.05 47.83
CA ILE I 141 -5.33 -21.00 46.86
C ILE I 141 -6.79 -21.12 46.42
N PHE I 142 -7.45 -19.98 46.25
CA PHE I 142 -8.80 -19.96 45.69
C PHE I 142 -8.78 -19.17 44.38
N ILE I 143 -9.41 -19.73 43.37
CA ILE I 143 -9.52 -19.10 42.06
C ILE I 143 -11.01 -18.90 41.76
N GLN I 144 -11.36 -17.68 41.39
CA GLN I 144 -12.71 -17.36 40.95
C GLN I 144 -12.63 -16.71 39.58
N TRP I 145 -13.79 -16.64 38.91
CA TRP I 145 -13.88 -16.08 37.57
C TRP I 145 -14.91 -14.96 37.55
N MET I 146 -14.64 -13.95 36.74
CA MET I 146 -15.56 -12.85 36.51
C MET I 146 -15.62 -12.56 35.02
N GLN I 147 -16.76 -12.03 34.58
CA GLN I 147 -16.96 -11.71 33.17
C GLN I 147 -17.24 -10.22 32.99
N GLY I 148 -16.46 -9.37 33.65
CA GLY I 148 -16.73 -7.96 33.63
C GLY I 148 -17.40 -7.46 34.91
N GLY I 149 -16.76 -7.71 36.04
CA GLY I 149 -17.25 -7.23 37.32
C GLY I 149 -18.15 -8.22 38.03
N VAL I 150 -19.12 -8.76 37.30
CA VAL I 150 -20.03 -9.74 37.88
C VAL I 150 -19.30 -11.07 38.04
N SER I 151 -19.44 -11.68 39.21
CA SER I 151 -18.73 -12.91 39.53
C SER I 151 -19.43 -14.11 38.91
N ILE I 152 -18.67 -14.89 38.13
CA ILE I 152 -19.20 -16.11 37.55
C ILE I 152 -19.36 -17.16 38.65
N SER I 153 -20.49 -17.86 38.61
CA SER I 153 -20.81 -18.84 39.65
C SER I 153 -19.82 -20.00 39.64
N GLU I 154 -19.79 -20.73 40.75
CA GLU I 154 -18.84 -21.82 40.92
C GLU I 154 -19.14 -23.01 40.02
N ASP I 155 -20.33 -23.06 39.42
CA ASP I 155 -20.72 -24.20 38.60
C ASP I 155 -20.25 -24.07 37.15
N LYS I 156 -19.70 -22.91 36.76
CA LYS I 156 -19.24 -22.72 35.39
C LYS I 156 -17.73 -22.82 35.24
N PHE I 157 -17.01 -23.07 36.33
CA PHE I 157 -15.57 -23.31 36.25
C PHE I 157 -15.18 -24.37 37.27
N ILE I 158 -14.16 -25.14 36.92
CA ILE I 158 -13.67 -26.22 37.77
C ILE I 158 -12.15 -26.10 37.90
N ASN I 159 -11.66 -26.15 39.14
CA ASN I 159 -10.24 -26.07 39.42
C ASN I 159 -9.69 -27.46 39.71
N THR I 160 -8.45 -27.68 39.28
CA THR I 160 -7.79 -28.94 39.55
C THR I 160 -7.28 -28.99 40.99
N VAL I 161 -6.83 -30.17 41.39
CA VAL I 161 -6.08 -30.28 42.65
C VAL I 161 -4.76 -29.53 42.50
N PRO I 162 -4.29 -28.81 43.51
CA PRO I 162 -3.02 -28.08 43.35
C PRO I 162 -1.83 -29.01 43.33
N MET I 163 -1.51 -29.53 42.14
CA MET I 163 -0.38 -30.44 41.98
C MET I 163 0.93 -29.74 42.30
N LYS I 164 1.89 -30.51 42.80
CA LYS I 164 3.22 -30.01 43.11
C LYS I 164 4.07 -30.04 41.85
N SER I 165 4.70 -28.93 41.53
CA SER I 165 5.60 -28.86 40.37
C SER I 165 6.82 -29.74 40.61
N ASP I 166 7.19 -30.51 39.59
CA ASP I 166 8.29 -31.45 39.74
C ASP I 166 9.63 -30.74 39.89
N GLY I 167 10.45 -31.24 40.81
CA GLY I 167 11.75 -30.65 41.05
C GLY I 167 11.72 -29.30 41.73
N GLU I 168 10.62 -28.95 42.40
CA GLU I 168 10.49 -27.66 43.04
C GLU I 168 9.47 -27.75 44.17
N GLN I 169 9.55 -26.79 45.08
CA GLN I 169 8.62 -26.71 46.20
C GLN I 169 7.32 -25.99 45.83
N THR I 170 7.27 -25.34 44.67
CA THR I 170 6.10 -24.61 44.25
C THR I 170 5.05 -25.56 43.68
N TYR I 171 3.84 -25.03 43.52
CA TYR I 171 2.69 -25.79 43.04
C TYR I 171 2.16 -25.15 41.75
N PHE I 172 1.16 -25.80 41.16
CA PHE I 172 0.47 -25.23 40.01
C PHE I 172 -0.96 -25.78 39.97
N ILE I 173 -1.85 -25.01 39.33
CA ILE I 173 -3.27 -25.32 39.32
C ILE I 173 -3.88 -24.63 38.11
N TYR I 174 -4.87 -25.28 37.51
CA TYR I 174 -5.60 -24.74 36.37
C TYR I 174 -7.03 -24.42 36.77
N SER I 175 -7.69 -23.65 35.90
CA SER I 175 -9.10 -23.32 36.11
C SER I 175 -9.71 -23.04 34.73
N LYS I 176 -10.40 -24.03 34.18
CA LYS I 176 -11.07 -23.85 32.90
C LYS I 176 -12.45 -23.25 33.13
N LEU I 177 -12.86 -22.36 32.23
CA LEU I 177 -14.18 -21.75 32.28
C LEU I 177 -14.88 -22.06 30.97
N ALA I 178 -15.89 -22.94 31.03
CA ALA I 178 -16.63 -23.34 29.84
C ALA I 178 -17.71 -22.30 29.56
N ILE I 179 -17.54 -21.57 28.46
CA ILE I 179 -18.51 -20.56 28.04
C ILE I 179 -18.94 -20.85 26.61
N PRO I 180 -20.16 -20.48 26.21
CA PRO I 180 -20.53 -20.61 24.79
C PRO I 180 -19.71 -19.65 23.94
N ALA I 181 -19.51 -20.06 22.67
CA ALA I 181 -18.71 -19.26 21.75
C ALA I 181 -19.38 -17.92 21.42
N ALA I 182 -20.69 -17.81 21.61
CA ALA I 182 -21.36 -16.53 21.42
C ALA I 182 -20.89 -15.50 22.44
N LYS I 183 -20.70 -15.92 23.70
CA LYS I 183 -20.21 -15.00 24.73
C LYS I 183 -18.78 -14.57 24.45
N TRP I 184 -17.91 -15.50 24.06
CA TRP I 184 -16.52 -15.17 23.79
C TRP I 184 -16.39 -14.26 22.58
N ASN I 185 -17.15 -14.53 21.52
CA ASN I 185 -17.12 -13.69 20.34
C ASN I 185 -17.89 -12.39 20.51
N GLN I 186 -18.65 -12.24 21.59
CA GLN I 186 -19.34 -10.98 21.86
C GLN I 186 -18.35 -9.86 22.18
N GLY I 187 -17.18 -10.21 22.73
CA GLY I 187 -16.14 -9.25 22.99
C GLY I 187 -15.98 -8.82 24.44
N ASP I 188 -16.72 -9.41 25.37
CA ASP I 188 -16.59 -9.02 26.76
C ASP I 188 -15.29 -9.59 27.35
N VAL I 189 -14.90 -9.02 28.49
CA VAL I 189 -13.63 -9.35 29.13
C VAL I 189 -13.91 -10.36 30.24
N PHE I 190 -13.23 -11.51 30.17
CA PHE I 190 -13.28 -12.51 31.23
C PHE I 190 -12.02 -12.39 32.07
N THR I 191 -12.18 -12.29 33.37
CA THR I 191 -11.06 -12.11 34.29
C THR I 191 -10.99 -13.32 35.22
N CYS I 192 -9.78 -13.78 35.49
CA CYS I 192 -9.53 -14.85 36.44
C CYS I 192 -8.89 -14.25 37.68
N VAL I 193 -9.69 -14.03 38.70
CA VAL I 193 -9.17 -13.52 39.96
C VAL I 193 -8.59 -14.67 40.77
N VAL I 194 -7.33 -14.51 41.19
CA VAL I 194 -6.57 -15.56 41.86
C VAL I 194 -6.23 -15.06 43.25
N GLY I 195 -6.64 -15.81 44.27
CA GLY I 195 -6.45 -15.37 45.64
C GLY I 195 -5.49 -16.24 46.40
N HIS I 196 -4.37 -15.67 46.84
CA HIS I 196 -3.34 -16.44 47.52
C HIS I 196 -2.75 -15.60 48.64
N GLU I 197 -2.21 -16.26 49.65
CA GLU I 197 -1.66 -15.58 50.81
C GLU I 197 -0.29 -14.98 50.55
N ALA I 198 0.41 -15.41 49.49
CA ALA I 198 1.75 -14.92 49.23
C ALA I 198 1.78 -13.70 48.34
N LEU I 199 0.64 -13.30 47.77
CA LEU I 199 0.58 -12.08 46.98
C LEU I 199 0.71 -10.86 47.88
N PRO I 200 1.21 -9.73 47.37
CA PRO I 200 1.34 -8.54 48.23
C PRO I 200 0.00 -8.04 48.73
N LEU I 201 -0.93 -7.76 47.84
CA LEU I 201 -2.34 -7.73 48.14
C LEU I 201 -2.94 -9.01 47.57
N TYR I 202 -3.68 -9.74 48.41
CA TYR I 202 -3.94 -11.16 48.20
C TYR I 202 -4.78 -11.48 46.96
N ILE I 203 -5.16 -10.48 46.18
CA ILE I 203 -5.97 -10.67 44.98
C ILE I 203 -5.13 -10.24 43.78
N THR I 204 -5.05 -11.13 42.78
CA THR I 204 -4.40 -10.82 41.51
C THR I 204 -5.22 -11.43 40.39
N GLN I 205 -5.60 -10.61 39.42
CA GLN I 205 -6.37 -11.11 38.28
C GLN I 205 -5.72 -10.72 36.96
N GLN I 206 -5.95 -11.55 35.95
CA GLN I 206 -5.53 -11.29 34.58
C GLN I 206 -6.77 -11.19 33.71
N SER I 207 -6.74 -10.25 32.77
CA SER I 207 -7.90 -9.92 31.95
C SER I 207 -7.54 -10.04 30.48
N ILE I 208 -8.32 -10.82 29.73
CA ILE I 208 -8.22 -10.86 28.28
C ILE I 208 -9.63 -10.77 27.70
N ASP I 209 -9.69 -10.64 26.38
CA ASP I 209 -10.94 -10.72 25.63
C ASP I 209 -10.57 -11.14 24.21
N LYS I 210 -11.56 -11.10 23.32
CA LYS I 210 -11.30 -11.33 21.91
C LYS I 210 -10.43 -10.21 21.36
N SER I 211 -9.38 -10.59 20.63
CA SER I 211 -8.33 -9.68 20.17
C SER I 211 -7.71 -8.93 21.35
N SER I 212 -7.09 -9.71 22.25
CA SER I 212 -6.53 -9.16 23.48
C SER I 212 -5.36 -8.22 23.22
N GLY I 213 -4.66 -8.37 22.09
CA GLY I 213 -3.55 -7.52 21.75
C GLY I 213 -3.98 -6.11 21.36
N ASN J 1 -12.17 22.85 75.36
CA ASN J 1 -11.55 21.66 75.93
C ASN J 1 -12.19 20.39 75.42
N LEU J 2 -12.01 20.10 74.13
CA LEU J 2 -12.49 18.86 73.52
C LEU J 2 -11.34 17.87 73.54
N GLN J 3 -11.47 16.83 74.37
CA GLN J 3 -10.35 15.92 74.61
C GLN J 3 -10.39 14.72 73.66
N VAL J 4 -11.45 13.93 73.71
CA VAL J 4 -11.44 12.61 73.11
C VAL J 4 -11.65 12.71 71.61
N TYR J 5 -10.72 12.11 70.85
CA TYR J 5 -10.80 12.02 69.39
C TYR J 5 -10.54 10.58 69.00
N PRO J 6 -11.58 9.74 68.99
CA PRO J 6 -11.40 8.34 68.63
C PRO J 6 -11.04 8.16 67.16
N LEU J 7 -10.36 7.05 66.87
CA LEU J 7 -9.94 6.73 65.51
C LEU J 7 -10.49 5.36 65.13
N THR J 8 -11.22 5.31 64.02
CA THR J 8 -11.74 4.07 63.48
C THR J 8 -10.66 3.33 62.69
N PRO J 9 -10.74 2.00 62.62
CA PRO J 9 -9.79 1.25 61.77
C PRO J 9 -10.12 1.45 60.29
N THR J 10 -9.11 1.81 59.52
CA THR J 10 -9.28 1.96 58.08
C THR J 10 -9.41 0.59 57.42
N PHE J 11 -9.92 0.59 56.19
CA PHE J 11 -10.17 -0.66 55.49
C PHE J 11 -8.88 -1.38 55.12
N HIS J 12 -7.81 -0.64 54.83
CA HIS J 12 -6.53 -1.27 54.50
C HIS J 12 -5.97 -2.03 55.68
N ASP J 13 -6.06 -1.46 56.88
CA ASP J 13 -5.59 -2.16 58.07
C ASP J 13 -6.61 -3.16 58.60
N LEU J 14 -7.86 -3.08 58.15
CA LEU J 14 -8.88 -4.01 58.62
C LEU J 14 -8.72 -5.39 57.98
N TYR J 15 -8.37 -5.43 56.70
CA TYR J 15 -8.29 -6.68 55.96
C TYR J 15 -6.88 -7.03 55.52
N PHE J 16 -6.21 -6.14 54.80
CA PHE J 16 -4.97 -6.47 54.12
C PHE J 16 -3.73 -6.10 54.92
N SER J 17 -3.92 -5.68 56.18
CA SER J 17 -2.83 -5.58 57.14
C SER J 17 -3.16 -6.22 58.47
N ARG J 18 -4.42 -6.56 58.72
CA ARG J 18 -4.91 -7.28 59.90
C ARG J 18 -4.72 -6.53 61.22
N ASN J 19 -4.28 -5.27 61.15
CA ASN J 19 -4.12 -4.45 62.35
C ASN J 19 -5.41 -3.67 62.60
N ALA J 20 -6.43 -4.41 63.04
CA ALA J 20 -7.74 -3.83 63.34
C ALA J 20 -7.67 -3.14 64.70
N LYS J 21 -7.03 -1.97 64.70
CA LYS J 21 -6.76 -1.23 65.91
C LYS J 21 -7.73 -0.06 66.05
N ILE J 22 -8.40 0.02 67.19
CA ILE J 22 -9.24 1.16 67.52
C ILE J 22 -8.47 2.05 68.48
N THR J 23 -8.26 3.30 68.10
CA THR J 23 -7.44 4.23 68.86
C THR J 23 -8.32 5.25 69.56
N CYS J 24 -8.24 5.30 70.89
CA CYS J 24 -8.92 6.31 71.69
C CYS J 24 -7.88 7.36 72.06
N LEU J 25 -7.65 8.30 71.15
CA LEU J 25 -6.62 9.31 71.31
C LEU J 25 -7.23 10.60 71.83
N VAL J 26 -6.72 11.08 72.97
CA VAL J 26 -7.13 12.36 73.53
C VAL J 26 -6.16 13.43 73.05
N SER J 27 -6.66 14.65 72.90
CA SER J 27 -5.90 15.75 72.31
C SER J 27 -5.38 16.72 73.36
N SER J 28 -6.25 17.23 74.22
CA SER J 28 -5.88 18.24 75.21
C SER J 28 -5.94 17.63 76.61
N MET J 29 -4.85 17.77 77.36
CA MET J 29 -4.80 17.30 78.73
C MET J 29 -4.03 18.30 79.56
N LYS J 30 -4.46 18.48 80.81
CA LYS J 30 -3.82 19.40 81.74
C LYS J 30 -3.29 18.74 83.00
N THR J 31 -3.93 17.66 83.46
CA THR J 31 -3.48 16.91 84.64
C THR J 31 -3.24 15.46 84.24
N ILE J 32 -2.17 14.88 84.75
CA ILE J 32 -1.84 13.49 84.42
C ILE J 32 -2.21 12.53 85.53
N GLU J 33 -2.38 13.01 86.77
CA GLU J 33 -2.76 12.15 87.86
C GLU J 33 -4.25 11.80 87.79
N ASN J 34 -4.60 10.67 88.42
CA ASN J 34 -5.98 10.18 88.51
C ASN J 34 -6.60 9.92 87.14
N PHE J 35 -5.76 9.62 86.15
CA PHE J 35 -6.19 9.44 84.77
C PHE J 35 -6.05 7.97 84.38
N ASP J 36 -7.14 7.36 83.94
CA ASP J 36 -7.14 5.97 83.51
C ASP J 36 -8.23 5.76 82.48
N ILE J 37 -8.03 4.77 81.62
CA ILE J 37 -8.98 4.42 80.57
C ILE J 37 -9.40 2.97 80.77
N SER J 38 -10.71 2.73 80.77
CA SER J 38 -11.27 1.39 80.96
C SER J 38 -12.14 1.07 79.75
N TRP J 39 -11.55 0.39 78.77
CA TRP J 39 -12.29 -0.02 77.59
C TRP J 39 -13.33 -1.08 77.93
N GLU J 40 -14.40 -1.13 77.13
CA GLU J 40 -15.41 -2.15 77.29
C GLU J 40 -16.00 -2.49 75.92
N ARG J 41 -16.63 -3.65 75.84
CA ARG J 41 -17.23 -4.14 74.61
C ARG J 41 -18.68 -4.51 74.86
N GLU J 42 -19.51 -4.38 73.81
CA GLU J 42 -20.90 -4.79 73.92
C GLU J 42 -21.03 -6.30 74.07
N LYS J 43 -20.22 -7.06 73.33
CA LYS J 43 -20.19 -8.51 73.43
C LYS J 43 -18.96 -8.96 74.21
N ALA J 44 -18.95 -10.25 74.55
CA ALA J 44 -17.79 -10.82 75.24
C ALA J 44 -16.62 -10.96 74.27
N GLY J 45 -15.44 -10.57 74.72
CA GLY J 45 -14.27 -10.63 73.86
C GLY J 45 -13.03 -10.21 74.61
N ASN J 46 -11.91 -10.24 73.89
CA ASN J 46 -10.62 -9.93 74.47
C ASN J 46 -10.47 -8.44 74.74
N LEU J 47 -9.54 -8.11 75.62
CA LEU J 47 -9.19 -6.73 75.96
C LEU J 47 -7.67 -6.61 75.83
N GLU J 48 -7.22 -6.33 74.60
CA GLU J 48 -5.79 -6.13 74.34
C GLU J 48 -5.46 -4.66 74.57
N PHE J 49 -5.40 -4.30 75.85
CA PHE J 49 -5.29 -2.91 76.27
C PHE J 49 -3.82 -2.50 76.27
N VAL J 50 -3.44 -1.66 75.30
CA VAL J 50 -2.10 -1.09 75.21
C VAL J 50 -2.26 0.42 75.07
N THR J 51 -1.65 1.17 75.99
CA THR J 51 -1.80 2.62 76.05
C THR J 51 -0.44 3.27 75.86
N GLU J 52 -0.36 4.19 74.90
CA GLU J 52 0.87 4.93 74.67
C GLU J 52 1.11 5.93 75.80
N ASP J 53 2.38 6.26 76.01
CA ASP J 53 2.75 7.22 77.04
C ASP J 53 2.26 8.61 76.65
N PRO J 54 1.90 9.43 77.63
CA PRO J 54 1.48 10.81 77.32
C PRO J 54 2.63 11.63 76.76
N VAL J 55 2.34 12.37 75.68
CA VAL J 55 3.32 13.17 74.98
C VAL J 55 2.76 14.57 74.75
N LEU J 56 3.67 15.52 74.55
CA LEU J 56 3.30 16.93 74.40
C LEU J 56 2.76 17.17 72.99
N HIS J 57 1.59 17.80 72.90
CA HIS J 57 0.98 18.14 71.63
C HIS J 57 0.13 19.39 71.81
N ASP J 58 -0.50 19.81 70.71
CA ASP J 58 -1.43 20.97 70.64
C ASP J 58 -0.67 22.20 71.14
N ASN J 59 -1.26 23.00 72.03
CA ASN J 59 -0.56 24.13 72.64
C ASN J 59 0.00 23.75 74.01
N GLY J 60 0.92 22.79 73.99
CA GLY J 60 1.56 22.34 75.21
C GLY J 60 0.73 21.43 76.08
N THR J 61 -0.28 20.77 75.52
CA THR J 61 -1.13 19.86 76.28
C THR J 61 -0.70 18.41 76.04
N TYR J 62 -0.93 17.57 77.04
CA TYR J 62 -0.57 16.16 76.93
C TYR J 62 -1.54 15.43 76.02
N SER J 63 -1.03 14.41 75.33
CA SER J 63 -1.83 13.58 74.45
C SER J 63 -1.57 12.12 74.77
N VAL J 64 -2.64 11.37 75.06
CA VAL J 64 -2.56 9.96 75.42
C VAL J 64 -3.31 9.16 74.37
N ALA J 65 -2.65 8.15 73.80
CA ALA J 65 -3.24 7.29 72.79
C ALA J 65 -3.36 5.88 73.35
N SER J 66 -4.55 5.30 73.24
CA SER J 66 -4.81 3.93 73.65
C SER J 66 -5.37 3.15 72.47
N ILE J 67 -4.67 2.09 72.09
CA ILE J 67 -5.04 1.26 70.95
C ILE J 67 -5.60 -0.06 71.46
N LEU J 68 -6.74 -0.47 70.92
CA LEU J 68 -7.36 -1.74 71.27
C LEU J 68 -7.31 -2.65 70.06
N SER J 69 -6.68 -3.82 70.23
CA SER J 69 -6.54 -4.79 69.14
C SER J 69 -7.76 -5.68 69.13
N VAL J 70 -8.78 -5.28 68.39
CA VAL J 70 -10.01 -6.05 68.28
C VAL J 70 -9.95 -6.90 67.02
N CYS J 71 -10.74 -7.97 67.02
CA CYS J 71 -10.87 -8.78 65.82
C CYS J 71 -11.68 -8.03 64.77
N ALA J 72 -11.24 -8.13 63.52
CA ALA J 72 -11.97 -7.47 62.44
C ALA J 72 -13.33 -8.10 62.20
N GLU J 73 -13.46 -9.41 62.46
CA GLU J 73 -14.78 -10.04 62.38
C GLU J 73 -15.71 -9.52 63.45
N ASP J 74 -15.18 -9.21 64.64
CA ASP J 74 -15.99 -8.62 65.69
C ASP J 74 -16.37 -7.18 65.36
N TRP J 75 -15.42 -6.40 64.82
CA TRP J 75 -15.67 -5.00 64.52
C TRP J 75 -16.69 -4.85 63.39
N GLU J 76 -16.63 -5.72 62.38
CA GLU J 76 -17.54 -5.64 61.25
C GLU J 76 -18.92 -6.22 61.55
N SER J 77 -19.09 -6.86 62.70
CA SER J 77 -20.38 -7.44 63.08
C SER J 77 -21.26 -6.45 63.83
N GLY J 78 -20.84 -5.18 63.94
CA GLY J 78 -21.61 -4.19 64.66
C GLY J 78 -21.37 -4.15 66.15
N ASP J 79 -20.24 -4.67 66.61
CA ASP J 79 -19.92 -4.63 68.03
C ASP J 79 -19.65 -3.20 68.47
N LYS J 80 -20.19 -2.83 69.63
CA LYS J 80 -20.06 -1.48 70.15
C LYS J 80 -18.83 -1.37 71.03
N PHE J 81 -17.95 -0.43 70.71
CA PHE J 81 -16.71 -0.22 71.44
C PHE J 81 -16.68 1.22 71.95
N SER J 82 -16.36 1.39 73.22
CA SER J 82 -16.28 2.72 73.81
C SER J 82 -15.17 2.76 74.85
N CYS J 83 -14.42 3.86 74.87
CA CYS J 83 -13.38 4.08 75.84
C CYS J 83 -13.89 5.04 76.92
N THR J 84 -13.80 4.60 78.18
CA THR J 84 -14.24 5.40 79.32
C THR J 84 -13.01 6.07 79.92
N VAL J 85 -12.88 7.37 79.69
CA VAL J 85 -11.78 8.16 80.24
C VAL J 85 -12.28 8.89 81.48
N ARG J 86 -11.50 8.82 82.55
CA ARG J 86 -11.87 9.47 83.81
C ARG J 86 -10.62 10.11 84.39
N SER J 87 -10.71 11.40 84.73
CA SER J 87 -9.59 12.15 85.23
C SER J 87 -10.10 13.33 86.04
N GLN J 88 -9.17 14.13 86.58
CA GLN J 88 -9.55 15.30 87.35
C GLN J 88 -10.06 16.41 86.44
N ASP J 89 -9.58 16.47 85.20
CA ASP J 89 -10.04 17.50 84.27
C ASP J 89 -11.48 17.24 83.82
N LEU J 90 -11.87 15.97 83.67
CA LEU J 90 -13.20 15.64 83.21
C LEU J 90 -14.11 15.40 84.40
N PRO J 91 -15.12 16.23 84.65
CA PRO J 91 -16.01 15.99 85.80
C PRO J 91 -16.91 14.79 85.64
N SER J 92 -17.13 14.31 84.41
CA SER J 92 -18.02 13.20 84.15
C SER J 92 -17.33 12.19 83.25
N PRO J 93 -17.66 10.91 83.39
CA PRO J 93 -17.15 9.90 82.44
C PRO J 93 -17.63 10.18 81.04
N VAL J 94 -16.76 9.93 80.06
CA VAL J 94 -17.02 10.24 78.67
C VAL J 94 -17.27 8.92 77.94
N LYS J 95 -18.48 8.76 77.41
CA LYS J 95 -18.87 7.54 76.70
C LYS J 95 -18.87 7.83 75.20
N LYS J 96 -17.69 7.72 74.60
CA LYS J 96 -17.53 7.88 73.16
C LYS J 96 -17.56 6.50 72.52
N THR J 97 -18.70 6.16 71.92
CA THR J 97 -18.89 4.82 71.35
C THR J 97 -18.40 4.80 69.91
N ILE J 98 -17.63 3.77 69.58
CA ILE J 98 -17.09 3.57 68.23
C ILE J 98 -17.63 2.26 67.68
N PHE J 99 -18.20 2.32 66.49
CA PHE J 99 -18.69 1.12 65.81
C PHE J 99 -18.67 1.38 64.31
N LYS J 100 -19.03 0.36 63.55
CA LYS J 100 -19.10 0.48 62.10
C LYS J 100 -20.43 1.14 61.73
N GLN J 101 -20.39 2.43 61.42
CA GLN J 101 -21.59 3.14 61.02
C GLN J 101 -21.93 2.81 59.58
N ASN J 102 -23.07 2.15 59.38
CA ASN J 102 -23.54 1.87 58.03
C ASN J 102 -23.97 3.17 57.35
N GLU J 103 -23.61 3.30 56.07
CA GLU J 103 -23.92 4.50 55.29
C GLU J 103 -24.59 4.05 54.00
N GLY J 104 -25.90 3.81 54.07
CA GLY J 104 -26.67 3.39 52.92
C GLY J 104 -26.29 1.99 52.43
N THR J 105 -26.82 1.67 51.26
CA THR J 105 -26.45 0.42 50.60
C THR J 105 -25.10 0.59 49.92
N PRO J 106 -24.11 -0.23 50.24
CA PRO J 106 -22.78 -0.05 49.65
C PRO J 106 -22.79 -0.34 48.14
N LYS J 107 -21.94 0.39 47.42
CA LYS J 107 -21.85 0.27 45.97
C LYS J 107 -20.40 0.05 45.59
N ALA J 108 -20.17 -0.85 44.64
CA ALA J 108 -18.81 -1.19 44.23
C ALA J 108 -18.20 -0.04 43.43
N PRO J 109 -16.99 0.39 43.75
CA PRO J 109 -16.36 1.46 42.98
C PRO J 109 -16.01 1.00 41.57
N ASP J 110 -15.96 1.96 40.65
CA ASP J 110 -15.62 1.72 39.26
C ASP J 110 -14.27 2.36 39.00
N VAL J 111 -13.23 1.53 38.88
CA VAL J 111 -11.88 2.03 38.69
C VAL J 111 -11.66 2.36 37.22
N TYR J 112 -11.24 3.58 36.95
CA TYR J 112 -10.90 4.03 35.60
C TYR J 112 -9.51 4.64 35.65
N LEU J 113 -8.51 3.90 35.18
CA LEU J 113 -7.14 4.36 35.19
C LEU J 113 -6.86 5.10 33.87
N LEU J 114 -6.52 6.38 33.99
CA LEU J 114 -6.37 7.29 32.86
C LEU J 114 -4.92 7.37 32.43
N PRO J 115 -4.63 7.11 31.15
CA PRO J 115 -3.28 7.32 30.64
C PRO J 115 -2.97 8.81 30.56
N PRO J 116 -1.69 9.18 30.51
CA PRO J 116 -1.34 10.59 30.35
C PRO J 116 -1.80 11.13 28.99
N SER J 117 -2.05 12.44 28.97
CA SER J 117 -2.64 13.08 27.81
C SER J 117 -1.57 13.34 26.75
N ALA J 118 -1.92 14.14 25.74
CA ALA J 118 -1.00 14.49 24.66
C ALA J 118 0.10 15.44 25.10
N GLN J 119 0.01 15.98 26.32
CA GLN J 119 1.01 16.89 26.86
C GLN J 119 2.13 16.18 27.61
N GLU J 120 2.45 14.95 27.21
CA GLU J 120 3.63 14.26 27.70
C GLU J 120 4.88 14.61 26.91
N LEU J 121 4.75 15.57 25.99
CA LEU J 121 5.93 16.09 25.26
C LEU J 121 6.74 16.96 26.21
N ILE J 122 6.06 17.63 27.15
CA ILE J 122 6.78 18.37 28.23
C ILE J 122 7.00 17.31 29.32
N GLN J 123 7.69 16.23 28.98
CA GLN J 123 7.83 15.07 29.90
C GLN J 123 8.73 15.46 31.08
N GLN J 124 9.70 16.34 30.86
CA GLN J 124 10.59 16.61 31.99
C GLN J 124 9.77 17.06 33.19
N GLU J 125 8.48 17.33 33.02
CA GLU J 125 7.61 17.80 34.10
C GLU J 125 7.04 16.69 34.96
N MET J 126 7.65 15.50 34.96
CA MET J 126 7.25 14.38 35.82
C MET J 126 5.79 13.98 35.56
N VAL J 127 5.57 13.43 34.35
CA VAL J 127 4.23 13.15 33.86
C VAL J 127 3.48 12.19 34.81
N THR J 128 2.16 12.35 34.86
CA THR J 128 1.32 11.72 35.87
C THR J 128 0.30 10.79 35.24
N LEU J 129 -0.01 9.72 35.98
CA LEU J 129 -1.13 8.83 35.67
C LEU J 129 -2.18 9.00 36.76
N ILE J 130 -3.44 9.11 36.37
CA ILE J 130 -4.52 9.43 37.30
C ILE J 130 -5.48 8.26 37.35
N CYS J 131 -5.76 7.79 38.56
CA CYS J 131 -6.65 6.65 38.81
C CYS J 131 -7.99 7.20 39.26
N PHE J 132 -8.83 7.58 38.30
CA PHE J 132 -10.16 8.08 38.61
C PHE J 132 -11.06 6.91 38.95
N VAL J 133 -11.37 6.74 40.23
CA VAL J 133 -12.26 5.70 40.69
C VAL J 133 -13.47 6.36 41.36
N THR J 134 -14.66 5.91 40.96
CA THR J 134 -15.90 6.57 41.37
C THR J 134 -16.99 5.55 41.58
N GLY J 135 -18.02 5.94 42.33
CA GLY J 135 -19.20 5.14 42.53
C GLY J 135 -19.29 4.44 43.87
N PHE J 136 -18.23 4.45 44.66
CA PHE J 136 -18.24 3.73 45.94
C PHE J 136 -19.08 4.48 46.97
N ASN J 137 -19.97 3.76 47.65
CA ASN J 137 -20.86 4.43 48.59
C ASN J 137 -20.20 4.72 49.94
N PRO J 138 -19.58 3.75 50.64
CA PRO J 138 -18.82 4.15 51.85
C PRO J 138 -17.49 4.76 51.45
N LYS J 139 -17.14 5.87 52.09
CA LYS J 139 -15.94 6.61 51.71
C LYS J 139 -14.64 5.91 52.12
N GLU J 140 -14.71 4.84 52.92
CA GLU J 140 -13.51 4.12 53.33
C GLU J 140 -12.95 3.37 52.13
N ILE J 141 -11.88 3.90 51.57
CA ILE J 141 -11.24 3.32 50.38
C ILE J 141 -9.75 3.58 50.46
N PHE J 142 -8.95 2.60 50.03
CA PHE J 142 -7.52 2.79 49.89
C PHE J 142 -7.12 2.48 48.45
N ILE J 143 -6.25 3.32 47.90
CA ILE J 143 -5.76 3.18 46.53
C ILE J 143 -4.24 3.04 46.60
N GLN J 144 -3.72 1.98 45.98
CA GLN J 144 -2.29 1.76 45.91
C GLN J 144 -1.89 1.58 44.46
N TRP J 145 -0.59 1.74 44.20
CA TRP J 145 -0.04 1.68 42.86
C TRP J 145 1.02 0.60 42.77
N MET J 146 1.03 -0.13 41.67
CA MET J 146 2.04 -1.14 41.41
C MET J 146 2.63 -0.95 40.02
N GLN J 147 3.95 -1.10 39.93
CA GLN J 147 4.68 -1.00 38.67
C GLN J 147 4.95 -2.42 38.19
N GLY J 148 3.95 -3.03 37.57
CA GLY J 148 4.09 -4.37 37.02
C GLY J 148 4.31 -5.45 38.05
N GLY J 149 3.70 -5.32 39.23
CA GLY J 149 3.83 -6.34 40.25
C GLY J 149 4.43 -5.85 41.55
N VAL J 150 5.43 -4.99 41.45
CA VAL J 150 6.08 -4.42 42.64
C VAL J 150 5.33 -3.15 43.04
N SER J 151 5.05 -3.01 44.33
CA SER J 151 4.23 -1.91 44.81
C SER J 151 5.02 -0.61 44.83
N ILE J 152 4.41 0.45 44.30
CA ILE J 152 5.01 1.77 44.34
C ILE J 152 4.81 2.38 45.72
N SER J 153 5.82 3.10 46.20
CA SER J 153 5.79 3.66 47.55
C SER J 153 4.69 4.69 47.68
N GLU J 154 4.20 4.85 48.93
CA GLU J 154 3.07 5.73 49.19
C GLU J 154 3.41 7.20 48.98
N ASP J 155 4.70 7.57 49.01
CA ASP J 155 5.08 8.96 48.80
C ASP J 155 5.07 9.36 47.32
N LYS J 156 5.01 8.39 46.42
CA LYS J 156 5.03 8.68 44.99
C LYS J 156 3.63 8.86 44.40
N PHE J 157 2.59 8.77 45.21
CA PHE J 157 1.24 9.10 44.77
C PHE J 157 0.50 9.80 45.90
N ILE J 158 -0.38 10.72 45.52
CA ILE J 158 -1.18 11.48 46.48
C ILE J 158 -2.65 11.34 46.10
N ASN J 159 -3.47 10.99 47.08
CA ASN J 159 -4.90 10.82 46.88
C ASN J 159 -5.66 11.99 47.50
N THR J 160 -6.80 12.31 46.90
CA THR J 160 -7.65 13.38 47.41
C THR J 160 -8.53 12.89 48.54
N VAL J 161 -9.26 13.81 49.14
CA VAL J 161 -10.37 13.43 50.01
C VAL J 161 -11.48 12.84 49.15
N PRO J 162 -12.22 11.83 49.61
CA PRO J 162 -13.31 11.29 48.78
C PRO J 162 -14.47 12.26 48.67
N MET J 163 -14.40 13.16 47.70
CA MET J 163 -15.47 14.12 47.46
C MET J 163 -16.76 13.40 47.12
N LYS J 164 -17.86 13.84 47.74
CA LYS J 164 -19.16 13.25 47.47
C LYS J 164 -19.70 13.75 46.14
N SER J 165 -20.17 12.83 45.30
CA SER J 165 -20.74 13.20 44.02
C SER J 165 -22.05 13.95 44.23
N ASP J 166 -22.26 15.00 43.43
CA ASP J 166 -23.42 15.86 43.61
C ASP J 166 -24.70 15.15 43.20
N GLY J 167 -25.73 15.25 44.04
CA GLY J 167 -27.00 14.62 43.78
C GLY J 167 -26.95 13.11 43.77
N GLU J 168 -26.01 12.51 44.50
CA GLU J 168 -25.86 11.06 44.50
C GLU J 168 -25.19 10.64 45.80
N GLN J 169 -25.56 9.46 46.30
CA GLN J 169 -24.98 8.95 47.53
C GLN J 169 -23.57 8.41 47.32
N THR J 170 -23.18 8.14 46.09
CA THR J 170 -21.84 7.62 45.80
C THR J 170 -20.80 8.74 45.89
N TYR J 171 -19.54 8.33 45.97
CA TYR J 171 -18.41 9.23 46.12
C TYR J 171 -17.47 9.07 44.93
N PHE J 172 -16.42 9.89 44.90
CA PHE J 172 -15.38 9.74 43.90
C PHE J 172 -14.07 10.29 44.47
N ILE J 173 -12.96 9.75 43.96
CA ILE J 173 -11.63 10.10 44.46
C ILE J 173 -10.64 9.89 43.32
N TYR J 174 -9.64 10.75 43.24
CA TYR J 174 -8.57 10.62 42.26
C TYR J 174 -7.28 10.20 42.94
N SER J 175 -6.40 9.61 42.14
CA SER J 175 -5.07 9.21 42.60
C SER J 175 -4.10 9.48 41.47
N LYS J 176 -3.26 10.49 41.63
CA LYS J 176 -2.24 10.82 40.64
C LYS J 176 -0.90 10.21 41.05
N LEU J 177 -0.21 9.63 40.07
CA LEU J 177 1.09 9.01 40.29
C LEU J 177 2.12 9.77 39.48
N ALA J 178 2.92 10.60 40.14
CA ALA J 178 3.96 11.37 39.48
C ALA J 178 5.19 10.50 39.28
N ILE J 179 5.50 10.17 38.04
CA ILE J 179 6.65 9.33 37.71
C ILE J 179 7.48 10.03 36.65
N PRO J 180 8.79 9.76 36.57
CA PRO J 180 9.56 10.23 35.41
C PRO J 180 9.03 9.63 34.12
N ALA J 181 9.04 10.42 33.06
CA ALA J 181 8.51 9.96 31.79
C ALA J 181 9.41 8.94 31.12
N ALA J 182 10.66 8.81 31.57
CA ALA J 182 11.52 7.73 31.10
C ALA J 182 10.95 6.38 31.51
N LYS J 183 10.37 6.30 32.70
CA LYS J 183 9.67 5.08 33.13
C LYS J 183 8.47 4.79 32.23
N TRP J 184 7.68 5.81 31.92
CA TRP J 184 6.49 5.62 31.09
C TRP J 184 6.86 5.29 29.65
N ASN J 185 7.96 5.84 29.14
CA ASN J 185 8.38 5.59 27.77
C ASN J 185 9.08 4.24 27.61
N GLN J 186 9.48 3.60 28.71
CA GLN J 186 10.04 2.25 28.61
C GLN J 186 8.99 1.25 28.13
N GLY J 187 7.75 1.38 28.61
CA GLY J 187 6.68 0.49 28.24
C GLY J 187 6.25 -0.49 29.30
N ASP J 188 6.73 -0.35 30.54
CA ASP J 188 6.28 -1.22 31.62
C ASP J 188 4.83 -0.94 31.95
N VAL J 189 4.11 -1.98 32.36
CA VAL J 189 2.70 -1.84 32.68
C VAL J 189 2.54 -1.18 34.04
N PHE J 190 1.64 -0.21 34.13
CA PHE J 190 1.30 0.46 35.37
C PHE J 190 -0.13 0.10 35.74
N THR J 191 -0.32 -0.42 36.95
CA THR J 191 -1.63 -0.84 37.40
C THR J 191 -2.00 -0.12 38.69
N CYS J 192 -3.30 0.06 38.89
CA CYS J 192 -3.85 0.80 40.03
C CYS J 192 -4.81 -0.10 40.78
N VAL J 193 -4.37 -0.66 41.89
CA VAL J 193 -5.25 -1.49 42.71
C VAL J 193 -6.10 -0.57 43.59
N VAL J 194 -7.36 -0.96 43.78
CA VAL J 194 -8.31 -0.19 44.57
C VAL J 194 -8.99 -1.13 45.54
N GLY J 195 -8.95 -0.81 46.83
CA GLY J 195 -9.53 -1.64 47.87
C GLY J 195 -10.75 -0.97 48.46
N HIS J 196 -11.82 -1.74 48.59
CA HIS J 196 -13.07 -1.19 49.07
C HIS J 196 -13.90 -2.30 49.72
N GLU J 197 -14.82 -1.87 50.59
CA GLU J 197 -15.71 -2.80 51.29
C GLU J 197 -16.70 -3.46 50.35
N ALA J 198 -17.24 -2.70 49.39
CA ALA J 198 -18.37 -3.15 48.61
C ALA J 198 -17.99 -3.97 47.39
N LEU J 199 -16.70 -4.15 47.12
CA LEU J 199 -16.28 -4.95 45.98
C LEU J 199 -16.57 -6.43 46.25
N PRO J 200 -16.77 -7.24 45.17
CA PRO J 200 -17.01 -8.68 45.38
C PRO J 200 -15.86 -9.35 46.11
N LEU J 201 -14.67 -9.24 45.54
CA LEU J 201 -13.43 -9.48 46.26
C LEU J 201 -12.75 -8.13 46.44
N TYR J 202 -12.31 -7.85 47.66
CA TYR J 202 -12.08 -6.47 48.10
C TYR J 202 -10.93 -5.75 47.40
N ILE J 203 -10.30 -6.37 46.42
CA ILE J 203 -9.28 -5.71 45.60
C ILE J 203 -9.65 -5.84 44.15
N THR J 204 -9.71 -4.72 43.44
CA THR J 204 -9.78 -4.71 41.99
C THR J 204 -8.70 -3.78 41.46
N GLN J 205 -8.33 -3.99 40.20
CA GLN J 205 -7.26 -3.19 39.61
C GLN J 205 -7.53 -2.98 38.13
N GLN J 206 -6.97 -1.89 37.62
CA GLN J 206 -6.94 -1.60 36.19
C GLN J 206 -5.50 -1.27 35.83
N SER J 207 -5.07 -1.68 34.63
CA SER J 207 -3.71 -1.48 34.17
C SER J 207 -3.71 -0.78 32.81
N ILE J 208 -2.80 0.16 32.63
CA ILE J 208 -2.69 0.89 31.37
C ILE J 208 -1.23 0.88 30.94
N ASP J 209 -1.01 0.88 29.63
CA ASP J 209 0.31 1.01 29.03
C ASP J 209 0.14 1.50 27.60
N LYS J 210 1.21 2.08 27.07
CA LYS J 210 1.17 2.60 25.71
C LYS J 210 1.30 1.47 24.69
N ASN K 1 1.33 -78.11 -9.37
CA ASN K 1 0.51 -78.10 -8.15
C ASN K 1 1.14 -77.22 -7.07
N LEU K 2 0.74 -75.95 -7.04
CA LEU K 2 1.18 -75.01 -6.01
C LEU K 2 0.03 -74.85 -5.02
N GLN K 3 0.05 -75.68 -3.98
CA GLN K 3 -1.08 -75.70 -3.04
C GLN K 3 -1.04 -74.52 -2.08
N VAL K 4 0.01 -74.43 -1.27
CA VAL K 4 0.01 -73.56 -0.11
C VAL K 4 0.23 -72.11 -0.51
N TYR K 5 -0.49 -71.21 0.16
CA TYR K 5 -0.31 -69.77 -0.03
C TYR K 5 -0.58 -69.08 1.30
N PRO K 6 0.45 -68.95 2.15
CA PRO K 6 0.23 -68.37 3.47
C PRO K 6 0.00 -66.88 3.41
N LEU K 7 -0.68 -66.36 4.44
CA LEU K 7 -1.01 -64.95 4.54
C LEU K 7 -0.57 -64.42 5.88
N THR K 8 0.33 -63.45 5.87
CA THR K 8 0.79 -62.79 7.09
C THR K 8 -0.21 -61.71 7.52
N PRO K 9 -0.33 -61.46 8.82
CA PRO K 9 -1.25 -60.40 9.27
C PRO K 9 -0.67 -59.02 9.00
N THR K 10 -1.45 -58.19 8.32
CA THR K 10 -1.00 -56.84 8.01
C THR K 10 -0.97 -55.98 9.29
N PHE K 11 -0.29 -54.83 9.18
CA PHE K 11 -0.10 -53.97 10.34
C PHE K 11 -1.41 -53.41 10.86
N HIS K 12 -2.32 -53.05 9.97
CA HIS K 12 -3.60 -52.50 10.40
C HIS K 12 -4.42 -53.52 11.17
N ASP K 13 -4.38 -54.78 10.76
CA ASP K 13 -5.05 -55.83 11.51
C ASP K 13 -4.27 -56.28 12.74
N LEU K 14 -2.98 -55.95 12.82
CA LEU K 14 -2.14 -56.40 13.91
C LEU K 14 -2.14 -55.44 15.11
N TYR K 15 -2.47 -54.17 14.88
CA TYR K 15 -2.39 -53.18 15.94
C TYR K 15 -3.60 -52.28 16.06
N PHE K 16 -4.44 -52.17 15.04
CA PHE K 16 -5.55 -51.23 15.13
C PHE K 16 -6.90 -51.86 14.82
N SER K 17 -6.97 -52.79 13.87
CA SER K 17 -8.16 -53.61 13.74
C SER K 17 -8.16 -54.77 14.73
N ARG K 18 -7.00 -55.06 15.33
CA ARG K 18 -6.84 -56.01 16.43
C ARG K 18 -7.28 -57.43 16.08
N ASN K 19 -7.10 -57.84 14.83
CA ASN K 19 -7.40 -59.20 14.39
C ASN K 19 -6.11 -59.79 13.82
N ALA K 20 -5.29 -60.37 14.68
CA ALA K 20 -4.03 -60.99 14.28
C ALA K 20 -4.34 -62.38 13.75
N LYS K 21 -4.60 -62.47 12.45
CA LYS K 21 -5.03 -63.70 11.81
C LYS K 21 -3.93 -64.22 10.89
N ILE K 22 -3.56 -65.49 11.08
CA ILE K 22 -2.58 -66.17 10.23
C ILE K 22 -3.33 -67.17 9.38
N THR K 23 -3.32 -66.96 8.06
CA THR K 23 -4.12 -67.75 7.13
C THR K 23 -3.21 -68.61 6.28
N CYS K 24 -3.43 -69.92 6.31
CA CYS K 24 -2.77 -70.87 5.41
C CYS K 24 -3.80 -71.27 4.37
N LEU K 25 -3.86 -70.49 3.29
CA LEU K 25 -4.83 -70.71 2.23
C LEU K 25 -4.24 -71.63 1.17
N VAL K 26 -4.87 -72.78 0.96
CA VAL K 26 -4.54 -73.66 -0.15
C VAL K 26 -5.37 -73.23 -1.35
N SER K 27 -4.73 -73.16 -2.52
CA SER K 27 -5.39 -72.58 -3.68
C SER K 27 -5.87 -73.65 -4.66
N SER K 28 -5.01 -74.58 -5.04
CA SER K 28 -5.32 -75.58 -6.06
C SER K 28 -5.17 -76.97 -5.47
N MET K 29 -6.29 -77.69 -5.34
CA MET K 29 -6.27 -79.09 -4.94
C MET K 29 -7.43 -79.80 -5.60
N LYS K 30 -7.26 -81.10 -5.85
CA LYS K 30 -8.23 -81.88 -6.60
C LYS K 30 -9.09 -82.78 -5.73
N THR K 31 -8.60 -83.18 -4.55
CA THR K 31 -9.33 -84.08 -3.67
C THR K 31 -9.53 -83.44 -2.31
N ILE K 32 -10.70 -83.67 -1.73
CA ILE K 32 -11.01 -83.15 -0.40
C ILE K 32 -11.09 -84.26 0.64
N GLU K 33 -11.16 -85.52 0.24
CA GLU K 33 -11.20 -86.62 1.20
C GLU K 33 -9.82 -86.89 1.76
N ASN K 34 -9.80 -87.36 3.02
CA ASN K 34 -8.56 -87.62 3.77
C ASN K 34 -7.67 -86.38 3.81
N PHE K 35 -8.28 -85.23 4.09
CA PHE K 35 -7.59 -83.94 4.07
C PHE K 35 -7.87 -83.21 5.37
N ASP K 36 -6.81 -82.68 5.99
CA ASP K 36 -6.95 -81.89 7.20
C ASP K 36 -5.77 -80.94 7.30
N ILE K 37 -5.97 -79.86 8.05
CA ILE K 37 -4.95 -78.85 8.30
C ILE K 37 -4.70 -78.78 9.79
N SER K 38 -3.43 -78.90 10.18
CA SER K 38 -3.03 -78.87 11.59
C SER K 38 -2.13 -77.67 11.81
N TRP K 39 -2.32 -77.01 12.95
CA TRP K 39 -1.56 -75.83 13.33
C TRP K 39 -0.70 -76.11 14.56
N GLU K 40 0.46 -75.47 14.62
CA GLU K 40 1.35 -75.64 15.75
C GLU K 40 2.22 -74.40 15.93
N ARG K 41 2.48 -74.05 17.19
CA ARG K 41 3.35 -72.95 17.55
C ARG K 41 4.60 -73.50 18.23
N GLU K 42 5.75 -72.90 17.94
CA GLU K 42 7.01 -73.38 18.52
C GLU K 42 7.04 -73.23 20.03
N LYS K 43 6.26 -72.30 20.58
CA LYS K 43 6.11 -72.14 22.02
C LYS K 43 4.76 -72.72 22.44
N ALA K 44 4.52 -72.70 23.75
CA ALA K 44 3.23 -73.12 24.29
C ALA K 44 2.21 -72.00 24.11
N GLY K 45 1.03 -72.34 23.59
CA GLY K 45 0.02 -71.33 23.38
C GLY K 45 -1.27 -71.95 22.88
N ASN K 46 -2.28 -71.11 22.78
CA ASN K 46 -3.57 -71.52 22.22
C ASN K 46 -3.46 -71.69 20.71
N LEU K 47 -4.21 -72.65 20.18
CA LEU K 47 -4.27 -72.90 18.74
C LEU K 47 -5.73 -72.77 18.33
N GLU K 48 -6.15 -71.55 18.00
CA GLU K 48 -7.54 -71.27 17.62
C GLU K 48 -7.70 -71.41 16.11
N PHE K 49 -7.58 -72.65 15.65
CA PHE K 49 -7.71 -72.94 14.23
C PHE K 49 -9.17 -72.86 13.81
N VAL K 50 -9.42 -72.18 12.68
CA VAL K 50 -10.74 -72.10 12.08
C VAL K 50 -10.60 -72.43 10.61
N THR K 51 -11.27 -73.48 10.17
CA THR K 51 -11.18 -73.97 8.80
C THR K 51 -12.46 -73.62 8.04
N GLU K 52 -12.30 -72.92 6.92
CA GLU K 52 -13.44 -72.53 6.11
C GLU K 52 -13.87 -73.67 5.18
N ASP K 53 -15.09 -73.55 4.66
CA ASP K 53 -15.60 -74.53 3.72
C ASP K 53 -14.89 -74.41 2.38
N PRO K 54 -14.70 -75.53 1.67
CA PRO K 54 -14.04 -75.48 0.36
C PRO K 54 -14.87 -74.69 -0.66
N VAL K 55 -14.16 -73.99 -1.54
CA VAL K 55 -14.78 -73.17 -2.59
C VAL K 55 -14.05 -73.44 -3.91
N LEU K 56 -14.70 -73.06 -5.00
CA LEU K 56 -14.15 -73.25 -6.33
C LEU K 56 -13.21 -72.10 -6.68
N HIS K 57 -12.00 -72.43 -7.14
CA HIS K 57 -11.01 -71.44 -7.50
C HIS K 57 -10.03 -72.07 -8.47
N ASP K 58 -9.32 -71.21 -9.21
CA ASP K 58 -8.26 -71.58 -10.18
C ASP K 58 -8.92 -72.40 -11.29
N ASN K 59 -8.28 -73.49 -11.73
CA ASN K 59 -8.81 -74.30 -12.83
C ASN K 59 -9.76 -75.37 -12.31
N GLY K 60 -10.85 -74.91 -11.71
CA GLY K 60 -11.85 -75.80 -11.17
C GLY K 60 -11.46 -76.53 -9.90
N THR K 61 -10.38 -76.10 -9.25
CA THR K 61 -9.89 -76.78 -8.06
C THR K 61 -10.59 -76.26 -6.82
N TYR K 62 -10.30 -76.90 -5.69
CA TYR K 62 -10.89 -76.54 -4.41
C TYR K 62 -9.89 -75.74 -3.58
N SER K 63 -10.40 -74.72 -2.89
CA SER K 63 -9.59 -73.87 -2.03
C SER K 63 -10.20 -73.83 -0.63
N VAL K 64 -9.36 -74.01 0.38
CA VAL K 64 -9.79 -74.03 1.77
C VAL K 64 -8.95 -73.03 2.55
N ALA K 65 -9.61 -72.14 3.29
CA ALA K 65 -8.93 -71.14 4.09
C ALA K 65 -8.92 -71.56 5.55
N SER K 66 -7.73 -71.57 6.15
CA SER K 66 -7.55 -71.92 7.56
C SER K 66 -6.90 -70.74 8.26
N ILE K 67 -7.68 -70.01 9.06
CA ILE K 67 -7.19 -68.84 9.78
C ILE K 67 -6.90 -69.24 11.22
N LEU K 68 -5.93 -68.57 11.83
CA LEU K 68 -5.58 -68.77 13.24
C LEU K 68 -5.67 -67.42 13.93
N SER K 69 -6.52 -67.32 14.95
CA SER K 69 -6.65 -66.11 15.74
C SER K 69 -5.60 -66.17 16.84
N VAL K 70 -4.53 -65.38 16.70
CA VAL K 70 -3.40 -65.42 17.60
C VAL K 70 -3.34 -64.11 18.37
N CYS K 71 -2.72 -64.16 19.55
CA CYS K 71 -2.30 -62.93 20.21
C CYS K 71 -1.29 -62.20 19.33
N ALA K 72 -1.49 -60.90 19.18
CA ALA K 72 -0.58 -60.12 18.35
C ALA K 72 0.80 -60.03 18.97
N GLU K 73 0.88 -60.11 20.30
CA GLU K 73 2.17 -60.07 20.99
C GLU K 73 3.04 -61.26 20.62
N ASP K 74 2.42 -62.42 20.34
CA ASP K 74 3.20 -63.59 19.97
C ASP K 74 3.80 -63.45 18.57
N TRP K 75 3.22 -62.59 17.73
CA TRP K 75 3.67 -62.50 16.35
C TRP K 75 5.01 -61.78 16.23
N GLU K 76 5.21 -60.68 16.96
CA GLU K 76 6.49 -59.98 16.85
C GLU K 76 7.60 -60.68 17.61
N SER K 77 7.26 -61.59 18.52
CA SER K 77 8.25 -62.28 19.33
C SER K 77 8.99 -63.38 18.58
N GLY K 78 8.86 -63.48 17.27
CA GLY K 78 9.55 -64.50 16.50
C GLY K 78 8.97 -65.88 16.64
N ASP K 79 7.75 -66.01 17.14
CA ASP K 79 7.13 -67.33 17.29
C ASP K 79 6.83 -67.93 15.92
N LYS K 80 7.17 -69.20 15.76
CA LYS K 80 7.06 -69.89 14.49
C LYS K 80 5.73 -70.63 14.43
N PHE K 81 4.89 -70.27 13.47
CA PHE K 81 3.56 -70.87 13.30
C PHE K 81 3.56 -71.70 12.02
N SER K 82 3.28 -72.99 12.15
CA SER K 82 3.38 -73.92 11.04
C SER K 82 2.00 -74.49 10.73
N CYS K 83 1.63 -74.47 9.44
CA CYS K 83 0.43 -75.12 8.96
C CYS K 83 0.84 -76.36 8.17
N THR K 84 0.40 -77.53 8.61
CA THR K 84 0.76 -78.80 8.00
C THR K 84 -0.47 -79.35 7.29
N VAL K 85 -0.59 -79.06 6.00
CA VAL K 85 -1.66 -79.59 5.18
C VAL K 85 -1.26 -80.97 4.68
N ARG K 86 -2.24 -81.86 4.56
CA ARG K 86 -2.04 -83.18 3.99
C ARG K 86 -3.32 -83.60 3.28
N SER K 87 -3.16 -84.35 2.20
CA SER K 87 -4.29 -84.82 1.40
C SER K 87 -3.80 -85.98 0.54
N GLN K 88 -4.70 -86.52 -0.28
CA GLN K 88 -4.34 -87.59 -1.19
C GLN K 88 -3.50 -87.08 -2.36
N ASP K 89 -3.61 -85.79 -2.68
CA ASP K 89 -2.86 -85.21 -3.78
C ASP K 89 -1.44 -84.84 -3.39
N LEU K 90 -1.11 -84.81 -2.10
CA LEU K 90 0.21 -84.43 -1.65
C LEU K 90 1.01 -85.67 -1.29
N PRO K 91 2.10 -85.97 -2.00
CA PRO K 91 2.95 -87.10 -1.59
C PRO K 91 3.57 -86.91 -0.21
N SER K 92 3.90 -85.68 0.16
CA SER K 92 4.41 -85.36 1.48
C SER K 92 3.68 -84.14 2.03
N PRO K 93 3.35 -84.13 3.32
CA PRO K 93 2.69 -82.95 3.90
C PRO K 93 3.60 -81.73 3.86
N VAL K 94 3.00 -80.57 3.61
CA VAL K 94 3.74 -79.32 3.48
C VAL K 94 3.63 -78.56 4.79
N LYS K 95 4.77 -78.30 5.42
CA LYS K 95 4.84 -77.56 6.68
C LYS K 95 5.36 -76.16 6.36
N LYS K 96 4.44 -75.25 6.05
CA LYS K 96 4.80 -73.87 5.76
C LYS K 96 4.83 -73.10 7.07
N THR K 97 6.00 -73.10 7.70
CA THR K 97 6.17 -72.37 8.95
C THR K 97 6.20 -70.88 8.69
N ILE K 98 5.36 -70.13 9.41
CA ILE K 98 5.19 -68.70 9.19
C ILE K 98 5.54 -67.97 10.47
N PHE K 99 6.44 -67.00 10.37
CA PHE K 99 6.78 -66.11 11.47
C PHE K 99 6.97 -64.71 10.90
N LYS K 100 7.34 -63.76 11.75
CA LYS K 100 7.53 -62.38 11.31
C LYS K 100 8.97 -62.20 10.84
N GLN K 101 9.18 -62.33 9.53
CA GLN K 101 10.51 -62.16 8.95
C GLN K 101 10.88 -60.68 8.94
N ASN K 102 12.04 -60.36 9.51
CA ASN K 102 12.52 -58.98 9.47
C ASN K 102 13.07 -58.67 8.09
N GLU K 103 13.23 -57.38 7.82
CA GLU K 103 13.75 -56.89 6.55
C GLU K 103 14.82 -55.83 6.81
N GLY K 104 15.74 -56.15 7.70
CA GLY K 104 16.78 -55.20 8.07
C GLY K 104 16.32 -54.27 9.19
N THR K 105 17.09 -53.20 9.36
CA THR K 105 16.79 -52.23 10.40
C THR K 105 15.60 -51.37 9.98
N PRO K 106 14.52 -51.33 10.77
CA PRO K 106 13.37 -50.50 10.41
C PRO K 106 13.70 -49.02 10.43
N LYS K 107 13.12 -48.29 9.49
CA LYS K 107 13.29 -46.85 9.39
C LYS K 107 11.91 -46.19 9.30
N ALA K 108 11.76 -45.08 10.02
CA ALA K 108 10.46 -44.42 10.10
C ALA K 108 10.12 -43.78 8.76
N PRO K 109 8.91 -44.01 8.24
CA PRO K 109 8.51 -43.38 6.98
C PRO K 109 8.37 -41.87 7.13
N ASP K 110 8.65 -41.17 6.05
CA ASP K 110 8.56 -39.71 6.00
C ASP K 110 7.33 -39.36 5.18
N VAL K 111 6.23 -39.04 5.86
CA VAL K 111 4.97 -38.75 5.19
C VAL K 111 5.03 -37.35 4.60
N TYR K 112 4.69 -37.24 3.32
CA TYR K 112 4.66 -35.96 2.62
C TYR K 112 3.36 -35.91 1.84
N LEU K 113 2.52 -34.92 2.13
CA LEU K 113 1.21 -34.80 1.50
C LEU K 113 1.26 -33.68 0.47
N LEU K 114 0.99 -34.04 -0.79
CA LEU K 114 1.16 -33.11 -1.90
C LEU K 114 -0.16 -32.44 -2.23
N PRO K 115 -0.26 -31.12 -2.12
CA PRO K 115 -1.44 -30.42 -2.62
C PRO K 115 -1.50 -30.47 -4.13
N PRO K 116 -2.70 -30.37 -4.70
CA PRO K 116 -2.79 -30.28 -6.17
C PRO K 116 -2.13 -29.00 -6.68
N SER K 117 -1.51 -29.13 -7.85
CA SER K 117 -0.83 -28.02 -8.51
C SER K 117 -1.87 -27.13 -9.20
N ALA K 118 -1.40 -26.22 -10.05
CA ALA K 118 -2.25 -25.17 -10.61
C ALA K 118 -3.31 -25.67 -11.58
N GLN K 119 -3.21 -26.89 -12.07
CA GLN K 119 -4.17 -27.38 -13.07
C GLN K 119 -5.34 -28.13 -12.44
N GLU K 120 -5.98 -27.56 -11.42
CA GLU K 120 -7.12 -28.18 -10.77
C GLU K 120 -8.45 -27.79 -11.42
N LEU K 121 -8.40 -27.26 -12.64
CA LEU K 121 -9.57 -26.66 -13.27
C LEU K 121 -10.65 -27.69 -13.57
N ILE K 122 -10.26 -28.89 -13.98
CA ILE K 122 -11.23 -29.92 -14.35
C ILE K 122 -11.83 -30.53 -13.08
N GLN K 123 -12.89 -31.33 -13.26
CA GLN K 123 -13.77 -31.67 -12.14
C GLN K 123 -13.12 -32.68 -11.19
N GLN K 124 -12.82 -33.88 -11.68
CA GLN K 124 -12.38 -34.98 -10.81
C GLN K 124 -10.87 -35.16 -10.80
N GLU K 125 -10.27 -35.40 -11.97
CA GLU K 125 -8.84 -35.68 -12.04
C GLU K 125 -8.03 -34.44 -11.69
N MET K 126 -6.84 -34.69 -11.13
CA MET K 126 -5.83 -33.70 -10.73
C MET K 126 -6.26 -32.90 -9.49
N VAL K 127 -7.53 -33.05 -9.08
CA VAL K 127 -7.91 -32.67 -7.73
C VAL K 127 -7.42 -33.70 -6.73
N THR K 128 -6.90 -34.82 -7.22
CA THR K 128 -6.38 -35.89 -6.37
C THR K 128 -5.21 -35.40 -5.51
N LEU K 129 -5.23 -35.80 -4.25
CA LEU K 129 -4.18 -35.48 -3.30
C LEU K 129 -3.27 -36.70 -3.15
N ILE K 130 -2.00 -36.54 -3.50
CA ILE K 130 -1.04 -37.63 -3.46
C ILE K 130 -0.31 -37.58 -2.12
N CYS K 131 -0.37 -38.68 -1.37
CA CYS K 131 0.32 -38.79 -0.09
C CYS K 131 1.60 -39.59 -0.30
N PHE K 132 2.60 -38.91 -0.85
CA PHE K 132 3.89 -39.53 -1.13
C PHE K 132 4.62 -39.75 0.18
N VAL K 133 4.61 -40.99 0.67
CA VAL K 133 5.34 -41.38 1.87
C VAL K 133 6.50 -42.29 1.49
N THR K 134 7.68 -41.99 2.01
CA THR K 134 8.90 -42.65 1.58
C THR K 134 9.84 -42.83 2.76
N GLY K 135 10.76 -43.77 2.62
CA GLY K 135 11.83 -43.96 3.57
C GLY K 135 11.64 -45.09 4.57
N PHE K 136 10.58 -45.88 4.46
CA PHE K 136 10.33 -46.94 5.42
C PHE K 136 10.96 -48.24 4.94
N ASN K 137 11.67 -48.92 5.84
CA ASN K 137 12.35 -50.15 5.43
C ASN K 137 11.40 -51.35 5.38
N PRO K 138 10.61 -51.68 6.41
CA PRO K 138 9.64 -52.77 6.23
C PRO K 138 8.48 -52.29 5.37
N LYS K 139 8.22 -53.01 4.27
CA LYS K 139 7.21 -52.59 3.31
C LYS K 139 5.78 -52.74 3.84
N GLU K 140 5.60 -53.38 4.99
CA GLU K 140 4.28 -53.52 5.59
C GLU K 140 3.84 -52.15 6.11
N ILE K 141 2.99 -51.47 5.35
CA ILE K 141 2.51 -50.14 5.70
C ILE K 141 1.05 -50.03 5.27
N PHE K 142 0.27 -49.32 6.07
CA PHE K 142 -1.11 -49.01 5.70
C PHE K 142 -1.30 -47.50 5.71
N ILE K 143 -2.04 -47.00 4.72
CA ILE K 143 -2.34 -45.59 4.58
C ILE K 143 -3.85 -45.42 4.60
N GLN K 144 -4.35 -44.55 5.45
CA GLN K 144 -5.77 -44.22 5.51
C GLN K 144 -5.94 -42.73 5.29
N TRP K 145 -7.15 -42.34 4.89
CA TRP K 145 -7.47 -40.97 4.55
C TRP K 145 -8.63 -40.50 5.42
N MET K 146 -8.49 -39.33 6.03
CA MET K 146 -9.55 -38.75 6.84
C MET K 146 -9.83 -37.34 6.36
N GLN K 147 -11.12 -36.99 6.29
CA GLN K 147 -11.57 -35.67 5.86
C GLN K 147 -12.07 -34.93 7.11
N GLY K 148 -11.14 -34.27 7.81
CA GLY K 148 -11.49 -33.51 8.99
C GLY K 148 -12.03 -34.36 10.13
N GLY K 149 -11.55 -35.58 10.27
CA GLY K 149 -11.97 -36.43 11.37
C GLY K 149 -12.68 -37.70 10.94
N VAL K 150 -13.53 -37.62 9.93
CA VAL K 150 -14.25 -38.78 9.45
C VAL K 150 -13.36 -39.55 8.47
N SER K 151 -13.31 -40.87 8.63
CA SER K 151 -12.43 -41.71 7.84
C SER K 151 -13.01 -41.92 6.45
N ILE K 152 -12.26 -41.50 5.42
CA ILE K 152 -12.69 -41.70 4.05
C ILE K 152 -12.57 -43.19 3.70
N SER K 153 -13.54 -43.70 2.96
CA SER K 153 -13.60 -45.13 2.66
C SER K 153 -12.47 -45.54 1.72
N GLU K 154 -12.24 -46.85 1.68
CA GLU K 154 -11.17 -47.41 0.84
C GLU K 154 -11.46 -47.27 -0.65
N ASP K 155 -12.71 -47.00 -1.01
CA ASP K 155 -13.05 -46.86 -2.43
C ASP K 155 -12.50 -45.56 -3.00
N LYS K 156 -12.43 -44.50 -2.19
CA LYS K 156 -12.11 -43.18 -2.70
C LYS K 156 -10.62 -42.92 -2.83
N PHE K 157 -9.76 -43.83 -2.40
CA PHE K 157 -8.32 -43.68 -2.60
C PHE K 157 -7.73 -45.02 -3.03
N ILE K 158 -6.71 -44.96 -3.87
CA ILE K 158 -6.02 -46.14 -4.38
C ILE K 158 -4.54 -46.01 -4.08
N ASN K 159 -3.96 -47.07 -3.51
CA ASN K 159 -2.55 -47.11 -3.15
C ASN K 159 -1.76 -47.81 -4.24
N THR K 160 -0.45 -47.59 -4.23
CA THR K 160 0.45 -48.27 -5.14
C THR K 160 1.15 -49.41 -4.43
N VAL K 161 1.80 -50.25 -5.22
CA VAL K 161 2.68 -51.30 -4.64
C VAL K 161 3.86 -50.61 -3.98
N PRO K 162 4.32 -51.07 -2.81
CA PRO K 162 5.47 -50.43 -2.17
C PRO K 162 6.77 -50.67 -2.92
N MET K 163 6.99 -49.86 -3.96
CA MET K 163 8.20 -49.99 -4.77
C MET K 163 9.43 -49.61 -3.95
N LYS K 164 10.54 -50.28 -4.25
CA LYS K 164 11.77 -50.10 -3.48
C LYS K 164 12.58 -48.92 -4.03
N SER K 165 13.10 -48.11 -3.13
CA SER K 165 13.92 -46.97 -3.53
C SER K 165 15.23 -47.44 -4.13
N ASP K 166 15.67 -46.77 -5.20
CA ASP K 166 16.85 -47.18 -5.92
C ASP K 166 18.12 -46.90 -5.11
N GLY K 167 19.01 -47.89 -5.06
CA GLY K 167 20.26 -47.74 -4.34
C GLY K 167 20.13 -47.64 -2.85
N GLU K 168 19.00 -48.06 -2.29
CA GLU K 168 18.77 -47.94 -0.85
C GLU K 168 17.83 -49.03 -0.41
N GLN K 169 17.88 -49.35 0.88
CA GLN K 169 17.05 -50.40 1.46
C GLN K 169 15.63 -49.91 1.76
N THR K 170 15.42 -48.60 1.80
CA THR K 170 14.11 -48.04 2.11
C THR K 170 13.15 -48.20 0.93
N TYR K 171 11.87 -47.97 1.20
CA TYR K 171 10.81 -48.12 0.23
C TYR K 171 10.06 -46.81 0.04
N PHE K 172 9.10 -46.80 -0.88
CA PHE K 172 8.22 -45.66 -1.06
C PHE K 172 6.91 -46.11 -1.67
N ILE K 173 5.81 -45.58 -1.15
CA ILE K 173 4.46 -45.86 -1.62
C ILE K 173 3.70 -44.55 -1.65
N TYR K 174 2.81 -44.40 -2.61
CA TYR K 174 1.97 -43.22 -2.70
C TYR K 174 0.53 -43.55 -2.36
N SER K 175 -0.30 -42.51 -2.35
CA SER K 175 -1.73 -42.65 -2.07
C SER K 175 -2.43 -41.44 -2.67
N LYS K 176 -3.15 -41.63 -3.77
CA LYS K 176 -3.94 -40.57 -4.36
C LYS K 176 -5.38 -40.68 -3.91
N LEU K 177 -5.98 -39.55 -3.57
CA LEU K 177 -7.38 -39.49 -3.14
C LEU K 177 -8.14 -38.64 -4.16
N ALA K 178 -8.83 -39.31 -5.07
CA ALA K 178 -9.58 -38.61 -6.10
C ALA K 178 -10.84 -38.00 -5.50
N ILE K 179 -10.93 -36.66 -5.53
CA ILE K 179 -12.06 -35.95 -4.95
C ILE K 179 -12.60 -34.97 -5.99
N PRO K 180 -13.88 -34.59 -5.93
CA PRO K 180 -14.38 -33.52 -6.80
C PRO K 180 -13.75 -32.19 -6.44
N ALA K 181 -13.68 -31.30 -7.43
CA ALA K 181 -13.08 -29.98 -7.24
C ALA K 181 -13.90 -29.13 -6.28
N ALA K 182 -15.20 -29.38 -6.19
CA ALA K 182 -16.04 -28.64 -5.25
C ALA K 182 -15.67 -28.96 -3.80
N LYS K 183 -15.39 -30.24 -3.51
CA LYS K 183 -15.03 -30.64 -2.15
C LYS K 183 -13.70 -30.04 -1.73
N TRP K 184 -12.73 -29.98 -2.66
CA TRP K 184 -11.43 -29.38 -2.34
C TRP K 184 -11.53 -27.88 -2.12
N ASN K 185 -12.47 -27.22 -2.80
CA ASN K 185 -12.61 -25.78 -2.73
C ASN K 185 -13.40 -25.30 -1.51
N GLN K 186 -13.96 -26.22 -0.72
CA GLN K 186 -14.69 -25.84 0.48
C GLN K 186 -13.76 -25.43 1.62
N GLY K 187 -12.45 -25.63 1.48
CA GLY K 187 -11.52 -25.28 2.53
C GLY K 187 -11.38 -26.29 3.64
N ASP K 188 -12.00 -27.47 3.50
CA ASP K 188 -11.90 -28.50 4.52
C ASP K 188 -10.50 -29.11 4.54
N VAL K 189 -10.16 -29.72 5.66
CA VAL K 189 -8.83 -30.27 5.87
C VAL K 189 -8.84 -31.74 5.51
N PHE K 190 -7.99 -32.13 4.56
CA PHE K 190 -7.73 -33.52 4.24
C PHE K 190 -6.43 -33.93 4.89
N THR K 191 -6.47 -35.00 5.69
CA THR K 191 -5.28 -35.51 6.36
C THR K 191 -5.02 -36.94 5.93
N CYS K 192 -3.75 -37.27 5.72
CA CYS K 192 -3.31 -38.59 5.31
C CYS K 192 -2.61 -39.23 6.50
N VAL K 193 -3.30 -40.12 7.18
CA VAL K 193 -2.73 -40.84 8.31
C VAL K 193 -2.02 -42.09 7.80
N VAL K 194 -0.77 -42.26 8.21
CA VAL K 194 0.10 -43.32 7.73
C VAL K 194 0.57 -44.12 8.94
N GLY K 195 0.35 -45.43 8.91
CA GLY K 195 0.70 -46.30 10.01
C GLY K 195 1.83 -47.24 9.61
N HIS K 196 2.85 -47.29 10.45
CA HIS K 196 4.00 -48.12 10.18
C HIS K 196 4.69 -48.47 11.50
N GLU K 197 5.27 -49.66 11.56
CA GLU K 197 5.82 -50.17 12.82
C GLU K 197 7.09 -49.45 13.25
N ALA K 198 7.79 -48.80 12.33
CA ALA K 198 9.04 -48.13 12.66
C ALA K 198 8.85 -46.74 13.21
N LEU K 199 7.61 -46.23 13.25
CA LEU K 199 7.34 -44.94 13.83
C LEU K 199 7.46 -45.02 15.35
N PRO K 200 7.74 -43.89 16.02
CA PRO K 200 7.82 -43.94 17.50
C PRO K 200 6.49 -44.32 18.13
N LEU K 201 5.43 -43.60 17.80
CA LEU K 201 4.06 -44.07 17.99
C LEU K 201 3.48 -44.35 16.62
N TYR K 202 2.86 -45.51 16.46
CA TYR K 202 2.67 -46.15 15.17
C TYR K 202 1.73 -45.41 14.22
N ILE K 203 1.25 -44.23 14.60
CA ILE K 203 0.40 -43.41 13.76
C ILE K 203 1.06 -42.05 13.58
N THR K 204 1.22 -41.63 12.33
CA THR K 204 1.59 -40.27 12.00
C THR K 204 0.68 -39.79 10.88
N GLN K 205 0.58 -38.47 10.75
CA GLN K 205 -0.37 -37.90 9.80
C GLN K 205 0.10 -36.51 9.40
N GLN K 206 -0.24 -36.14 8.16
CA GLN K 206 0.00 -34.80 7.64
C GLN K 206 -1.32 -34.23 7.16
N SER K 207 -1.63 -33.00 7.55
CA SER K 207 -2.89 -32.36 7.24
C SER K 207 -2.65 -31.14 6.36
N ILE K 208 -3.35 -31.05 5.23
CA ILE K 208 -3.26 -29.90 4.35
C ILE K 208 -4.67 -29.47 3.95
N ASP K 209 -4.75 -28.24 3.45
CA ASP K 209 -5.95 -27.68 2.82
C ASP K 209 -5.50 -26.55 1.90
N LYS K 210 -6.45 -25.78 1.38
CA LYS K 210 -6.09 -24.58 0.64
C LYS K 210 -5.49 -23.56 1.60
N SER K 211 -4.34 -23.01 1.22
CA SER K 211 -3.54 -22.10 2.06
C SER K 211 -3.22 -22.75 3.40
N SER K 212 -2.44 -23.84 3.32
CA SER K 212 -2.10 -24.63 4.51
C SER K 212 -1.25 -23.85 5.50
N GLY K 213 -0.48 -22.87 5.04
CA GLY K 213 0.35 -22.07 5.92
C GLY K 213 -0.42 -21.12 6.82
N ASN L 1 -5.90 -53.62 57.59
CA ASN L 1 -5.34 -54.78 56.93
C ASN L 1 -5.82 -54.90 55.49
N LEU L 2 -5.43 -53.93 54.67
CA LEU L 2 -5.78 -53.93 53.24
C LEU L 2 -4.81 -54.85 52.52
N GLN L 3 -5.31 -56.00 52.08
CA GLN L 3 -4.42 -57.06 51.58
C GLN L 3 -4.03 -56.84 50.13
N VAL L 4 -5.00 -56.84 49.23
CA VAL L 4 -4.74 -56.98 47.80
C VAL L 4 -4.94 -55.64 47.10
N TYR L 5 -3.99 -55.29 46.23
CA TYR L 5 -4.06 -54.10 45.40
C TYR L 5 -3.88 -54.52 43.94
N PRO L 6 -4.95 -54.85 43.24
CA PRO L 6 -4.83 -55.19 41.82
C PRO L 6 -4.76 -53.95 40.95
N LEU L 7 -3.97 -54.03 39.88
CA LEU L 7 -3.80 -52.93 38.94
C LEU L 7 -4.09 -53.40 37.53
N THR L 8 -5.00 -52.72 36.85
CA THR L 8 -5.28 -52.95 35.44
C THR L 8 -4.21 -52.27 34.58
N PRO L 9 -3.94 -52.79 33.39
CA PRO L 9 -2.96 -52.14 32.52
C PRO L 9 -3.51 -50.84 31.95
N THR L 10 -2.62 -49.87 31.77
CA THR L 10 -3.01 -48.61 31.15
C THR L 10 -3.17 -48.82 29.64
N PHE L 11 -3.59 -47.77 28.95
CA PHE L 11 -3.74 -47.89 27.51
C PHE L 11 -2.39 -47.87 26.79
N HIS L 12 -1.38 -47.22 27.37
CA HIS L 12 -0.10 -47.08 26.69
C HIS L 12 0.61 -48.42 26.54
N ASP L 13 0.60 -49.24 27.59
CA ASP L 13 1.23 -50.55 27.48
C ASP L 13 0.30 -51.62 26.94
N LEU L 14 -0.97 -51.29 26.71
CA LEU L 14 -1.87 -52.24 26.05
C LEU L 14 -1.58 -52.33 24.56
N TYR L 15 -1.26 -51.21 23.93
CA TYR L 15 -1.09 -51.16 22.48
C TYR L 15 0.30 -50.75 22.06
N PHE L 16 0.80 -49.62 22.55
CA PHE L 16 1.98 -49.00 21.98
C PHE L 16 3.27 -49.35 22.71
N SER L 17 3.18 -49.81 23.96
CA SER L 17 4.28 -50.51 24.60
C SER L 17 4.06 -52.02 24.61
N ARG L 18 2.87 -52.47 24.21
CA ARG L 18 2.56 -53.82 23.76
C ARG L 18 2.52 -54.84 24.91
N ASN L 19 2.96 -54.46 26.10
CA ASN L 19 3.13 -55.40 27.20
C ASN L 19 2.02 -55.18 28.22
N ALA L 20 0.98 -56.01 28.14
CA ALA L 20 -0.13 -55.96 29.08
C ALA L 20 0.20 -56.83 30.29
N LYS L 21 0.44 -56.20 31.43
CA LYS L 21 0.89 -56.90 32.64
C LYS L 21 -0.18 -56.74 33.72
N ILE L 22 -0.92 -57.82 33.97
CA ILE L 22 -1.82 -57.86 35.11
C ILE L 22 -0.97 -58.13 36.35
N THR L 23 -1.06 -57.25 37.35
CA THR L 23 -0.29 -57.42 38.57
C THR L 23 -1.20 -57.46 39.78
N CYS L 24 -0.89 -58.36 40.71
CA CYS L 24 -1.63 -58.54 41.95
C CYS L 24 -0.70 -58.16 43.09
N LEU L 25 -0.68 -56.87 43.40
CA LEU L 25 0.18 -56.37 44.47
C LEU L 25 -0.48 -56.61 45.82
N VAL L 26 0.18 -57.39 46.67
CA VAL L 26 -0.31 -57.65 48.03
C VAL L 26 0.51 -56.75 48.95
N SER L 27 -0.17 -55.80 49.60
CA SER L 27 0.55 -54.78 50.35
C SER L 27 0.80 -55.21 51.80
N SER L 28 -0.23 -55.71 52.47
CA SER L 28 -0.15 -56.00 53.91
C SER L 28 0.12 -57.49 54.10
N MET L 29 1.31 -57.81 54.61
CA MET L 29 1.66 -59.18 54.98
C MET L 29 2.48 -59.16 56.26
N LYS L 30 2.25 -60.17 57.11
CA LYS L 30 3.01 -60.33 58.33
C LYS L 30 3.83 -61.62 58.37
N THR L 31 3.40 -62.67 57.68
CA THR L 31 4.14 -63.91 57.58
C THR L 31 4.23 -64.34 56.13
N ILE L 32 5.45 -64.66 55.69
CA ILE L 32 5.65 -65.13 54.32
C ILE L 32 5.55 -66.65 54.21
N GLU L 33 5.56 -67.36 55.32
CA GLU L 33 5.45 -68.81 55.28
C GLU L 33 4.01 -69.22 54.96
N ASN L 34 3.89 -70.32 54.20
CA ASN L 34 2.60 -70.86 53.74
C ASN L 34 1.80 -69.81 52.98
N PHE L 35 2.49 -69.02 52.16
CA PHE L 35 1.88 -67.97 51.37
C PHE L 35 2.12 -68.25 49.89
N ASP L 36 1.04 -68.26 49.11
CA ASP L 36 1.13 -68.52 47.67
C ASP L 36 0.13 -67.64 46.94
N ILE L 37 0.42 -67.38 45.66
CA ILE L 37 -0.46 -66.62 44.78
C ILE L 37 -0.78 -67.49 43.58
N SER L 38 -2.07 -67.68 43.31
CA SER L 38 -2.54 -68.52 42.22
C SER L 38 -3.28 -67.66 41.21
N TRP L 39 -2.94 -67.81 39.94
CA TRP L 39 -3.58 -67.08 38.85
C TRP L 39 -4.48 -68.01 38.06
N GLU L 40 -5.73 -67.61 37.87
CA GLU L 40 -6.69 -68.38 37.10
C GLU L 40 -7.33 -67.48 36.04
N ARG L 41 -7.58 -68.04 34.87
CA ARG L 41 -8.19 -67.31 33.77
C ARG L 41 -9.60 -67.83 33.53
N GLU L 42 -10.47 -66.90 33.11
CA GLU L 42 -11.85 -67.28 32.81
C GLU L 42 -11.92 -68.22 31.60
N LYS L 43 -11.10 -67.97 30.59
CA LYS L 43 -11.03 -68.82 29.42
C LYS L 43 -9.68 -69.54 29.38
N ALA L 44 -9.56 -70.46 28.42
CA ALA L 44 -8.31 -71.20 28.26
C ALA L 44 -7.23 -70.30 27.68
N GLY L 45 -6.03 -70.38 28.26
CA GLY L 45 -4.94 -69.55 27.80
C GLY L 45 -3.69 -69.82 28.62
N ASN L 46 -2.63 -69.10 28.26
CA ASN L 46 -1.35 -69.26 28.91
C ASN L 46 -1.25 -68.41 30.17
N LEU L 47 -0.59 -68.95 31.18
CA LEU L 47 -0.38 -68.28 32.46
C LEU L 47 1.12 -68.05 32.63
N GLU L 48 1.62 -66.95 32.09
CA GLU L 48 3.03 -66.56 32.25
C GLU L 48 3.15 -65.86 33.59
N PHE L 49 3.36 -66.65 34.63
CA PHE L 49 3.30 -66.19 36.01
C PHE L 49 4.71 -65.94 36.53
N VAL L 50 4.98 -64.70 36.95
CA VAL L 50 6.28 -64.30 37.47
C VAL L 50 6.07 -63.68 38.85
N THR L 51 6.79 -64.19 39.84
CA THR L 51 6.67 -63.73 41.22
C THR L 51 7.81 -62.81 41.58
N GLU L 52 7.48 -61.60 42.04
CA GLU L 52 8.49 -60.69 42.56
C GLU L 52 8.81 -61.06 44.01
N ASP L 53 10.05 -60.76 44.40
CA ASP L 53 10.47 -61.05 45.77
C ASP L 53 9.73 -60.14 46.75
N PRO L 54 9.36 -60.65 47.93
CA PRO L 54 8.68 -59.81 48.92
C PRO L 54 9.61 -58.74 49.48
N VAL L 55 9.11 -57.50 49.53
CA VAL L 55 9.90 -56.37 50.01
C VAL L 55 9.14 -55.65 51.12
N LEU L 56 9.85 -54.83 51.88
CA LEU L 56 9.28 -54.12 53.02
C LEU L 56 8.66 -52.81 52.56
N HIS L 57 7.37 -52.65 52.79
CA HIS L 57 6.65 -51.43 52.47
C HIS L 57 5.61 -51.18 53.55
N ASP L 58 4.88 -50.07 53.41
CA ASP L 58 3.81 -49.62 54.32
C ASP L 58 4.42 -49.46 55.71
N ASN L 59 3.75 -49.93 56.77
CA ASN L 59 4.29 -49.88 58.12
C ASN L 59 5.03 -51.18 58.46
N GLY L 60 6.01 -51.50 57.61
CA GLY L 60 6.83 -52.68 57.81
C GLY L 60 6.25 -53.97 57.31
N THR L 61 5.12 -53.94 56.62
CA THR L 61 4.51 -55.15 56.09
C THR L 61 5.22 -55.59 54.81
N TYR L 62 5.35 -56.90 54.63
CA TYR L 62 5.94 -57.43 53.41
C TYR L 62 5.02 -57.18 52.22
N SER L 63 5.61 -56.81 51.09
CA SER L 63 4.85 -56.49 49.89
C SER L 63 5.35 -57.33 48.72
N VAL L 64 4.42 -58.02 48.06
CA VAL L 64 4.72 -58.81 46.88
C VAL L 64 3.84 -58.32 45.73
N ALA L 65 4.40 -58.28 44.52
CA ALA L 65 3.67 -57.86 43.33
C ALA L 65 3.84 -58.95 42.28
N SER L 66 2.87 -59.85 42.19
CA SER L 66 2.90 -60.95 41.23
C SER L 66 2.37 -60.44 39.89
N ILE L 67 3.24 -60.43 38.88
CA ILE L 67 2.92 -59.86 37.58
C ILE L 67 2.57 -60.97 36.60
N LEU L 68 1.40 -60.87 35.99
CA LEU L 68 0.94 -61.82 34.99
C LEU L 68 1.03 -61.18 33.60
N SER L 69 1.76 -61.83 32.70
CA SER L 69 1.87 -61.36 31.32
C SER L 69 0.70 -61.94 30.53
N VAL L 70 -0.13 -61.06 29.96
CA VAL L 70 -1.35 -61.47 29.30
C VAL L 70 -1.43 -60.80 27.94
N CYS L 71 -2.17 -61.44 27.03
CA CYS L 71 -2.44 -60.85 25.73
C CYS L 71 -3.36 -59.64 25.86
N ALA L 72 -3.10 -58.61 25.05
CA ALA L 72 -3.98 -57.44 25.06
C ALA L 72 -5.29 -57.72 24.34
N GLU L 73 -5.30 -58.67 23.41
CA GLU L 73 -6.54 -59.03 22.74
C GLU L 73 -7.46 -59.78 23.68
N ASP L 74 -6.90 -60.62 24.56
CA ASP L 74 -7.71 -61.37 25.51
C ASP L 74 -8.21 -60.46 26.63
N TRP L 75 -7.39 -59.49 27.06
CA TRP L 75 -7.79 -58.61 28.15
C TRP L 75 -8.93 -57.69 27.74
N GLU L 76 -8.92 -57.22 26.50
CA GLU L 76 -9.95 -56.29 26.04
C GLU L 76 -11.21 -56.97 25.53
N SER L 77 -11.27 -58.29 25.60
CA SER L 77 -12.46 -59.03 25.21
C SER L 77 -13.41 -59.27 26.39
N GLY L 78 -13.20 -58.59 27.51
CA GLY L 78 -14.03 -58.78 28.68
C GLY L 78 -13.68 -59.98 29.53
N ASP L 79 -12.57 -60.64 29.26
CA ASP L 79 -12.19 -61.82 30.02
C ASP L 79 -11.75 -61.44 31.43
N LYS L 80 -11.99 -62.35 32.37
CA LYS L 80 -11.75 -62.11 33.78
C LYS L 80 -10.51 -62.86 34.24
N PHE L 81 -9.64 -62.17 34.98
CA PHE L 81 -8.44 -62.76 35.53
C PHE L 81 -8.43 -62.52 37.04
N SER L 82 -8.21 -63.57 37.81
CA SER L 82 -8.33 -63.50 39.26
C SER L 82 -7.10 -64.08 39.94
N CYS L 83 -6.59 -63.37 40.93
CA CYS L 83 -5.50 -63.84 41.77
C CYS L 83 -6.07 -64.19 43.14
N THR L 84 -5.99 -65.47 43.51
CA THR L 84 -6.51 -65.96 44.78
C THR L 84 -5.34 -66.15 45.73
N VAL L 85 -5.07 -65.13 46.53
CA VAL L 85 -3.98 -65.18 47.49
C VAL L 85 -4.44 -65.92 48.73
N ARG L 86 -3.48 -66.57 49.40
CA ARG L 86 -3.77 -67.26 50.65
C ARG L 86 -2.50 -67.31 51.49
N SER L 87 -2.67 -67.25 52.80
CA SER L 87 -1.56 -67.25 53.75
C SER L 87 -2.11 -67.59 55.13
N GLN L 88 -1.21 -67.59 56.12
CA GLN L 88 -1.63 -67.78 57.50
C GLN L 88 -2.40 -66.58 58.03
N ASP L 89 -2.20 -65.41 57.45
CA ASP L 89 -2.92 -64.20 57.86
C ASP L 89 -4.30 -64.09 57.24
N LEU L 90 -4.64 -64.96 56.29
CA LEU L 90 -5.93 -64.91 55.61
C LEU L 90 -6.80 -66.06 56.08
N PRO L 91 -7.91 -65.79 56.78
CA PRO L 91 -8.83 -66.89 57.12
C PRO L 91 -9.45 -67.55 55.89
N SER L 92 -9.69 -66.78 54.82
CA SER L 92 -10.23 -67.29 53.58
C SER L 92 -9.48 -66.64 52.42
N PRO L 93 -9.28 -67.36 51.31
CA PRO L 93 -8.65 -66.73 50.14
C PRO L 93 -9.52 -65.64 49.55
N VAL L 94 -8.87 -64.64 48.98
CA VAL L 94 -9.54 -63.49 48.38
C VAL L 94 -9.55 -63.67 46.87
N LYS L 95 -10.75 -63.77 46.30
CA LYS L 95 -10.93 -63.94 44.86
C LYS L 95 -11.26 -62.57 44.27
N LYS L 96 -10.23 -61.81 43.93
CA LYS L 96 -10.38 -60.51 43.29
C LYS L 96 -10.22 -60.69 41.79
N THR L 97 -11.31 -60.58 41.05
CA THR L 97 -11.27 -60.72 39.60
C THR L 97 -10.93 -59.38 38.96
N ILE L 98 -10.04 -59.42 37.97
CA ILE L 98 -9.61 -58.24 37.23
C ILE L 98 -10.08 -58.39 35.79
N PHE L 99 -10.83 -57.40 35.31
CA PHE L 99 -11.35 -57.42 33.96
C PHE L 99 -11.53 -55.98 33.49
N LYS L 100 -11.71 -55.83 32.18
CA LYS L 100 -11.91 -54.50 31.59
C LYS L 100 -13.35 -54.06 31.88
N GLN L 101 -13.51 -53.27 32.94
CA GLN L 101 -14.84 -52.77 33.28
C GLN L 101 -15.32 -51.76 32.25
N ASN L 102 -16.60 -51.85 31.90
CA ASN L 102 -17.21 -50.89 30.99
C ASN L 102 -17.63 -49.65 31.77
N GLU L 103 -16.90 -48.55 31.57
CA GLU L 103 -17.18 -47.30 32.25
C GLU L 103 -18.36 -46.54 31.65
N GLY L 104 -18.74 -46.85 30.43
CA GLY L 104 -19.79 -46.17 29.71
C GLY L 104 -19.50 -46.16 28.24
N THR L 105 -20.28 -45.41 27.49
CA THR L 105 -20.02 -45.30 26.06
C THR L 105 -18.79 -44.44 25.81
N PRO L 106 -17.79 -44.95 25.10
CA PRO L 106 -16.56 -44.16 24.88
C PRO L 106 -16.80 -42.97 23.98
N LYS L 107 -16.07 -41.89 24.27
CA LYS L 107 -16.12 -40.67 23.47
C LYS L 107 -14.70 -40.24 23.14
N ALA L 108 -14.49 -39.82 21.90
CA ALA L 108 -13.16 -39.46 21.45
C ALA L 108 -12.70 -38.16 22.10
N PRO L 109 -11.51 -38.12 22.69
CA PRO L 109 -11.02 -36.88 23.30
C PRO L 109 -10.77 -35.79 22.28
N ASP L 110 -10.97 -34.55 22.71
CA ASP L 110 -10.75 -33.37 21.87
C ASP L 110 -9.45 -32.72 22.33
N VAL L 111 -8.44 -32.78 21.48
CA VAL L 111 -7.10 -32.29 21.83
C VAL L 111 -6.98 -30.85 21.39
N TYR L 112 -6.75 -29.96 22.35
CA TYR L 112 -6.50 -28.55 22.08
C TYR L 112 -5.12 -28.22 22.63
N LEU L 113 -4.17 -27.97 21.74
CA LEU L 113 -2.83 -27.58 22.12
C LEU L 113 -2.77 -26.07 22.23
N LEU L 114 -2.54 -25.57 23.43
CA LEU L 114 -2.58 -24.12 23.64
C LEU L 114 -1.17 -23.55 23.61
N PRO L 115 -0.96 -22.42 22.93
CA PRO L 115 0.34 -21.77 22.94
C PRO L 115 0.62 -21.15 24.30
N PRO L 116 1.86 -20.75 24.57
CA PRO L 116 2.13 -20.00 25.80
C PRO L 116 1.41 -18.66 25.79
N SER L 117 1.12 -18.16 27.00
CA SER L 117 0.41 -16.91 27.14
C SER L 117 1.24 -15.74 26.63
N ALA L 118 0.64 -14.55 26.64
CA ALA L 118 1.33 -13.35 26.19
C ALA L 118 2.50 -12.98 27.09
N GLN L 119 2.56 -13.53 28.31
CA GLN L 119 3.65 -13.26 29.23
C GLN L 119 4.78 -14.29 29.04
N GLU L 120 5.29 -14.34 27.81
CA GLU L 120 6.52 -15.09 27.55
C GLU L 120 7.76 -14.37 28.06
N LEU L 121 7.66 -13.06 28.30
CA LEU L 121 8.77 -12.25 28.79
C LEU L 121 9.01 -12.40 30.28
N ILE L 122 8.20 -13.17 30.99
CA ILE L 122 8.33 -13.16 32.49
C ILE L 122 9.75 -13.47 32.98
N GLN L 123 10.17 -14.71 32.76
CA GLN L 123 11.52 -15.13 33.19
C GLN L 123 11.99 -16.15 32.16
N GLN L 124 13.21 -16.63 32.34
CA GLN L 124 13.62 -17.68 31.42
C GLN L 124 12.77 -18.92 31.69
N GLU L 125 12.70 -19.78 30.68
CA GLU L 125 11.85 -20.97 30.64
C GLU L 125 10.40 -20.50 30.85
N MET L 126 9.54 -21.32 31.47
CA MET L 126 8.18 -20.95 31.87
C MET L 126 7.32 -20.56 30.68
N VAL L 127 7.70 -21.00 29.47
CA VAL L 127 6.79 -20.95 28.34
C VAL L 127 6.13 -22.31 28.22
N THR L 128 5.05 -22.50 28.98
CA THR L 128 4.44 -23.79 29.18
C THR L 128 3.38 -24.02 28.11
N LEU L 129 3.69 -24.89 27.15
CA LEU L 129 2.68 -25.32 26.19
C LEU L 129 1.75 -26.29 26.90
N ILE L 130 0.48 -25.93 27.00
CA ILE L 130 -0.50 -26.73 27.72
C ILE L 130 -1.37 -27.43 26.69
N CYS L 131 -1.43 -28.76 26.77
CA CYS L 131 -2.22 -29.58 25.86
C CYS L 131 -3.50 -29.97 26.58
N PHE L 132 -4.46 -29.05 26.57
CA PHE L 132 -5.75 -29.30 27.22
C PHE L 132 -6.55 -30.24 26.35
N VAL L 133 -6.70 -31.49 26.79
CA VAL L 133 -7.48 -32.49 26.09
C VAL L 133 -8.65 -32.90 26.96
N THR L 134 -9.85 -32.94 26.38
CA THR L 134 -11.08 -33.09 27.12
C THR L 134 -12.07 -33.93 26.33
N GLY L 135 -13.11 -34.37 27.02
CA GLY L 135 -14.21 -35.06 26.37
C GLY L 135 -14.01 -36.53 26.10
N PHE L 136 -13.18 -37.21 26.88
CA PHE L 136 -12.98 -38.64 26.73
C PHE L 136 -13.67 -39.37 27.88
N ASN L 137 -14.45 -40.39 27.56
CA ASN L 137 -15.25 -41.01 28.60
C ASN L 137 -14.46 -42.04 29.43
N PRO L 138 -13.69 -42.96 28.86
CA PRO L 138 -12.81 -43.76 29.72
C PRO L 138 -11.63 -42.93 30.19
N LYS L 139 -11.35 -42.95 31.49
CA LYS L 139 -10.31 -42.10 32.06
C LYS L 139 -8.91 -42.55 31.72
N GLU L 140 -8.74 -43.75 31.14
CA GLU L 140 -7.42 -44.26 30.82
C GLU L 140 -6.90 -43.57 29.56
N ILE L 141 -6.02 -42.59 29.75
CA ILE L 141 -5.43 -41.83 28.66
C ILE L 141 -3.93 -41.76 28.90
N PHE L 142 -3.19 -41.52 27.82
CA PHE L 142 -1.77 -41.19 27.93
C PHE L 142 -1.46 -40.07 26.95
N ILE L 143 -0.67 -39.11 27.40
CA ILE L 143 -0.29 -37.95 26.61
C ILE L 143 1.23 -37.92 26.51
N GLN L 144 1.72 -37.80 25.28
CA GLN L 144 3.15 -37.73 25.03
C GLN L 144 3.46 -36.51 24.16
N TRP L 145 4.69 -36.02 24.27
CA TRP L 145 5.12 -34.80 23.61
C TRP L 145 6.27 -35.11 22.67
N MET L 146 6.24 -34.51 21.48
CA MET L 146 7.33 -34.58 20.53
C MET L 146 7.64 -33.19 20.01
N GLN L 147 8.93 -32.86 19.95
CA GLN L 147 9.41 -31.60 19.37
C GLN L 147 9.97 -31.89 17.98
N GLY L 148 9.07 -32.00 17.01
CA GLY L 148 9.45 -32.30 15.65
C GLY L 148 10.02 -33.71 15.48
N GLY L 149 9.21 -34.71 15.75
CA GLY L 149 9.62 -36.10 15.59
C GLY L 149 10.22 -36.79 16.81
N VAL L 150 11.21 -36.16 17.44
CA VAL L 150 11.86 -36.78 18.59
C VAL L 150 10.98 -36.65 19.82
N SER L 151 10.84 -37.76 20.55
CA SER L 151 9.97 -37.79 21.72
C SER L 151 10.63 -37.10 22.90
N ILE L 152 9.86 -36.25 23.58
CA ILE L 152 10.36 -35.53 24.75
C ILE L 152 10.24 -36.42 25.97
N SER L 153 11.20 -36.30 26.89
CA SER L 153 11.25 -37.16 28.07
C SER L 153 10.08 -36.88 29.00
N GLU L 154 9.74 -37.90 29.81
CA GLU L 154 8.59 -37.80 30.70
C GLU L 154 8.81 -36.84 31.86
N ASP L 155 10.05 -36.44 32.13
CA ASP L 155 10.32 -35.49 33.20
C ASP L 155 10.16 -34.05 32.76
N LYS L 156 10.01 -33.79 31.47
CA LYS L 156 9.83 -32.43 30.97
C LYS L 156 8.37 -32.03 30.83
N PHE L 157 7.43 -32.92 31.14
CA PHE L 157 6.02 -32.57 31.15
C PHE L 157 5.33 -33.31 32.28
N ILE L 158 4.29 -32.68 32.84
CA ILE L 158 3.54 -33.22 33.96
C ILE L 158 2.05 -33.12 33.64
N ASN L 159 1.33 -34.21 33.85
CA ASN L 159 -0.10 -34.27 33.61
C ASN L 159 -0.87 -34.32 34.92
N THR L 160 -2.12 -33.89 34.88
CA THR L 160 -2.97 -33.90 36.05
C THR L 160 -3.67 -35.24 36.20
N VAL L 161 -4.42 -35.38 37.27
CA VAL L 161 -5.37 -36.50 37.36
C VAL L 161 -6.53 -36.24 36.41
N PRO L 162 -7.07 -37.25 35.73
CA PRO L 162 -8.19 -37.00 34.82
C PRO L 162 -9.47 -36.70 35.59
N MET L 163 -9.67 -35.43 35.93
CA MET L 163 -10.88 -35.00 36.62
C MET L 163 -12.11 -35.23 35.74
N LYS L 164 -13.24 -35.46 36.40
CA LYS L 164 -14.51 -35.68 35.72
C LYS L 164 -15.14 -34.32 35.41
N SER L 165 -15.44 -34.09 34.14
CA SER L 165 -16.10 -32.85 33.73
C SER L 165 -17.53 -32.83 34.26
N ASP L 166 -17.84 -31.83 35.07
CA ASP L 166 -19.13 -31.78 35.75
C ASP L 166 -20.26 -31.55 34.75
N GLY L 167 -21.35 -32.29 34.94
CA GLY L 167 -22.49 -32.26 34.05
C GLY L 167 -22.50 -33.35 33.00
N GLU L 168 -21.36 -33.97 32.71
CA GLU L 168 -21.26 -35.06 31.77
C GLU L 168 -20.48 -36.20 32.40
N GLN L 169 -20.40 -37.32 31.68
CA GLN L 169 -19.58 -38.45 32.09
C GLN L 169 -18.16 -38.35 31.54
N THR L 170 -17.90 -37.39 30.67
CA THR L 170 -16.58 -37.25 30.07
C THR L 170 -15.59 -36.65 31.07
N TYR L 171 -14.32 -36.72 30.71
CA TYR L 171 -13.22 -36.31 31.58
C TYR L 171 -12.38 -35.25 30.88
N PHE L 172 -11.43 -34.67 31.63
CA PHE L 172 -10.52 -33.69 31.06
C PHE L 172 -9.21 -33.72 31.84
N ILE L 173 -8.11 -33.57 31.11
CA ILE L 173 -6.77 -33.64 31.67
C ILE L 173 -5.89 -32.64 30.93
N TYR L 174 -5.01 -31.97 31.67
CA TYR L 174 -4.07 -31.01 31.10
C TYR L 174 -2.67 -31.59 31.11
N SER L 175 -1.91 -31.29 30.07
CA SER L 175 -0.50 -31.66 29.98
C SER L 175 0.28 -30.40 29.66
N LYS L 176 1.10 -29.95 30.61
CA LYS L 176 1.95 -28.78 30.39
C LYS L 176 3.38 -29.23 30.12
N LEU L 177 4.02 -28.57 29.17
CA LEU L 177 5.40 -28.89 28.79
C LEU L 177 6.27 -27.67 29.10
N ALA L 178 7.15 -27.80 30.08
CA ALA L 178 8.04 -26.72 30.48
C ALA L 178 9.28 -26.76 29.61
N ILE L 179 9.46 -25.75 28.78
CA ILE L 179 10.61 -25.65 27.88
C ILE L 179 11.28 -24.30 28.07
N PRO L 180 12.59 -24.17 27.77
CA PRO L 180 13.22 -22.85 27.77
C PRO L 180 12.63 -21.96 26.69
N ALA L 181 12.62 -20.66 26.97
CA ALA L 181 12.09 -19.69 26.01
C ALA L 181 12.94 -19.64 24.74
N ALA L 182 14.22 -19.99 24.84
CA ALA L 182 15.06 -20.09 23.66
C ALA L 182 14.57 -21.20 22.74
N LYS L 183 14.13 -22.32 23.31
CA LYS L 183 13.62 -23.42 22.50
C LYS L 183 12.35 -23.03 21.77
N TRP L 184 11.44 -22.32 22.44
CA TRP L 184 10.18 -21.94 21.81
C TRP L 184 10.38 -20.87 20.75
N ASN L 185 11.34 -19.97 20.96
CA ASN L 185 11.54 -18.85 20.04
C ASN L 185 12.26 -19.26 18.76
N GLN L 186 12.87 -20.44 18.71
CA GLN L 186 13.57 -20.88 17.51
C GLN L 186 12.62 -21.18 16.36
N GLY L 187 11.36 -21.48 16.65
CA GLY L 187 10.38 -21.78 15.62
C GLY L 187 10.14 -23.24 15.35
N ASP L 188 10.71 -24.14 16.16
CA ASP L 188 10.50 -25.57 15.98
C ASP L 188 9.06 -25.94 16.36
N VAL L 189 8.59 -27.04 15.80
CA VAL L 189 7.21 -27.47 15.97
C VAL L 189 7.15 -28.45 17.14
N PHE L 190 6.38 -28.08 18.16
CA PHE L 190 6.05 -28.96 19.27
C PHE L 190 4.67 -29.55 19.02
N THR L 191 4.56 -30.87 19.15
CA THR L 191 3.28 -31.54 18.95
C THR L 191 2.90 -32.32 20.21
N CYS L 192 1.61 -32.31 20.52
CA CYS L 192 1.05 -33.05 21.63
C CYS L 192 0.36 -34.30 21.09
N VAL L 193 0.86 -35.46 21.48
CA VAL L 193 0.29 -36.73 21.03
C VAL L 193 -0.56 -37.29 22.17
N VAL L 194 -1.85 -37.44 21.91
CA VAL L 194 -2.81 -37.92 22.89
C VAL L 194 -3.26 -39.30 22.43
N GLY L 195 -3.13 -40.30 23.30
CA GLY L 195 -3.49 -41.67 22.98
C GLY L 195 -4.64 -42.14 23.86
N HIS L 196 -5.71 -42.58 23.21
CA HIS L 196 -6.91 -42.97 23.91
C HIS L 196 -7.63 -44.05 23.11
N GLU L 197 -8.38 -44.89 23.82
CA GLU L 197 -9.03 -46.04 23.18
C GLU L 197 -10.27 -45.67 22.38
N ALA L 198 -10.85 -44.50 22.62
CA ALA L 198 -12.04 -44.09 21.90
C ALA L 198 -11.72 -43.37 20.60
N LEU L 199 -10.46 -43.11 20.32
CA LEU L 199 -10.06 -42.50 19.06
C LEU L 199 -10.26 -43.51 17.92
N PRO L 200 -10.51 -43.02 16.69
CA PRO L 200 -10.64 -43.97 15.57
C PRO L 200 -9.35 -44.74 15.32
N LEU L 201 -8.25 -44.02 15.11
CA LEU L 201 -6.90 -44.56 15.27
C LEU L 201 -6.34 -44.00 16.56
N TYR L 202 -5.84 -44.88 17.42
CA TYR L 202 -5.68 -44.57 18.84
C TYR L 202 -4.65 -43.49 19.13
N ILE L 203 -3.99 -42.93 18.12
CA ILE L 203 -3.08 -41.81 18.31
C ILE L 203 -3.61 -40.63 17.51
N THR L 204 -3.81 -39.51 18.19
CA THR L 204 -4.07 -38.23 17.53
C THR L 204 -3.05 -37.23 18.02
N GLN L 205 -2.80 -36.20 17.21
CA GLN L 205 -1.79 -35.23 17.57
C GLN L 205 -2.19 -33.85 17.06
N GLN L 206 -1.88 -32.84 17.86
CA GLN L 206 -2.00 -31.44 17.48
C GLN L 206 -0.63 -30.80 17.60
N SER L 207 -0.27 -29.98 16.62
CA SER L 207 1.04 -29.37 16.55
C SER L 207 0.90 -27.86 16.38
N ILE L 208 1.70 -27.10 17.11
CA ILE L 208 1.71 -25.65 17.02
C ILE L 208 3.14 -25.15 16.96
N ASP L 209 3.29 -23.90 16.49
CA ASP L 209 4.55 -23.18 16.50
C ASP L 209 4.24 -21.70 16.43
N LYS L 210 5.24 -20.87 16.71
CA LYS L 210 5.04 -19.43 16.68
C LYS L 210 4.98 -18.92 15.24
#